data_6TZG
#
_entry.id   6TZG
#
_cell.length_a   88.767
_cell.length_b   81.255
_cell.length_c   105.916
_cell.angle_alpha   90.000
_cell.angle_beta   112.930
_cell.angle_gamma   90.000
#
_symmetry.space_group_name_H-M   'P 1 21 1'
#
loop_
_entity.id
_entity.type
_entity.pdbx_description
1 polymer Beta-lactamase
2 non-polymer '[4-(3-aminocarbonylphenyl)-1,2,3-triazol-1-yl]methyl-phosphonooxy-borinic acid'
3 water water
#
_entity_poly.entity_id   1
_entity_poly.type   'polypeptide(L)'
_entity_poly.pdbx_seq_one_letter_code
;MDNTPKDQEIKKLVDQNFKPLLEKYDVPGMAVGVIQNNKKYEMYYGLQSVQDKKAVNSNTIFELGSVSKLFTATAGGYAK
NKGKISFDDTPGKYWKELKNTPIDQVNLLQLATYTSGNLALQFPDEVQTDQQVLTFFKDWKPKNPIGEYRQYSNPSIGLF
GKVVALSMNKPFDQVLEKTIFPALGLKHSYVNVPKTQMQNYAFGYNQENQPIRVNPGPLDAPAYGVKSTLPDMLSFIHAN
LNPQKYPTDIQRAINETHQGRYQVNTMYQALGWEEFSYPATLQTLLDSNSEQIVMKPNKVTAISKEPSVKMYHKTGSTSG
FGTYVVFIPKENIGLVMLTNKRIPNEERIKAAYVVLNAIKK
;
_entity_poly.pdbx_strand_id   A,B,C,D
#
# COMPACT_ATOMS: atom_id res chain seq x y z
N ASN A 3 -13.39 -21.34 -45.06
CA ASN A 3 -14.14 -22.36 -44.26
C ASN A 3 -15.28 -21.65 -43.49
N THR A 4 -14.97 -20.57 -42.78
CA THR A 4 -15.96 -19.65 -42.15
C THR A 4 -15.79 -18.26 -42.73
N PRO A 5 -16.87 -17.60 -43.22
CA PRO A 5 -16.75 -16.28 -43.83
C PRO A 5 -16.23 -15.23 -42.84
N LYS A 6 -15.44 -14.27 -43.35
CA LYS A 6 -14.73 -13.20 -42.60
C LYS A 6 -15.66 -12.51 -41.59
N ASP A 7 -16.84 -12.09 -42.04
CA ASP A 7 -17.87 -11.44 -41.20
C ASP A 7 -18.16 -12.30 -39.96
N GLN A 8 -18.26 -13.62 -40.10
CA GLN A 8 -18.58 -14.55 -38.96
C GLN A 8 -17.38 -14.69 -38.03
N GLU A 9 -16.15 -14.65 -38.56
CA GLU A 9 -14.90 -14.78 -37.75
C GLU A 9 -14.73 -13.55 -36.85
N ILE A 10 -14.97 -12.36 -37.41
CA ILE A 10 -14.95 -11.06 -36.66
C ILE A 10 -16.05 -11.10 -35.59
N LYS A 11 -17.27 -11.45 -35.97
CA LYS A 11 -18.43 -11.63 -35.03
C LYS A 11 -18.01 -12.54 -33.87
N LYS A 12 -17.37 -13.67 -34.15
CA LYS A 12 -16.98 -14.67 -33.12
C LYS A 12 -15.95 -14.04 -32.18
N LEU A 13 -14.97 -13.31 -32.71
CA LEU A 13 -13.91 -12.65 -31.90
C LEU A 13 -14.55 -11.58 -31.00
N VAL A 14 -15.49 -10.80 -31.52
CA VAL A 14 -16.20 -9.72 -30.75
C VAL A 14 -17.07 -10.38 -29.68
N ASP A 15 -17.74 -11.49 -30.01
CA ASP A 15 -18.57 -12.28 -29.05
C ASP A 15 -17.67 -12.80 -27.92
N GLN A 16 -16.47 -13.27 -28.24
CA GLN A 16 -15.54 -13.89 -27.25
C GLN A 16 -15.01 -12.82 -26.28
N ASN A 17 -14.81 -11.58 -26.75
CA ASN A 17 -14.00 -10.56 -26.04
C ASN A 17 -14.85 -9.38 -25.56
N PHE A 18 -15.89 -8.97 -26.30
CA PHE A 18 -16.73 -7.81 -25.91
C PHE A 18 -18.02 -8.29 -25.21
N LYS A 19 -18.70 -9.30 -25.74
CA LYS A 19 -20.04 -9.72 -25.26
C LYS A 19 -20.02 -10.02 -23.76
N PRO A 20 -19.01 -10.72 -23.19
CA PRO A 20 -19.01 -11.03 -21.76
C PRO A 20 -18.99 -9.82 -20.82
N LEU A 21 -18.57 -8.64 -21.33
CA LEU A 21 -18.49 -7.38 -20.55
C LEU A 21 -19.91 -6.90 -20.21
N LEU A 22 -20.92 -7.22 -21.04
CA LEU A 22 -22.33 -6.79 -20.81
C LEU A 22 -22.80 -7.39 -19.48
N GLU A 23 -22.66 -8.71 -19.31
CA GLU A 23 -23.05 -9.44 -18.07
C GLU A 23 -22.18 -8.98 -16.92
N LYS A 24 -20.86 -8.90 -17.13
CA LYS A 24 -19.86 -8.62 -16.05
C LYS A 24 -20.15 -7.25 -15.42
N TYR A 25 -20.48 -6.23 -16.22
CA TYR A 25 -20.64 -4.83 -15.74
C TYR A 25 -22.10 -4.39 -15.84
N ASP A 26 -23.03 -5.29 -16.16
CA ASP A 26 -24.49 -5.00 -16.25
C ASP A 26 -24.69 -3.81 -17.20
N VAL A 27 -24.17 -3.93 -18.42
CA VAL A 27 -24.26 -2.90 -19.49
C VAL A 27 -25.50 -3.18 -20.33
N PRO A 28 -26.48 -2.25 -20.39
CA PRO A 28 -27.69 -2.51 -21.18
C PRO A 28 -27.44 -2.71 -22.67
N GLY A 29 -26.60 -1.86 -23.28
CA GLY A 29 -26.41 -1.83 -24.75
C GLY A 29 -24.96 -1.58 -25.15
N MET A 30 -24.56 -2.13 -26.30
CA MET A 30 -23.18 -1.97 -26.83
C MET A 30 -23.22 -2.08 -28.36
N ALA A 31 -22.41 -1.25 -29.02
CA ALA A 31 -22.14 -1.32 -30.47
C ALA A 31 -20.62 -1.42 -30.65
N VAL A 32 -20.18 -2.47 -31.36
CA VAL A 32 -18.76 -2.72 -31.68
C VAL A 32 -18.64 -2.78 -33.21
N GLY A 33 -17.75 -1.95 -33.76
CA GLY A 33 -17.46 -1.90 -35.20
C GLY A 33 -16.01 -2.22 -35.44
N VAL A 34 -15.75 -2.96 -36.51
CA VAL A 34 -14.37 -3.19 -37.04
C VAL A 34 -14.37 -2.71 -38.49
N ILE A 35 -13.30 -2.04 -38.89
CA ILE A 35 -13.03 -1.73 -40.33
C ILE A 35 -11.68 -2.35 -40.69
N GLN A 36 -11.65 -3.14 -41.76
CA GLN A 36 -10.43 -3.81 -42.28
C GLN A 36 -10.46 -3.73 -43.81
N ASN A 37 -9.46 -3.08 -44.42
CA ASN A 37 -9.29 -3.01 -45.89
C ASN A 37 -10.55 -2.39 -46.49
N ASN A 38 -11.13 -1.38 -45.83
CA ASN A 38 -12.31 -0.61 -46.30
C ASN A 38 -13.59 -1.47 -46.26
N LYS A 39 -13.57 -2.62 -45.58
CA LYS A 39 -14.77 -3.43 -45.26
C LYS A 39 -15.18 -3.17 -43.81
N LYS A 40 -16.43 -2.78 -43.59
CA LYS A 40 -17.00 -2.41 -42.28
C LYS A 40 -17.81 -3.59 -41.74
N TYR A 41 -17.64 -3.91 -40.45
CA TYR A 41 -18.38 -4.95 -39.71
C TYR A 41 -19.02 -4.31 -38.46
N GLU A 42 -20.33 -4.43 -38.32
CA GLU A 42 -21.12 -3.80 -37.22
C GLU A 42 -21.76 -4.91 -36.38
N MET A 43 -21.51 -4.88 -35.06
CA MET A 43 -22.10 -5.83 -34.07
C MET A 43 -22.85 -5.02 -33.03
N TYR A 44 -24.13 -5.34 -32.83
CA TYR A 44 -25.03 -4.64 -31.88
C TYR A 44 -25.52 -5.65 -30.83
N TYR A 45 -25.54 -5.21 -29.57
CA TYR A 45 -25.97 -6.01 -28.40
C TYR A 45 -26.90 -5.19 -27.52
N GLY A 46 -27.96 -5.82 -27.01
CA GLY A 46 -28.80 -5.29 -25.93
C GLY A 46 -29.60 -4.07 -26.35
N LEU A 47 -29.82 -3.15 -25.41
CA LEU A 47 -30.90 -2.14 -25.47
C LEU A 47 -30.29 -0.74 -25.45
N GLN A 48 -30.79 0.12 -26.34
CA GLN A 48 -30.50 1.58 -26.34
C GLN A 48 -31.32 2.23 -25.20
N SER A 49 -32.52 1.71 -24.94
CA SER A 49 -33.41 2.15 -23.83
C SER A 49 -34.04 0.91 -23.18
N VAL A 50 -33.75 0.71 -21.90
CA VAL A 50 -34.31 -0.42 -21.10
C VAL A 50 -35.83 -0.22 -20.98
N GLN A 51 -36.26 0.99 -20.62
CA GLN A 51 -37.70 1.27 -20.32
C GLN A 51 -38.52 1.17 -21.60
N ASP A 52 -37.98 1.58 -22.76
CA ASP A 52 -38.70 1.58 -24.06
C ASP A 52 -38.49 0.26 -24.81
N LYS A 53 -37.65 -0.63 -24.28
CA LYS A 53 -37.37 -1.96 -24.88
C LYS A 53 -36.91 -1.76 -26.32
N LYS A 54 -36.08 -0.75 -26.57
CA LYS A 54 -35.54 -0.43 -27.93
C LYS A 54 -34.13 -1.03 -28.02
N ALA A 55 -33.92 -1.89 -29.02
CA ALA A 55 -32.64 -2.62 -29.24
C ALA A 55 -31.63 -1.65 -29.84
N VAL A 56 -30.36 -1.78 -29.45
CA VAL A 56 -29.23 -1.07 -30.10
C VAL A 56 -29.20 -1.52 -31.56
N ASN A 57 -29.07 -0.55 -32.47
CA ASN A 57 -29.03 -0.79 -33.93
C ASN A 57 -28.14 0.29 -34.57
N SER A 58 -28.01 0.24 -35.89
CA SER A 58 -27.15 1.14 -36.70
C SER A 58 -27.60 2.60 -36.58
N ASN A 59 -28.84 2.86 -36.15
CA ASN A 59 -29.39 4.24 -35.97
C ASN A 59 -29.13 4.75 -34.55
N THR A 60 -28.66 3.90 -33.62
CA THR A 60 -28.55 4.29 -32.19
C THR A 60 -27.47 5.37 -32.03
N ILE A 61 -27.84 6.48 -31.39
CA ILE A 61 -26.92 7.62 -31.11
C ILE A 61 -26.40 7.47 -29.68
N PHE A 62 -25.07 7.43 -29.54
CA PHE A 62 -24.34 7.34 -28.26
C PHE A 62 -23.60 8.66 -28.00
N GLU A 63 -23.42 9.00 -26.73
CA GLU A 63 -22.52 10.10 -26.30
C GLU A 63 -21.07 9.61 -26.40
N LEU A 64 -20.21 10.35 -27.09
CA LEU A 64 -18.79 9.97 -27.32
C LEU A 64 -17.91 10.41 -26.15
N GLY A 65 -18.39 11.33 -25.31
CA GLY A 65 -17.56 11.94 -24.26
C GLY A 65 -16.28 12.52 -24.85
N SER A 66 -15.13 12.22 -24.25
CA SER A 66 -13.81 12.80 -24.61
C SER A 66 -13.39 12.39 -26.03
N VAL A 67 -14.01 11.41 -26.67
CA VAL A 67 -13.75 11.12 -28.11
C VAL A 67 -14.19 12.32 -28.95
N SER A 68 -15.06 13.18 -28.42
CA SER A 68 -15.42 14.49 -29.02
C SER A 68 -14.16 15.32 -29.30
N LYS A 69 -13.13 15.20 -28.47
CA LYS A 69 -11.85 15.95 -28.59
C LYS A 69 -11.19 15.68 -29.95
N LEU A 70 -11.44 14.51 -30.54
CA LEU A 70 -10.86 14.13 -31.85
C LEU A 70 -11.44 15.01 -32.95
N PHE A 71 -12.72 15.38 -32.85
CA PHE A 71 -13.41 16.26 -33.83
C PHE A 71 -12.92 17.70 -33.65
N THR A 72 -12.74 18.12 -32.39
CA THR A 72 -12.17 19.45 -32.05
C THR A 72 -10.76 19.57 -32.66
N ALA A 73 -9.93 18.55 -32.47
CA ALA A 73 -8.57 18.45 -33.03
C ALA A 73 -8.62 18.55 -34.55
N THR A 74 -9.53 17.77 -35.17
CA THR A 74 -9.73 17.76 -36.65
C THR A 74 -10.12 19.17 -37.10
N ALA A 75 -11.04 19.84 -36.39
CA ALA A 75 -11.48 21.23 -36.69
C ALA A 75 -10.27 22.17 -36.61
N GLY A 76 -9.42 21.99 -35.60
CA GLY A 76 -8.16 22.76 -35.43
C GLY A 76 -7.21 22.56 -36.59
N GLY A 77 -7.01 21.30 -37.01
CA GLY A 77 -6.18 20.94 -38.16
C GLY A 77 -6.68 21.56 -39.44
N TYR A 78 -8.01 21.64 -39.62
CA TYR A 78 -8.69 22.19 -40.81
C TYR A 78 -8.43 23.71 -40.88
N ALA A 79 -8.65 24.41 -39.77
CA ALA A 79 -8.47 25.87 -39.64
C ALA A 79 -7.01 26.26 -39.89
N LYS A 80 -6.07 25.48 -39.36
CA LYS A 80 -4.60 25.75 -39.50
C LYS A 80 -4.21 25.62 -40.98
N ASN A 81 -4.64 24.56 -41.65
CA ASN A 81 -4.19 24.25 -43.03
C ASN A 81 -4.91 25.15 -44.04
N LYS A 82 -6.01 25.80 -43.64
CA LYS A 82 -6.68 26.88 -44.42
C LYS A 82 -6.08 28.26 -44.06
N GLY A 83 -5.14 28.30 -43.12
CA GLY A 83 -4.39 29.51 -42.73
C GLY A 83 -5.20 30.42 -41.81
N LYS A 84 -6.30 29.94 -41.24
CA LYS A 84 -7.21 30.74 -40.36
C LYS A 84 -6.54 30.91 -38.99
N ILE A 85 -5.69 29.96 -38.60
CA ILE A 85 -4.94 29.99 -37.31
C ILE A 85 -3.53 29.46 -37.55
N SER A 86 -2.62 29.80 -36.65
CA SER A 86 -1.32 29.13 -36.47
C SER A 86 -1.26 28.61 -35.03
N PHE A 87 -0.66 27.45 -34.81
CA PHE A 87 -0.55 26.80 -33.48
C PHE A 87 0.41 27.58 -32.57
N ASP A 88 1.17 28.54 -33.13
CA ASP A 88 2.05 29.44 -32.34
C ASP A 88 1.28 30.66 -31.86
N ASP A 89 0.06 30.89 -32.38
CA ASP A 89 -0.83 32.00 -31.96
C ASP A 89 -1.27 31.80 -30.52
N THR A 90 -1.69 32.87 -29.86
CA THR A 90 -2.26 32.86 -28.49
C THR A 90 -3.73 33.21 -28.60
N PRO A 91 -4.59 32.83 -27.63
CA PRO A 91 -6.03 32.96 -27.77
C PRO A 91 -6.53 34.40 -27.90
N GLY A 92 -5.79 35.37 -27.36
CA GLY A 92 -6.10 36.80 -27.39
C GLY A 92 -6.18 37.35 -28.80
N LYS A 93 -5.53 36.71 -29.76
CA LYS A 93 -5.52 37.11 -31.20
C LYS A 93 -6.93 36.98 -31.79
N TYR A 94 -7.76 36.07 -31.26
CA TYR A 94 -9.10 35.72 -31.79
C TYR A 94 -10.17 36.13 -30.79
N TRP A 95 -10.01 35.75 -29.52
CA TRP A 95 -10.89 36.21 -28.41
C TRP A 95 -10.29 37.49 -27.82
N LYS A 96 -10.66 38.65 -28.38
CA LYS A 96 -9.99 39.96 -28.16
C LYS A 96 -9.98 40.31 -26.66
N GLU A 97 -11.01 39.89 -25.92
CA GLU A 97 -11.18 40.21 -24.48
C GLU A 97 -10.11 39.50 -23.64
N LEU A 98 -9.36 38.55 -24.22
CA LEU A 98 -8.24 37.84 -23.55
C LEU A 98 -6.89 38.44 -23.95
N LYS A 99 -6.86 39.41 -24.87
CA LYS A 99 -5.60 40.05 -25.33
C LYS A 99 -4.90 40.71 -24.12
N ASN A 100 -3.61 40.45 -23.96
CA ASN A 100 -2.70 40.99 -22.91
C ASN A 100 -3.12 40.52 -21.50
N THR A 101 -3.80 39.38 -21.41
CA THR A 101 -4.09 38.67 -20.14
C THR A 101 -3.05 37.56 -19.99
N PRO A 102 -2.80 37.05 -18.77
CA PRO A 102 -1.85 35.95 -18.57
C PRO A 102 -2.09 34.71 -19.45
N ILE A 103 -3.37 34.34 -19.70
CA ILE A 103 -3.73 33.17 -20.55
C ILE A 103 -3.23 33.40 -21.99
N ASP A 104 -3.03 34.67 -22.39
CA ASP A 104 -2.56 35.06 -23.75
C ASP A 104 -1.07 34.77 -23.91
N GLN A 105 -0.42 34.20 -22.90
CA GLN A 105 1.01 33.74 -22.96
C GLN A 105 1.06 32.25 -23.32
N VAL A 106 -0.11 31.58 -23.40
CA VAL A 106 -0.24 30.15 -23.77
C VAL A 106 -0.63 30.09 -25.26
N ASN A 107 0.05 29.27 -26.05
CA ASN A 107 -0.23 29.16 -27.52
C ASN A 107 -1.33 28.10 -27.73
N LEU A 108 -1.87 28.04 -28.95
CA LEU A 108 -3.05 27.19 -29.26
C LEU A 108 -2.66 25.71 -29.15
N LEU A 109 -1.44 25.35 -29.56
CA LEU A 109 -0.95 23.95 -29.47
C LEU A 109 -0.90 23.52 -28.01
N GLN A 110 -0.45 24.40 -27.11
CA GLN A 110 -0.33 24.11 -25.67
C GLN A 110 -1.72 23.93 -25.07
N LEU A 111 -2.71 24.75 -25.47
CA LEU A 111 -4.12 24.59 -25.03
C LEU A 111 -4.66 23.25 -25.53
N ALA A 112 -4.46 22.93 -26.81
CA ALA A 112 -4.96 21.69 -27.46
C ALA A 112 -4.37 20.45 -26.79
N THR A 113 -3.12 20.52 -26.32
CA THR A 113 -2.35 19.36 -25.80
C THR A 113 -2.11 19.48 -24.28
N TYR A 114 -2.90 20.32 -23.60
CA TYR A 114 -3.11 20.33 -22.12
C TYR A 114 -1.84 20.75 -21.35
N THR A 115 -1.02 21.67 -21.86
CA THR A 115 0.26 22.06 -21.22
C THR A 115 0.27 23.56 -20.82
N SER A 116 -0.88 24.15 -20.53
CA SER A 116 -0.99 25.53 -19.97
C SER A 116 -0.25 25.62 -18.64
N GLY A 117 -0.20 24.52 -17.89
CA GLY A 117 0.47 24.41 -16.58
C GLY A 117 -0.44 24.77 -15.42
N ASN A 118 -1.71 25.12 -15.66
CA ASN A 118 -2.68 25.43 -14.58
C ASN A 118 -4.13 25.32 -15.08
N LEU A 119 -4.50 24.21 -15.69
CA LEU A 119 -5.93 23.92 -16.04
C LEU A 119 -6.24 22.47 -15.67
N ALA A 120 -7.28 22.30 -14.84
CA ALA A 120 -7.72 21.02 -14.27
C ALA A 120 -8.65 20.32 -15.26
N LEU A 121 -9.07 19.09 -14.93
CA LEU A 121 -9.98 18.27 -15.78
C LEU A 121 -11.24 19.07 -16.09
N GLN A 122 -11.88 19.67 -15.08
CA GLN A 122 -13.18 20.39 -15.24
C GLN A 122 -13.03 21.85 -14.82
N PHE A 123 -13.84 22.74 -15.40
CA PHE A 123 -14.14 24.07 -14.84
C PHE A 123 -14.74 23.89 -13.45
N PRO A 124 -14.65 24.89 -12.56
CA PRO A 124 -15.48 24.91 -11.35
C PRO A 124 -16.98 24.79 -11.70
N ASP A 125 -17.74 24.11 -10.86
CA ASP A 125 -19.21 23.84 -11.04
C ASP A 125 -19.93 25.17 -11.35
N GLU A 126 -19.52 26.27 -10.69
CA GLU A 126 -20.17 27.61 -10.78
C GLU A 126 -20.10 28.15 -12.20
N VAL A 127 -19.06 27.84 -12.97
CA VAL A 127 -18.86 28.36 -14.36
C VAL A 127 -19.85 27.67 -15.30
N GLN A 128 -20.81 28.42 -15.86
CA GLN A 128 -21.89 27.89 -16.73
C GLN A 128 -22.06 28.78 -17.97
N THR A 129 -22.26 30.09 -17.78
CA THR A 129 -22.59 31.06 -18.87
C THR A 129 -21.32 31.46 -19.61
N ASP A 130 -21.49 32.09 -20.78
CA ASP A 130 -20.38 32.58 -21.65
C ASP A 130 -19.58 33.64 -20.87
N GLN A 131 -20.25 34.52 -20.15
CA GLN A 131 -19.63 35.61 -19.34
C GLN A 131 -18.80 35.00 -18.21
N GLN A 132 -19.29 33.93 -17.58
CA GLN A 132 -18.59 33.23 -16.48
C GLN A 132 -17.34 32.50 -17.03
N VAL A 133 -17.42 32.00 -18.26
CA VAL A 133 -16.28 31.33 -18.96
C VAL A 133 -15.22 32.40 -19.27
N LEU A 134 -15.63 33.55 -19.81
CA LEU A 134 -14.71 34.67 -20.15
C LEU A 134 -14.01 35.14 -18.88
N THR A 135 -14.79 35.45 -17.84
CA THR A 135 -14.30 35.89 -16.51
C THR A 135 -13.23 34.90 -16.02
N PHE A 136 -13.50 33.59 -16.12
CA PHE A 136 -12.60 32.51 -15.65
C PHE A 136 -11.21 32.63 -16.31
N PHE A 137 -11.18 32.81 -17.63
CA PHE A 137 -9.93 32.89 -18.44
C PHE A 137 -9.24 34.25 -18.23
N LYS A 138 -10.00 35.33 -18.08
CA LYS A 138 -9.46 36.67 -17.77
C LYS A 138 -8.71 36.63 -16.43
N ASP A 139 -9.26 35.92 -15.44
CA ASP A 139 -8.75 35.87 -14.04
C ASP A 139 -7.66 34.80 -13.91
N TRP A 140 -7.46 33.97 -14.94
CA TRP A 140 -6.48 32.86 -14.94
C TRP A 140 -5.06 33.41 -14.76
N LYS A 141 -4.25 32.74 -13.93
CA LYS A 141 -2.81 33.05 -13.72
C LYS A 141 -2.02 31.75 -13.86
N PRO A 142 -0.76 31.81 -14.36
CA PRO A 142 0.05 30.61 -14.52
C PRO A 142 0.41 29.96 -13.19
N LYS A 143 0.88 28.72 -13.23
CA LYS A 143 1.40 27.98 -12.06
C LYS A 143 2.71 27.28 -12.48
N ASN A 144 2.62 26.13 -13.15
CA ASN A 144 3.79 25.40 -13.68
C ASN A 144 4.30 26.14 -14.91
N PRO A 145 5.61 26.02 -15.24
CA PRO A 145 6.15 26.58 -16.47
C PRO A 145 5.30 26.14 -17.68
N ILE A 146 4.89 27.12 -18.48
CA ILE A 146 4.01 26.90 -19.66
C ILE A 146 4.71 25.96 -20.63
N GLY A 147 4.01 24.91 -21.06
CA GLY A 147 4.45 23.96 -22.09
C GLY A 147 5.16 22.73 -21.52
N GLU A 148 5.45 22.72 -20.22
CA GLU A 148 6.33 21.68 -19.62
C GLU A 148 5.52 20.53 -19.00
N TYR A 149 4.29 20.79 -18.56
CA TYR A 149 3.50 19.82 -17.73
C TYR A 149 2.15 19.54 -18.38
N ARG A 150 1.87 18.26 -18.64
CA ARG A 150 0.57 17.80 -19.21
C ARG A 150 -0.42 17.53 -18.07
N GLN A 151 -1.53 18.26 -18.07
CA GLN A 151 -2.70 17.96 -17.21
C GLN A 151 -3.94 17.89 -18.07
N TYR A 152 -4.45 16.67 -18.27
CA TYR A 152 -5.65 16.39 -19.10
C TYR A 152 -6.78 17.32 -18.64
N SER A 153 -7.34 18.11 -19.56
CA SER A 153 -8.19 19.28 -19.20
C SER A 153 -9.24 19.58 -20.27
N ASN A 154 -10.51 19.61 -19.86
CA ASN A 154 -11.65 20.03 -20.70
C ASN A 154 -11.59 21.53 -20.98
N PRO A 155 -11.37 22.41 -19.98
CA PRO A 155 -11.23 23.84 -20.24
C PRO A 155 -10.12 24.16 -21.25
N SER A 156 -9.00 23.42 -21.18
CA SER A 156 -7.81 23.66 -22.04
C SER A 156 -8.19 23.46 -23.51
N ILE A 157 -8.67 22.26 -23.87
CA ILE A 157 -9.03 21.95 -25.29
C ILE A 157 -10.36 22.63 -25.64
N GLY A 158 -11.21 22.90 -24.65
CA GLY A 158 -12.43 23.72 -24.80
C GLY A 158 -12.10 25.12 -25.32
N LEU A 159 -11.11 25.78 -24.71
CA LEU A 159 -10.69 27.14 -25.15
C LEU A 159 -10.10 27.05 -26.55
N PHE A 160 -9.30 26.02 -26.83
CA PHE A 160 -8.75 25.76 -28.18
C PHE A 160 -9.91 25.69 -29.20
N GLY A 161 -10.93 24.89 -28.87
CA GLY A 161 -12.14 24.73 -29.70
C GLY A 161 -12.80 26.07 -29.98
N LYS A 162 -13.06 26.86 -28.93
CA LYS A 162 -13.74 28.18 -29.04
C LYS A 162 -12.93 29.09 -29.98
N VAL A 163 -11.60 29.11 -29.83
CA VAL A 163 -10.67 29.93 -30.65
C VAL A 163 -10.75 29.49 -32.11
N VAL A 164 -10.72 28.18 -32.36
CA VAL A 164 -10.84 27.62 -33.74
C VAL A 164 -12.16 28.13 -34.35
N ALA A 165 -13.25 28.10 -33.59
CA ALA A 165 -14.60 28.52 -34.02
C ALA A 165 -14.57 30.01 -34.38
N LEU A 166 -13.99 30.85 -33.52
CA LEU A 166 -13.84 32.32 -33.78
C LEU A 166 -13.07 32.54 -35.09
N SER A 167 -12.02 31.74 -35.33
CA SER A 167 -11.13 31.85 -36.52
C SER A 167 -11.91 31.55 -37.81
N MET A 168 -12.96 30.75 -37.72
CA MET A 168 -13.78 30.32 -38.89
C MET A 168 -15.11 31.10 -38.90
N ASN A 169 -15.26 32.07 -38.01
CA ASN A 169 -16.41 33.03 -37.97
C ASN A 169 -17.74 32.28 -37.85
N LYS A 170 -17.77 31.14 -37.14
CA LYS A 170 -19.00 30.37 -36.86
C LYS A 170 -18.96 29.86 -35.41
N PRO A 171 -20.11 29.68 -34.75
CA PRO A 171 -20.14 29.00 -33.46
C PRO A 171 -19.59 27.57 -33.63
N PHE A 172 -18.99 27.02 -32.58
CA PHE A 172 -18.31 25.69 -32.61
C PHE A 172 -19.29 24.61 -33.10
N ASP A 173 -20.55 24.66 -32.67
CA ASP A 173 -21.57 23.63 -33.05
C ASP A 173 -21.72 23.62 -34.58
N GLN A 174 -21.71 24.79 -35.21
CA GLN A 174 -21.85 24.96 -36.68
C GLN A 174 -20.57 24.53 -37.39
N VAL A 175 -19.40 24.78 -36.80
CA VAL A 175 -18.09 24.33 -37.36
C VAL A 175 -18.16 22.82 -37.58
N LEU A 176 -18.59 22.03 -36.59
CA LEU A 176 -18.71 20.56 -36.74
C LEU A 176 -19.89 20.21 -37.64
N GLU A 177 -21.08 20.74 -37.38
CA GLU A 177 -22.34 20.27 -38.03
C GLU A 177 -22.38 20.72 -39.50
N LYS A 178 -21.84 21.90 -39.83
CA LYS A 178 -21.93 22.47 -41.21
C LYS A 178 -20.67 22.21 -42.02
N THR A 179 -19.48 22.12 -41.39
CA THR A 179 -18.18 22.04 -42.12
C THR A 179 -17.51 20.67 -41.91
N ILE A 180 -17.18 20.30 -40.66
CA ILE A 180 -16.28 19.14 -40.38
C ILE A 180 -17.01 17.81 -40.59
N PHE A 181 -18.20 17.63 -40.03
CA PHE A 181 -18.96 16.35 -40.17
C PHE A 181 -19.24 16.06 -41.65
N PRO A 182 -19.79 17.03 -42.43
CA PRO A 182 -20.03 16.80 -43.86
C PRO A 182 -18.76 16.49 -44.66
N ALA A 183 -17.65 17.16 -44.36
CA ALA A 183 -16.34 16.94 -45.02
C ALA A 183 -15.85 15.50 -44.75
N LEU A 184 -16.18 14.93 -43.59
CA LEU A 184 -15.83 13.53 -43.21
C LEU A 184 -16.91 12.56 -43.70
N GLY A 185 -17.99 13.06 -44.30
CA GLY A 185 -19.13 12.25 -44.80
C GLY A 185 -19.96 11.62 -43.68
N LEU A 186 -20.06 12.28 -42.53
CA LEU A 186 -20.87 11.81 -41.37
C LEU A 186 -22.29 12.38 -41.48
N LYS A 187 -23.31 11.50 -41.39
CA LYS A 187 -24.73 11.82 -41.65
C LYS A 187 -25.53 11.93 -40.34
N HIS A 188 -25.09 11.24 -39.28
CA HIS A 188 -25.84 11.13 -37.98
C HIS A 188 -24.91 11.40 -36.80
N SER A 189 -24.11 12.47 -36.91
CA SER A 189 -23.21 12.98 -35.86
C SER A 189 -23.66 14.38 -35.50
N TYR A 190 -23.77 14.66 -34.20
CA TYR A 190 -24.44 15.86 -33.65
C TYR A 190 -23.65 16.40 -32.47
N VAL A 191 -23.63 17.73 -32.37
CA VAL A 191 -23.40 18.48 -31.11
C VAL A 191 -24.74 18.61 -30.40
N ASN A 192 -25.79 18.95 -31.15
CA ASN A 192 -27.20 19.07 -30.67
C ASN A 192 -28.05 18.07 -31.44
N VAL A 193 -28.53 17.02 -30.77
CA VAL A 193 -29.39 15.98 -31.40
C VAL A 193 -30.74 16.65 -31.66
N PRO A 194 -31.20 16.72 -32.93
CA PRO A 194 -32.46 17.39 -33.24
C PRO A 194 -33.67 16.56 -32.79
N LYS A 195 -34.82 17.22 -32.64
CA LYS A 195 -36.10 16.64 -32.14
C LYS A 195 -36.42 15.35 -32.91
N THR A 196 -36.16 15.32 -34.21
CA THR A 196 -36.47 14.22 -35.15
C THR A 196 -35.57 13.00 -34.91
N GLN A 197 -34.50 13.11 -34.12
CA GLN A 197 -33.54 12.00 -33.86
C GLN A 197 -33.54 11.59 -32.39
N MET A 198 -34.32 12.25 -31.53
CA MET A 198 -34.35 11.95 -30.07
C MET A 198 -34.79 10.49 -29.85
N GLN A 199 -35.62 9.93 -30.73
CA GLN A 199 -36.07 8.51 -30.70
C GLN A 199 -34.87 7.56 -30.87
N ASN A 200 -33.78 8.01 -31.48
CA ASN A 200 -32.57 7.17 -31.72
C ASN A 200 -31.48 7.43 -30.66
N TYR A 201 -31.65 8.45 -29.83
CA TYR A 201 -30.68 8.85 -28.77
C TYR A 201 -30.87 7.88 -27.60
N ALA A 202 -29.88 7.01 -27.40
CA ALA A 202 -29.83 6.05 -26.27
C ALA A 202 -29.93 6.83 -24.96
N PHE A 203 -30.53 6.23 -23.93
CA PHE A 203 -30.24 6.61 -22.52
C PHE A 203 -28.84 6.07 -22.18
N GLY A 204 -28.06 6.88 -21.48
CA GLY A 204 -26.93 6.41 -20.65
C GLY A 204 -27.47 5.82 -19.36
N TYR A 205 -26.69 4.96 -18.72
CA TYR A 205 -27.04 4.33 -17.42
C TYR A 205 -25.85 4.53 -16.49
N ASN A 206 -26.11 5.01 -15.28
CA ASN A 206 -25.09 5.32 -14.25
C ASN A 206 -24.76 4.02 -13.53
N GLN A 207 -23.97 4.07 -12.44
CA GLN A 207 -23.46 2.84 -11.80
C GLN A 207 -24.58 2.12 -11.04
N GLU A 208 -25.74 2.75 -10.85
CA GLU A 208 -26.97 2.12 -10.28
C GLU A 208 -27.96 1.76 -11.39
N ASN A 209 -27.52 1.78 -12.66
CA ASN A 209 -28.32 1.46 -13.88
C ASN A 209 -29.57 2.34 -13.93
N GLN A 210 -29.45 3.60 -13.51
CA GLN A 210 -30.51 4.62 -13.68
C GLN A 210 -30.23 5.38 -14.96
N PRO A 211 -31.29 5.63 -15.78
CA PRO A 211 -31.14 6.34 -17.05
C PRO A 211 -30.75 7.80 -16.82
N ILE A 212 -29.79 8.27 -17.61
CA ILE A 212 -29.23 9.65 -17.55
C ILE A 212 -28.68 10.01 -18.93
N ARG A 213 -28.60 11.31 -19.21
CA ARG A 213 -27.90 11.87 -20.40
C ARG A 213 -26.95 12.97 -19.89
N VAL A 214 -26.04 13.41 -20.76
CA VAL A 214 -25.00 14.41 -20.41
C VAL A 214 -25.69 15.71 -20.00
N ASN A 215 -25.17 16.38 -18.98
CA ASN A 215 -25.62 17.73 -18.56
C ASN A 215 -24.94 18.79 -19.43
N PRO A 216 -25.65 19.88 -19.79
CA PRO A 216 -25.02 21.01 -20.44
C PRO A 216 -23.89 21.53 -19.54
N GLY A 217 -22.82 22.05 -20.13
CA GLY A 217 -21.72 22.66 -19.37
C GLY A 217 -20.95 23.70 -20.18
N PRO A 218 -20.04 24.46 -19.52
CA PRO A 218 -19.23 25.45 -20.23
C PRO A 218 -18.24 24.79 -21.20
N LEU A 219 -18.29 25.23 -22.46
CA LEU A 219 -17.48 24.72 -23.60
C LEU A 219 -17.58 23.18 -23.61
N ASP A 220 -18.79 22.64 -23.42
CA ASP A 220 -19.05 21.19 -23.42
C ASP A 220 -18.77 20.60 -24.82
N ALA A 221 -19.27 21.25 -25.87
CA ALA A 221 -19.24 20.72 -27.26
C ALA A 221 -17.83 20.31 -27.64
N PRO A 222 -16.81 21.19 -27.57
CA PRO A 222 -15.46 20.81 -27.99
C PRO A 222 -14.76 19.78 -27.08
N ALA A 223 -15.19 19.66 -25.82
CA ALA A 223 -14.52 18.80 -24.80
C ALA A 223 -15.16 17.41 -24.73
N TYR A 224 -16.49 17.31 -24.75
CA TYR A 224 -17.17 16.01 -24.53
C TYR A 224 -18.60 15.98 -25.08
N GLY A 225 -18.95 16.85 -26.04
CA GLY A 225 -20.36 17.15 -26.37
C GLY A 225 -20.87 16.51 -27.66
N VAL A 226 -20.11 15.61 -28.28
CA VAL A 226 -20.49 15.04 -29.61
C VAL A 226 -21.22 13.71 -29.37
N LYS A 227 -22.27 13.47 -30.17
CA LYS A 227 -23.03 12.20 -30.19
C LYS A 227 -22.99 11.65 -31.62
N SER A 228 -22.87 10.33 -31.76
CA SER A 228 -22.70 9.66 -33.07
C SER A 228 -23.24 8.23 -33.01
N THR A 229 -23.33 7.60 -34.18
CA THR A 229 -23.77 6.21 -34.41
C THR A 229 -22.53 5.38 -34.72
N LEU A 230 -22.63 4.05 -34.66
CA LEU A 230 -21.49 3.17 -35.00
C LEU A 230 -21.08 3.35 -36.45
N PRO A 231 -22.01 3.41 -37.44
CA PRO A 231 -21.60 3.59 -38.84
C PRO A 231 -20.82 4.89 -39.06
N ASP A 232 -21.23 5.98 -38.41
CA ASP A 232 -20.53 7.28 -38.52
C ASP A 232 -19.12 7.16 -37.94
N MET A 233 -18.99 6.52 -36.78
CA MET A 233 -17.67 6.40 -36.11
C MET A 233 -16.76 5.49 -36.94
N LEU A 234 -17.30 4.50 -37.66
CA LEU A 234 -16.51 3.64 -38.59
C LEU A 234 -16.07 4.47 -39.81
N SER A 235 -16.93 5.35 -40.29
CA SER A 235 -16.60 6.31 -41.39
C SER A 235 -15.46 7.24 -40.90
N PHE A 236 -15.53 7.70 -39.66
CA PHE A 236 -14.49 8.58 -39.05
C PHE A 236 -13.16 7.81 -39.00
N ILE A 237 -13.18 6.55 -38.57
CA ILE A 237 -11.96 5.70 -38.53
C ILE A 237 -11.45 5.48 -39.96
N HIS A 238 -12.35 5.29 -40.94
CA HIS A 238 -11.99 5.13 -42.37
C HIS A 238 -11.19 6.37 -42.82
N ALA A 239 -11.69 7.57 -42.54
CA ALA A 239 -11.04 8.85 -42.90
C ALA A 239 -9.63 8.91 -42.30
N ASN A 240 -9.48 8.49 -41.04
CA ASN A 240 -8.18 8.47 -40.32
C ASN A 240 -7.24 7.43 -40.93
N LEU A 241 -7.76 6.32 -41.44
CA LEU A 241 -6.95 5.24 -42.07
C LEU A 241 -6.59 5.59 -43.52
N ASN A 242 -7.41 6.42 -44.18
CA ASN A 242 -7.26 6.75 -45.64
C ASN A 242 -7.44 8.24 -45.89
N PRO A 243 -6.65 9.12 -45.25
CA PRO A 243 -6.81 10.57 -45.45
C PRO A 243 -6.62 11.01 -46.92
N GLN A 244 -5.80 10.28 -47.69
CA GLN A 244 -5.49 10.59 -49.12
C GLN A 244 -6.73 10.52 -50.01
N LYS A 245 -7.80 9.82 -49.61
CA LYS A 245 -9.04 9.63 -50.41
C LYS A 245 -10.00 10.82 -50.21
N TYR A 246 -9.68 11.77 -49.33
CA TYR A 246 -10.56 12.92 -48.97
C TYR A 246 -10.01 14.19 -49.63
N PRO A 247 -10.85 15.24 -49.81
CA PRO A 247 -10.37 16.51 -50.36
C PRO A 247 -9.21 17.08 -49.52
N THR A 248 -8.31 17.83 -50.19
CA THR A 248 -7.04 18.38 -49.63
C THR A 248 -7.25 18.98 -48.23
N ASP A 249 -8.24 19.86 -48.04
CA ASP A 249 -8.45 20.62 -46.78
C ASP A 249 -8.61 19.65 -45.59
N ILE A 250 -9.50 18.66 -45.70
CA ILE A 250 -9.81 17.72 -44.58
C ILE A 250 -8.72 16.66 -44.49
N GLN A 251 -8.09 16.29 -45.62
CA GLN A 251 -6.92 15.37 -45.64
C GLN A 251 -5.79 15.91 -44.75
N ARG A 252 -5.45 17.19 -44.91
CA ARG A 252 -4.37 17.87 -44.14
C ARG A 252 -4.82 17.99 -42.67
N ALA A 253 -6.10 18.29 -42.44
CA ALA A 253 -6.73 18.35 -41.10
C ALA A 253 -6.49 17.04 -40.36
N ILE A 254 -6.81 15.92 -41.00
CA ILE A 254 -6.68 14.55 -40.41
C ILE A 254 -5.19 14.27 -40.14
N ASN A 255 -4.32 14.52 -41.11
CA ASN A 255 -2.85 14.27 -40.97
C ASN A 255 -2.30 15.12 -39.82
N GLU A 256 -2.78 16.35 -39.66
CA GLU A 256 -2.35 17.26 -38.56
C GLU A 256 -2.64 16.60 -37.21
N THR A 257 -3.76 15.88 -37.06
CA THR A 257 -4.18 15.27 -35.77
C THR A 257 -3.29 14.06 -35.47
N HIS A 258 -2.57 13.51 -36.45
CA HIS A 258 -1.72 12.30 -36.29
C HIS A 258 -0.30 12.66 -35.84
N GLN A 259 0.08 13.94 -35.83
CA GLN A 259 1.47 14.37 -35.56
C GLN A 259 1.70 14.45 -34.04
N GLY A 260 2.55 13.57 -33.51
CA GLY A 260 3.02 13.60 -32.11
C GLY A 260 3.69 14.93 -31.79
N ARG A 261 3.40 15.51 -30.63
CA ARG A 261 3.86 16.87 -30.23
C ARG A 261 4.86 16.76 -29.08
N TYR A 262 4.71 15.73 -28.24
CA TYR A 262 5.62 15.44 -27.11
C TYR A 262 5.36 14.02 -26.61
N GLN A 263 6.21 13.59 -25.68
CA GLN A 263 6.18 12.24 -25.07
C GLN A 263 5.83 12.37 -23.60
N VAL A 264 5.03 11.43 -23.10
CA VAL A 264 4.97 11.06 -21.67
C VAL A 264 5.26 9.56 -21.60
N ASN A 265 6.54 9.22 -21.40
CA ASN A 265 7.10 7.86 -21.54
C ASN A 265 6.80 7.34 -22.96
N THR A 266 5.98 6.29 -23.06
CA THR A 266 5.68 5.54 -24.31
C THR A 266 4.46 6.14 -25.00
N MET A 267 3.73 7.07 -24.35
CA MET A 267 2.57 7.75 -24.97
C MET A 267 3.04 9.04 -25.66
N TYR A 268 2.76 9.16 -26.95
CA TYR A 268 2.96 10.40 -27.74
C TYR A 268 1.62 11.14 -27.78
N GLN A 269 1.59 12.38 -27.31
CA GLN A 269 0.38 13.23 -27.39
C GLN A 269 0.34 13.84 -28.78
N ALA A 270 -0.62 13.40 -29.61
CA ALA A 270 -0.96 14.07 -30.87
C ALA A 270 -2.08 15.06 -30.60
N LEU A 271 -2.72 15.58 -31.63
CA LEU A 271 -3.88 16.50 -31.48
C LEU A 271 -5.11 15.63 -31.23
N GLY A 272 -5.60 15.62 -29.98
CA GLY A 272 -6.71 14.76 -29.53
C GLY A 272 -6.28 13.31 -29.38
N TRP A 273 -5.83 12.69 -30.46
CA TRP A 273 -5.33 11.28 -30.48
C TRP A 273 -4.15 11.12 -29.53
N GLU A 274 -4.10 9.97 -28.86
CA GLU A 274 -2.89 9.41 -28.23
C GLU A 274 -2.22 8.50 -29.25
N GLU A 275 -0.90 8.59 -29.38
CA GLU A 275 -0.09 7.91 -30.43
C GLU A 275 0.93 7.00 -29.74
N PHE A 276 1.20 5.85 -30.31
CA PHE A 276 2.13 4.82 -29.79
C PHE A 276 2.94 4.25 -30.94
N SER A 277 4.18 3.87 -30.65
CA SER A 277 5.03 3.06 -31.55
C SER A 277 4.34 1.72 -31.79
N TYR A 278 4.19 1.31 -33.05
CA TYR A 278 3.51 0.05 -33.45
C TYR A 278 4.57 -0.93 -33.95
N PRO A 279 4.58 -2.21 -33.49
CA PRO A 279 3.55 -2.74 -32.59
C PRO A 279 3.69 -2.22 -31.16
N ALA A 280 2.55 -2.03 -30.48
CA ALA A 280 2.49 -1.60 -29.06
C ALA A 280 2.10 -2.81 -28.21
N THR A 281 2.69 -2.95 -27.02
CA THR A 281 2.25 -3.95 -26.02
C THR A 281 0.92 -3.49 -25.41
N LEU A 282 0.12 -4.43 -24.95
CA LEU A 282 -1.14 -4.17 -24.21
C LEU A 282 -0.84 -3.21 -23.06
N GLN A 283 0.23 -3.45 -22.30
CA GLN A 283 0.55 -2.67 -21.08
C GLN A 283 0.85 -1.21 -21.47
N THR A 284 1.51 -0.97 -22.60
CA THR A 284 1.78 0.40 -23.11
C THR A 284 0.43 1.13 -23.29
N LEU A 285 -0.54 0.46 -23.90
CA LEU A 285 -1.87 1.06 -24.17
C LEU A 285 -2.62 1.27 -22.84
N LEU A 286 -2.53 0.33 -21.91
CA LEU A 286 -3.16 0.43 -20.56
C LEU A 286 -2.55 1.60 -19.77
N ASP A 287 -1.23 1.75 -19.81
CA ASP A 287 -0.47 2.79 -19.07
C ASP A 287 -0.93 4.20 -19.48
N SER A 288 -1.30 4.37 -20.76
CA SER A 288 -1.78 5.64 -21.34
C SER A 288 -3.00 6.18 -20.57
N ASN A 289 -3.78 5.31 -19.92
CA ASN A 289 -5.04 5.73 -19.23
C ASN A 289 -4.99 5.34 -17.75
N SER A 290 -3.78 5.20 -17.18
CA SER A 290 -3.55 5.10 -15.71
C SER A 290 -4.02 6.41 -15.04
N GLU A 291 -4.39 6.34 -13.76
CA GLU A 291 -4.82 7.51 -12.97
C GLU A 291 -3.72 8.59 -13.00
N GLN A 292 -2.44 8.17 -12.93
CA GLN A 292 -1.26 9.08 -12.92
C GLN A 292 -1.28 9.97 -14.17
N ILE A 293 -1.54 9.36 -15.34
CA ILE A 293 -1.52 10.08 -16.66
C ILE A 293 -2.79 10.92 -16.81
N VAL A 294 -3.96 10.38 -16.44
CA VAL A 294 -5.28 11.00 -16.72
C VAL A 294 -5.56 12.12 -15.72
N MET A 295 -5.26 11.93 -14.43
CA MET A 295 -5.79 12.79 -13.32
C MET A 295 -4.72 13.72 -12.75
N LYS A 296 -3.43 13.45 -12.96
CA LYS A 296 -2.33 14.22 -12.32
C LYS A 296 -1.52 14.96 -13.38
N PRO A 297 -0.77 16.02 -12.99
CA PRO A 297 0.15 16.68 -13.90
C PRO A 297 1.38 15.78 -14.13
N ASN A 298 1.92 15.78 -15.36
CA ASN A 298 3.11 14.99 -15.73
C ASN A 298 4.02 15.85 -16.58
N LYS A 299 5.29 15.95 -16.21
CA LYS A 299 6.34 16.64 -17.01
C LYS A 299 6.44 15.95 -18.37
N VAL A 300 6.38 16.71 -19.47
CA VAL A 300 6.51 16.17 -20.85
C VAL A 300 7.99 16.19 -21.23
N THR A 301 8.40 15.32 -22.16
CA THR A 301 9.75 15.32 -22.79
C THR A 301 9.55 15.51 -24.30
N ALA A 302 10.50 16.19 -24.94
CA ALA A 302 10.57 16.32 -26.40
C ALA A 302 10.65 14.91 -27.00
N ILE A 303 10.04 14.69 -28.16
CA ILE A 303 10.14 13.39 -28.89
C ILE A 303 11.60 13.22 -29.29
N SER A 304 12.24 12.14 -28.81
CA SER A 304 13.67 11.80 -28.97
C SER A 304 13.78 10.54 -29.82
N LYS A 305 12.71 9.75 -29.92
CA LYS A 305 12.59 8.61 -30.89
C LYS A 305 11.24 8.70 -31.62
N GLU A 306 11.26 9.12 -32.89
CA GLU A 306 10.06 9.16 -33.77
C GLU A 306 9.94 7.81 -34.46
N PRO A 307 8.96 6.97 -34.09
CA PRO A 307 8.76 5.69 -34.78
C PRO A 307 8.30 5.92 -36.23
N SER A 308 8.71 5.01 -37.12
CA SER A 308 8.25 4.91 -38.53
CA SER A 308 8.25 4.92 -38.53
C SER A 308 6.76 4.54 -38.57
N VAL A 309 6.37 3.56 -37.75
CA VAL A 309 4.98 2.99 -37.76
C VAL A 309 4.34 3.24 -36.38
N LYS A 310 3.13 3.83 -36.39
CA LYS A 310 2.37 4.22 -35.19
C LYS A 310 0.97 3.59 -35.19
N MET A 311 0.37 3.54 -34.00
CA MET A 311 -1.08 3.31 -33.83
C MET A 311 -1.63 4.40 -32.91
N TYR A 312 -2.95 4.58 -32.90
CA TYR A 312 -3.62 5.72 -32.22
C TYR A 312 -4.85 5.18 -31.51
N HIS A 313 -5.16 5.74 -30.34
CA HIS A 313 -6.44 5.44 -29.66
C HIS A 313 -6.90 6.65 -28.85
N LYS A 314 -8.14 6.56 -28.37
CA LYS A 314 -8.75 7.56 -27.47
C LYS A 314 -9.91 6.89 -26.74
N THR A 315 -9.95 7.05 -25.42
CA THR A 315 -11.10 6.67 -24.58
C THR A 315 -12.01 7.90 -24.44
N GLY A 316 -13.27 7.65 -24.11
CA GLY A 316 -14.26 8.71 -23.84
C GLY A 316 -15.28 8.20 -22.87
N SER A 317 -15.67 9.04 -21.91
CA SER A 317 -16.72 8.73 -20.92
C SER A 317 -17.57 9.97 -20.68
N THR A 318 -18.89 9.77 -20.56
CA THR A 318 -19.83 10.68 -19.84
C THR A 318 -20.35 9.90 -18.64
N SER A 319 -21.26 10.46 -17.86
CA SER A 319 -21.82 9.79 -16.66
C SER A 319 -22.43 8.44 -17.07
N GLY A 320 -23.02 8.35 -18.28
CA GLY A 320 -23.81 7.20 -18.70
C GLY A 320 -23.27 6.45 -19.91
N PHE A 321 -22.14 6.86 -20.49
CA PHE A 321 -21.62 6.28 -21.75
C PHE A 321 -20.11 6.07 -21.70
N GLY A 322 -19.67 4.97 -22.32
CA GLY A 322 -18.25 4.63 -22.55
C GLY A 322 -17.96 4.54 -24.03
N THR A 323 -16.82 5.05 -24.45
CA THR A 323 -16.35 5.02 -25.86
C THR A 323 -14.88 4.59 -25.90
N TYR A 324 -14.50 3.89 -26.96
CA TYR A 324 -13.09 3.59 -27.28
C TYR A 324 -12.97 3.47 -28.80
N VAL A 325 -12.00 4.20 -29.36
CA VAL A 325 -11.65 4.15 -30.81
C VAL A 325 -10.14 3.91 -30.91
N VAL A 326 -9.74 3.04 -31.83
CA VAL A 326 -8.32 2.66 -32.05
C VAL A 326 -8.15 2.37 -33.54
N PHE A 327 -7.03 2.78 -34.13
CA PHE A 327 -6.72 2.41 -35.53
C PHE A 327 -5.21 2.24 -35.69
N ILE A 328 -4.84 1.43 -36.68
CA ILE A 328 -3.46 0.96 -36.98
C ILE A 328 -3.25 1.09 -38.48
N PRO A 329 -2.72 2.23 -38.97
CA PRO A 329 -2.57 2.48 -40.41
C PRO A 329 -1.88 1.32 -41.16
N LYS A 330 -0.81 0.77 -40.60
CA LYS A 330 0.04 -0.31 -41.19
C LYS A 330 -0.84 -1.51 -41.57
N GLU A 331 -1.80 -1.88 -40.71
CA GLU A 331 -2.64 -3.09 -40.85
C GLU A 331 -3.98 -2.70 -41.50
N ASN A 332 -4.18 -1.40 -41.76
CA ASN A 332 -5.40 -0.84 -42.40
C ASN A 332 -6.63 -1.31 -41.62
N ILE A 333 -6.59 -1.24 -40.29
CA ILE A 333 -7.66 -1.78 -39.42
C ILE A 333 -7.94 -0.79 -38.28
N GLY A 334 -9.18 -0.79 -37.80
CA GLY A 334 -9.58 0.00 -36.63
C GLY A 334 -10.81 -0.57 -35.98
N LEU A 335 -11.12 -0.11 -34.78
CA LEU A 335 -12.25 -0.63 -33.97
C LEU A 335 -12.90 0.54 -33.24
N VAL A 336 -14.22 0.49 -33.14
CA VAL A 336 -15.04 1.43 -32.33
C VAL A 336 -15.87 0.60 -31.35
N MET A 337 -15.83 0.97 -30.07
CA MET A 337 -16.74 0.43 -29.02
C MET A 337 -17.57 1.59 -28.44
N LEU A 338 -18.90 1.45 -28.45
CA LEU A 338 -19.86 2.39 -27.83
C LEU A 338 -20.73 1.59 -26.84
N THR A 339 -20.79 2.05 -25.59
CA THR A 339 -21.65 1.47 -24.53
C THR A 339 -22.50 2.57 -23.92
N ASN A 340 -23.70 2.22 -23.46
CA ASN A 340 -24.58 3.18 -22.72
C ASN A 340 -24.49 2.85 -21.24
N LYS A 341 -23.32 2.37 -20.80
CA LYS A 341 -22.85 2.38 -19.40
C LYS A 341 -21.32 2.38 -19.41
N ARG A 342 -20.70 3.19 -18.55
CA ARG A 342 -19.23 3.22 -18.38
C ARG A 342 -18.77 1.84 -17.92
N ILE A 343 -17.72 1.32 -18.54
CA ILE A 343 -16.96 0.14 -18.04
C ILE A 343 -15.50 0.58 -17.92
N PRO A 344 -14.68 -0.07 -17.07
CA PRO A 344 -13.31 0.38 -16.89
C PRO A 344 -12.57 0.49 -18.24
N ASN A 345 -11.81 1.57 -18.42
CA ASN A 345 -10.98 1.82 -19.63
C ASN A 345 -10.14 0.58 -19.94
N GLU A 346 -9.53 -0.04 -18.92
CA GLU A 346 -8.63 -1.22 -19.11
C GLU A 346 -9.38 -2.32 -19.88
N GLU A 347 -10.67 -2.53 -19.61
CA GLU A 347 -11.49 -3.63 -20.23
C GLU A 347 -11.74 -3.31 -21.70
N ARG A 348 -11.96 -2.03 -22.03
CA ARG A 348 -12.18 -1.55 -23.41
C ARG A 348 -10.90 -1.79 -24.23
N ILE A 349 -9.76 -1.38 -23.69
CA ILE A 349 -8.44 -1.43 -24.36
C ILE A 349 -8.06 -2.90 -24.58
N LYS A 350 -8.20 -3.72 -23.54
CA LYS A 350 -7.84 -5.17 -23.58
C LYS A 350 -8.69 -5.88 -24.63
N ALA A 351 -10.01 -5.71 -24.61
CA ALA A 351 -10.95 -6.39 -25.55
C ALA A 351 -10.55 -6.05 -26.99
N ALA A 352 -10.35 -4.76 -27.28
CA ALA A 352 -9.97 -4.26 -28.62
C ALA A 352 -8.63 -4.85 -29.04
N TYR A 353 -7.65 -4.89 -28.12
CA TYR A 353 -6.29 -5.41 -28.36
C TYR A 353 -6.35 -6.87 -28.83
N VAL A 354 -7.07 -7.71 -28.09
CA VAL A 354 -7.20 -9.17 -28.40
C VAL A 354 -7.85 -9.32 -29.79
N VAL A 355 -8.94 -8.59 -30.05
CA VAL A 355 -9.71 -8.73 -31.33
C VAL A 355 -8.83 -8.28 -32.50
N LEU A 356 -8.20 -7.11 -32.43
CA LEU A 356 -7.42 -6.56 -33.57
C LEU A 356 -6.17 -7.41 -33.80
N ASN A 357 -5.61 -8.04 -32.75
CA ASN A 357 -4.41 -8.90 -32.88
C ASN A 357 -4.79 -10.30 -33.38
N ALA A 358 -6.04 -10.73 -33.17
CA ALA A 358 -6.51 -12.09 -33.55
C ALA A 358 -6.95 -12.12 -35.02
N ILE A 359 -7.39 -10.98 -35.58
CA ILE A 359 -8.02 -10.96 -36.94
C ILE A 359 -6.93 -11.28 -37.98
N LYS A 360 -7.28 -12.04 -39.01
CA LYS A 360 -6.32 -12.56 -40.04
C LYS A 360 -6.19 -11.52 -41.16
N PRO B 5 34.67 6.43 45.33
CA PRO B 5 33.95 6.36 44.03
C PRO B 5 33.19 5.03 43.89
N LYS B 6 33.41 4.26 42.81
CA LYS B 6 32.68 3.01 42.44
C LYS B 6 31.44 3.43 41.64
N ASP B 7 30.49 4.12 42.28
CA ASP B 7 29.33 4.78 41.63
C ASP B 7 29.78 5.56 40.39
N GLN B 8 30.82 6.39 40.55
CA GLN B 8 31.33 7.29 39.48
C GLN B 8 32.06 6.49 38.40
N GLU B 9 32.74 5.39 38.75
CA GLU B 9 33.49 4.52 37.79
C GLU B 9 32.50 3.81 36.86
N ILE B 10 31.42 3.26 37.43
CA ILE B 10 30.31 2.60 36.68
C ILE B 10 29.69 3.64 35.75
N LYS B 11 29.31 4.81 36.30
CA LYS B 11 28.75 5.95 35.53
C LYS B 11 29.64 6.25 34.32
N LYS B 12 30.95 6.36 34.53
CA LYS B 12 31.92 6.73 33.46
C LYS B 12 31.93 5.64 32.38
N LEU B 13 31.93 4.36 32.77
CA LEU B 13 31.95 3.22 31.81
C LEU B 13 30.65 3.22 30.98
N VAL B 14 29.52 3.47 31.62
CA VAL B 14 28.19 3.48 30.94
C VAL B 14 28.12 4.70 30.02
N ASP B 15 28.67 5.86 30.45
CA ASP B 15 28.75 7.09 29.62
C ASP B 15 29.60 6.80 28.38
N GLN B 16 30.70 6.07 28.53
CA GLN B 16 31.66 5.78 27.42
C GLN B 16 31.01 4.85 26.38
N ASN B 17 30.16 3.91 26.80
CA ASN B 17 29.74 2.75 25.98
C ASN B 17 28.26 2.84 25.58
N PHE B 18 27.38 3.36 26.44
CA PHE B 18 25.92 3.43 26.18
C PHE B 18 25.52 4.81 25.66
N LYS B 19 25.99 5.89 26.28
CA LYS B 19 25.54 7.28 26.00
C LYS B 19 25.66 7.60 24.50
N PRO B 20 26.77 7.26 23.80
CA PRO B 20 26.91 7.61 22.39
C PRO B 20 25.84 7.03 21.45
N LEU B 21 25.17 5.94 21.88
CA LEU B 21 24.13 5.24 21.07
C LEU B 21 22.89 6.15 20.91
N LEU B 22 22.64 7.04 21.87
CA LEU B 22 21.47 7.98 21.80
C LEU B 22 21.60 8.85 20.55
N GLU B 23 22.75 9.51 20.37
CA GLU B 23 23.00 10.40 19.21
C GLU B 23 23.08 9.56 17.93
N LYS B 24 23.76 8.41 17.98
CA LYS B 24 24.02 7.55 16.79
C LYS B 24 22.69 7.08 16.17
N TYR B 25 21.71 6.69 17.00
CA TYR B 25 20.42 6.10 16.53
C TYR B 25 19.24 7.04 16.77
N ASP B 26 19.51 8.26 17.25
CA ASP B 26 18.48 9.31 17.51
C ASP B 26 17.44 8.71 18.48
N VAL B 27 17.92 8.17 19.60
CA VAL B 27 17.09 7.53 20.66
C VAL B 27 16.72 8.61 21.67
N PRO B 28 15.42 8.91 21.90
CA PRO B 28 15.05 9.95 22.86
C PRO B 28 15.52 9.68 24.29
N GLY B 29 15.35 8.45 24.78
CA GLY B 29 15.57 8.09 26.21
C GLY B 29 16.20 6.72 26.40
N MET B 30 16.95 6.55 27.49
CA MET B 30 17.62 5.27 27.83
C MET B 30 17.82 5.19 29.34
N ALA B 31 17.63 4.01 29.92
CA ALA B 31 17.98 3.68 31.32
C ALA B 31 18.92 2.46 31.31
N VAL B 32 20.07 2.58 31.96
CA VAL B 32 21.07 1.48 32.10
C VAL B 32 21.31 1.25 33.59
N GLY B 33 21.16 0.00 34.03
CA GLY B 33 21.36 -0.44 35.42
C GLY B 33 22.42 -1.51 35.50
N VAL B 34 23.25 -1.45 36.54
CA VAL B 34 24.26 -2.48 36.87
C VAL B 34 24.00 -2.91 38.32
N ILE B 35 24.08 -4.21 38.60
CA ILE B 35 24.03 -4.72 40.00
C ILE B 35 25.32 -5.54 40.22
N GLN B 36 25.99 -5.27 41.35
CA GLN B 36 27.14 -6.04 41.87
C GLN B 36 26.92 -6.30 43.37
N ASN B 37 26.80 -7.57 43.77
CA ASN B 37 26.30 -7.97 45.11
C ASN B 37 24.93 -7.30 45.36
N ASN B 38 24.77 -6.62 46.49
CA ASN B 38 23.51 -5.92 46.84
C ASN B 38 23.55 -4.49 46.29
N LYS B 39 24.57 -4.09 45.50
CA LYS B 39 24.77 -2.67 45.13
C LYS B 39 24.22 -2.44 43.72
N LYS B 40 23.16 -1.62 43.63
CA LYS B 40 22.47 -1.26 42.37
C LYS B 40 22.97 0.12 41.92
N TYR B 41 23.27 0.26 40.64
CA TYR B 41 23.72 1.52 40.01
C TYR B 41 22.80 1.83 38.83
N GLU B 42 22.16 3.00 38.85
CA GLU B 42 21.12 3.41 37.87
C GLU B 42 21.60 4.65 37.11
N MET B 43 21.63 4.59 35.79
CA MET B 43 22.03 5.72 34.89
C MET B 43 20.89 6.02 33.92
N TYR B 44 20.43 7.27 33.88
CA TYR B 44 19.27 7.72 33.08
C TYR B 44 19.71 8.81 32.10
N TYR B 45 19.25 8.72 30.85
CA TYR B 45 19.59 9.64 29.74
C TYR B 45 18.32 10.05 28.98
N GLY B 46 18.23 11.32 28.62
CA GLY B 46 17.24 11.86 27.67
C GLY B 46 15.82 11.78 28.21
N LEU B 47 14.86 11.56 27.32
CA LEU B 47 13.43 11.84 27.54
C LEU B 47 12.60 10.56 27.45
N GLN B 48 11.71 10.38 28.42
CA GLN B 48 10.67 9.32 28.45
C GLN B 48 9.56 9.70 27.45
N SER B 49 9.28 11.00 27.34
CA SER B 49 8.25 11.56 26.42
C SER B 49 8.77 12.86 25.82
N VAL B 50 8.94 12.90 24.50
CA VAL B 50 9.42 14.11 23.76
C VAL B 50 8.31 15.17 23.86
N GLN B 51 7.06 14.78 23.63
CA GLN B 51 5.88 15.69 23.61
C GLN B 51 5.70 16.36 24.98
N ASP B 52 5.85 15.58 26.06
CA ASP B 52 5.56 16.05 27.45
C ASP B 52 6.85 16.57 28.11
N LYS B 53 8.00 16.51 27.41
CA LYS B 53 9.30 17.02 27.91
C LYS B 53 9.62 16.39 29.27
N LYS B 54 9.36 15.09 29.41
CA LYS B 54 9.61 14.33 30.66
C LYS B 54 10.94 13.58 30.51
N ALA B 55 11.88 13.80 31.44
CA ALA B 55 13.19 13.12 31.49
C ALA B 55 12.99 11.69 31.99
N VAL B 56 13.77 10.76 31.42
CA VAL B 56 13.87 9.37 31.93
C VAL B 56 14.38 9.44 33.38
N ASN B 57 13.75 8.68 34.28
CA ASN B 57 14.07 8.63 35.72
C ASN B 57 13.72 7.23 36.25
N SER B 58 13.93 7.01 37.55
CA SER B 58 13.72 5.70 38.22
C SER B 58 12.27 5.25 38.17
N ASN B 59 11.32 6.16 37.91
CA ASN B 59 9.88 5.83 37.81
C ASN B 59 9.50 5.48 36.37
N THR B 60 10.38 5.69 35.38
CA THR B 60 10.02 5.53 33.95
C THR B 60 9.71 4.05 33.67
N ILE B 61 8.53 3.80 33.09
CA ILE B 61 8.08 2.43 32.69
C ILE B 61 8.37 2.24 31.20
N PHE B 62 9.12 1.19 30.87
CA PHE B 62 9.50 0.79 29.48
C PHE B 62 8.81 -0.53 29.13
N GLU B 63 8.53 -0.71 27.85
CA GLU B 63 8.08 -2.01 27.29
C GLU B 63 9.27 -2.94 27.18
N LEU B 64 9.18 -4.14 27.76
CA LEU B 64 10.29 -5.13 27.81
C LEU B 64 10.32 -5.95 26.52
N GLY B 65 9.22 -5.99 25.75
CA GLY B 65 9.10 -6.89 24.59
C GLY B 65 9.37 -8.32 25.02
N SER B 66 10.22 -9.05 24.28
CA SER B 66 10.46 -10.50 24.48
C SER B 66 11.12 -10.79 25.84
N VAL B 67 11.64 -9.78 26.53
CA VAL B 67 12.13 -10.00 27.94
C VAL B 67 10.93 -10.39 28.82
N SER B 68 9.71 -10.08 28.40
CA SER B 68 8.45 -10.56 29.04
C SER B 68 8.46 -12.09 29.17
N LYS B 69 9.07 -12.79 28.20
CA LYS B 69 9.11 -14.28 28.16
C LYS B 69 9.78 -14.83 29.43
N LEU B 70 10.69 -14.05 30.04
CA LEU B 70 11.41 -14.48 31.27
C LEU B 70 10.41 -14.59 32.44
N PHE B 71 9.41 -13.72 32.49
CA PHE B 71 8.36 -13.73 33.55
C PHE B 71 7.39 -14.89 33.27
N THR B 72 7.06 -15.13 32.01
CA THR B 72 6.21 -16.28 31.58
C THR B 72 6.89 -17.58 32.01
N ALA B 73 8.19 -17.71 31.73
CA ALA B 73 9.04 -18.86 32.12
C ALA B 73 9.01 -19.02 33.65
N THR B 74 9.21 -17.92 34.39
CA THR B 74 9.18 -17.90 35.88
C THR B 74 7.81 -18.38 36.36
N ALA B 75 6.72 -17.90 35.76
CA ALA B 75 5.34 -18.30 36.09
C ALA B 75 5.17 -19.81 35.86
N GLY B 76 5.72 -20.32 34.75
CA GLY B 76 5.72 -21.76 34.43
C GLY B 76 6.50 -22.57 35.47
N GLY B 77 7.68 -22.11 35.87
CA GLY B 77 8.51 -22.72 36.92
C GLY B 77 7.79 -22.77 38.25
N TYR B 78 7.02 -21.73 38.57
CA TYR B 78 6.25 -21.59 39.84
C TYR B 78 5.12 -22.63 39.85
N ALA B 79 4.35 -22.70 38.77
CA ALA B 79 3.19 -23.60 38.61
C ALA B 79 3.65 -25.07 38.68
N LYS B 80 4.79 -25.39 38.04
CA LYS B 80 5.34 -26.77 38.03
C LYS B 80 5.74 -27.19 39.44
N ASN B 81 6.45 -26.33 40.17
CA ASN B 81 7.03 -26.68 41.49
C ASN B 81 5.94 -26.67 42.57
N LYS B 82 4.79 -26.04 42.29
CA LYS B 82 3.57 -26.11 43.16
C LYS B 82 2.70 -27.29 42.73
N GLY B 83 3.08 -28.02 41.66
CA GLY B 83 2.41 -29.24 41.20
C GLY B 83 1.14 -28.95 40.42
N LYS B 84 0.93 -27.70 39.98
CA LYS B 84 -0.27 -27.27 39.22
C LYS B 84 -0.17 -27.82 37.79
N ILE B 85 1.06 -27.98 37.30
CA ILE B 85 1.39 -28.40 35.89
C ILE B 85 2.58 -29.36 35.97
N SER B 86 2.72 -30.21 34.96
CA SER B 86 3.96 -30.96 34.64
C SER B 86 4.38 -30.58 33.22
N PHE B 87 5.69 -30.48 32.96
CA PHE B 87 6.26 -30.09 31.65
C PHE B 87 6.02 -31.19 30.61
N ASP B 88 5.63 -32.39 31.05
CA ASP B 88 5.30 -33.54 30.17
C ASP B 88 3.83 -33.48 29.75
N ASP B 89 3.02 -32.62 30.40
CA ASP B 89 1.57 -32.44 30.08
C ASP B 89 1.43 -31.82 28.69
N THR B 90 0.24 -31.97 28.10
CA THR B 90 -0.14 -31.36 26.81
C THR B 90 -1.21 -30.32 27.09
N PRO B 91 -1.39 -29.30 26.21
CA PRO B 91 -2.27 -28.17 26.51
C PRO B 91 -3.76 -28.54 26.68
N GLY B 92 -4.21 -29.62 26.04
CA GLY B 92 -5.60 -30.11 26.10
C GLY B 92 -6.03 -30.49 27.52
N LYS B 93 -5.07 -30.82 28.38
CA LYS B 93 -5.31 -31.19 29.79
C LYS B 93 -5.90 -30.01 30.57
N TYR B 94 -5.61 -28.77 30.15
CA TYR B 94 -6.00 -27.52 30.85
C TYR B 94 -6.98 -26.72 29.98
N TRP B 95 -6.65 -26.52 28.70
CA TRP B 95 -7.57 -25.90 27.71
C TRP B 95 -8.37 -27.02 27.04
N LYS B 96 -9.51 -27.37 27.63
CA LYS B 96 -10.30 -28.61 27.32
C LYS B 96 -10.69 -28.61 25.84
N GLU B 97 -10.91 -27.43 25.24
CA GLU B 97 -11.36 -27.29 23.83
C GLU B 97 -10.25 -27.74 22.87
N LEU B 98 -9.03 -27.95 23.35
CA LEU B 98 -7.88 -28.46 22.54
C LEU B 98 -7.66 -29.96 22.78
N LYS B 99 -8.40 -30.59 23.70
CA LYS B 99 -8.27 -32.03 24.01
C LYS B 99 -8.51 -32.84 22.71
N ASN B 100 -7.61 -33.79 22.43
CA ASN B 100 -7.68 -34.74 21.28
C ASN B 100 -7.54 -33.99 19.94
N THR B 101 -6.90 -32.81 19.95
CA THR B 101 -6.52 -32.07 18.72
C THR B 101 -5.03 -32.35 18.46
N PRO B 102 -4.53 -32.19 17.21
CA PRO B 102 -3.11 -32.39 16.92
C PRO B 102 -2.15 -31.61 17.84
N ILE B 103 -2.49 -30.37 18.22
CA ILE B 103 -1.65 -29.51 19.12
C ILE B 103 -1.49 -30.21 20.48
N ASP B 104 -2.44 -31.08 20.86
CA ASP B 104 -2.46 -31.80 22.15
C ASP B 104 -1.42 -32.93 22.15
N GLN B 105 -0.62 -33.06 21.07
CA GLN B 105 0.53 -34.02 20.99
C GLN B 105 1.84 -33.31 21.36
N VAL B 106 1.79 -32.00 21.59
CA VAL B 106 2.98 -31.16 21.96
C VAL B 106 2.94 -30.94 23.48
N ASN B 107 4.06 -31.15 24.17
CA ASN B 107 4.09 -30.99 25.65
C ASN B 107 4.42 -29.53 25.98
N LEU B 108 4.24 -29.14 27.26
CA LEU B 108 4.34 -27.74 27.72
C LEU B 108 5.78 -27.25 27.60
N LEU B 109 6.77 -28.12 27.86
CA LEU B 109 8.21 -27.76 27.75
C LEU B 109 8.53 -27.42 26.29
N GLN B 110 7.98 -28.17 25.34
CA GLN B 110 8.22 -27.97 23.88
C GLN B 110 7.59 -26.64 23.44
N LEU B 111 6.39 -26.31 23.95
CA LEU B 111 5.73 -25.00 23.68
C LEU B 111 6.61 -23.87 24.25
N ALA B 112 7.06 -24.00 25.50
CA ALA B 112 7.86 -23.00 26.23
C ALA B 112 9.18 -22.75 25.52
N THR B 113 9.78 -23.77 24.89
CA THR B 113 11.15 -23.73 24.31
C THR B 113 11.10 -23.83 22.77
N TYR B 114 9.93 -23.57 22.18
CA TYR B 114 9.75 -23.24 20.73
C TYR B 114 10.02 -24.44 19.80
N THR B 115 9.71 -25.67 20.21
CA THR B 115 10.03 -26.89 19.41
C THR B 115 8.77 -27.67 19.00
N SER B 116 7.62 -27.00 18.86
CA SER B 116 6.36 -27.59 18.34
C SER B 116 6.58 -28.13 16.91
N GLY B 117 7.49 -27.50 16.16
CA GLY B 117 7.86 -27.86 14.79
C GLY B 117 7.01 -27.16 13.74
N ASN B 118 6.04 -26.33 14.12
CA ASN B 118 5.18 -25.60 13.16
C ASN B 118 4.52 -24.38 13.82
N LEU B 119 5.31 -23.52 14.46
CA LEU B 119 4.83 -22.21 14.97
C LEU B 119 5.89 -21.15 14.67
N ALA B 120 5.48 -20.08 13.96
CA ALA B 120 6.35 -18.99 13.47
C ALA B 120 6.48 -17.92 14.57
N LEU B 121 7.26 -16.87 14.30
CA LEU B 121 7.50 -15.76 15.26
C LEU B 121 6.15 -15.15 15.70
N GLN B 122 5.26 -14.86 14.75
CA GLN B 122 3.94 -14.20 15.03
C GLN B 122 2.80 -15.10 14.57
N PHE B 123 1.63 -14.95 15.20
CA PHE B 123 0.33 -15.43 14.68
C PHE B 123 0.12 -14.83 13.28
N PRO B 124 -0.71 -15.48 12.43
CA PRO B 124 -1.18 -14.83 11.21
C PRO B 124 -1.92 -13.52 11.56
N ASP B 125 -1.80 -12.51 10.70
CA ASP B 125 -2.38 -11.16 10.90
C ASP B 125 -3.87 -11.28 11.24
N GLU B 126 -4.57 -12.22 10.61
CA GLU B 126 -6.05 -12.43 10.74
C GLU B 126 -6.42 -12.79 12.19
N VAL B 127 -5.56 -13.51 12.91
CA VAL B 127 -5.85 -13.98 14.31
C VAL B 127 -5.74 -12.79 15.26
N GLN B 128 -6.84 -12.39 15.90
CA GLN B 128 -6.91 -11.23 16.83
C GLN B 128 -7.69 -11.61 18.10
N THR B 129 -8.92 -12.09 17.95
CA THR B 129 -9.86 -12.38 19.08
C THR B 129 -9.51 -13.71 19.74
N ASP B 130 -10.07 -13.97 20.93
CA ASP B 130 -9.85 -15.23 21.70
C ASP B 130 -10.41 -16.42 20.90
N GLN B 131 -11.55 -16.25 20.24
CA GLN B 131 -12.20 -17.30 19.40
C GLN B 131 -11.31 -17.63 18.21
N GLN B 132 -10.68 -16.60 17.61
CA GLN B 132 -9.76 -16.77 16.45
C GLN B 132 -8.47 -17.47 16.90
N VAL B 133 -8.02 -17.21 18.14
CA VAL B 133 -6.83 -17.89 18.74
C VAL B 133 -7.17 -19.37 18.94
N LEU B 134 -8.33 -19.66 19.52
CA LEU B 134 -8.78 -21.06 19.80
C LEU B 134 -8.88 -21.81 18.47
N THR B 135 -9.61 -21.23 17.50
CA THR B 135 -9.78 -21.77 16.12
C THR B 135 -8.41 -22.11 15.54
N PHE B 136 -7.43 -21.19 15.67
CA PHE B 136 -6.07 -21.34 15.10
C PHE B 136 -5.41 -22.62 15.64
N PHE B 137 -5.48 -22.85 16.96
CA PHE B 137 -4.83 -24.00 17.64
C PHE B 137 -5.61 -25.29 17.36
N LYS B 138 -6.94 -25.21 17.27
CA LYS B 138 -7.81 -26.37 16.90
C LYS B 138 -7.43 -26.87 15.50
N ASP B 139 -7.18 -25.94 14.57
CA ASP B 139 -6.91 -26.21 13.13
C ASP B 139 -5.43 -26.52 12.90
N TRP B 140 -4.59 -26.33 13.92
CA TRP B 140 -3.11 -26.54 13.83
C TRP B 140 -2.81 -28.00 13.51
N LYS B 141 -1.85 -28.25 12.62
CA LYS B 141 -1.33 -29.61 12.29
C LYS B 141 0.19 -29.57 12.34
N PRO B 142 0.86 -30.68 12.74
CA PRO B 142 2.32 -30.71 12.84
C PRO B 142 2.99 -30.57 11.47
N LYS B 143 4.29 -30.26 11.46
CA LYS B 143 5.11 -30.14 10.23
C LYS B 143 6.45 -30.85 10.46
N ASN B 144 7.40 -30.19 11.12
CA ASN B 144 8.71 -30.79 11.48
C ASN B 144 8.49 -31.76 12.64
N PRO B 145 9.34 -32.80 12.80
CA PRO B 145 9.25 -33.72 13.93
C PRO B 145 9.19 -32.93 15.26
N ILE B 146 8.19 -33.22 16.08
CA ILE B 146 7.94 -32.46 17.36
C ILE B 146 9.18 -32.63 18.26
N GLY B 147 9.72 -31.52 18.76
CA GLY B 147 10.80 -31.49 19.76
C GLY B 147 12.18 -31.36 19.13
N GLU B 148 12.29 -31.49 17.80
CA GLU B 148 13.61 -31.60 17.11
C GLU B 148 14.10 -30.24 16.61
N TYR B 149 13.19 -29.30 16.29
CA TYR B 149 13.53 -28.03 15.62
C TYR B 149 13.07 -26.83 16.45
N ARG B 150 14.01 -25.92 16.76
CA ARG B 150 13.72 -24.66 17.47
C ARG B 150 13.36 -23.57 16.46
N GLN B 151 12.14 -23.04 16.55
CA GLN B 151 11.72 -21.83 15.82
C GLN B 151 11.15 -20.83 16.84
N TYR B 152 11.91 -19.76 17.11
CA TYR B 152 11.55 -18.70 18.07
C TYR B 152 10.14 -18.21 17.75
N SER B 153 9.22 -18.27 18.70
CA SER B 153 7.76 -18.16 18.43
C SER B 153 6.98 -17.56 19.61
N ASN B 154 6.26 -16.47 19.34
CA ASN B 154 5.33 -15.81 20.30
C ASN B 154 4.12 -16.71 20.54
N PRO B 155 3.44 -17.24 19.50
CA PRO B 155 2.31 -18.16 19.73
C PRO B 155 2.68 -19.38 20.59
N SER B 156 3.90 -19.90 20.42
CA SER B 156 4.38 -21.11 21.13
C SER B 156 4.41 -20.85 22.64
N ILE B 157 5.17 -19.84 23.08
CA ILE B 157 5.31 -19.51 24.52
C ILE B 157 4.03 -18.81 25.00
N GLY B 158 3.30 -18.15 24.10
CA GLY B 158 1.96 -17.59 24.37
C GLY B 158 0.99 -18.67 24.83
N LEU B 159 0.93 -19.79 24.12
CA LEU B 159 0.04 -20.93 24.48
C LEU B 159 0.49 -21.51 25.81
N PHE B 160 1.81 -21.64 26.02
CA PHE B 160 2.40 -22.11 27.30
C PHE B 160 1.89 -21.21 28.43
N GLY B 161 2.00 -19.89 28.24
CA GLY B 161 1.52 -18.88 29.20
C GLY B 161 0.05 -19.08 29.54
N LYS B 162 -0.81 -19.19 28.52
CA LYS B 162 -2.29 -19.35 28.71
C LYS B 162 -2.56 -20.62 29.53
N VAL B 163 -1.86 -21.71 29.23
CA VAL B 163 -2.01 -23.02 29.93
C VAL B 163 -1.59 -22.86 31.39
N VAL B 164 -0.45 -22.20 31.65
CA VAL B 164 0.05 -21.94 33.03
C VAL B 164 -1.05 -21.19 33.80
N ALA B 165 -1.66 -20.19 33.17
CA ALA B 165 -2.73 -19.36 33.77
C ALA B 165 -3.94 -20.24 34.11
N LEU B 166 -4.39 -21.07 33.18
CA LEU B 166 -5.52 -22.02 33.41
C LEU B 166 -5.20 -22.93 34.60
N SER B 167 -3.95 -23.39 34.72
CA SER B 167 -3.49 -24.33 35.78
C SER B 167 -3.58 -23.67 37.16
N MET B 168 -3.48 -22.34 37.22
CA MET B 168 -3.50 -21.55 38.48
C MET B 168 -4.87 -20.87 38.64
N ASN B 169 -5.83 -21.19 37.76
CA ASN B 169 -7.26 -20.81 37.85
C ASN B 169 -7.40 -19.28 37.89
N LYS B 170 -6.53 -18.54 37.21
CA LYS B 170 -6.61 -17.05 37.09
C LYS B 170 -6.11 -16.63 35.72
N PRO B 171 -6.61 -15.50 35.16
CA PRO B 171 -6.08 -14.99 33.91
C PRO B 171 -4.59 -14.67 34.07
N PHE B 172 -3.85 -14.77 32.96
CA PHE B 172 -2.38 -14.61 32.92
C PHE B 172 -1.95 -13.28 33.55
N ASP B 173 -2.69 -12.20 33.29
CA ASP B 173 -2.35 -10.84 33.81
C ASP B 173 -2.32 -10.89 35.33
N GLN B 174 -3.28 -11.60 35.96
CA GLN B 174 -3.39 -11.73 37.43
C GLN B 174 -2.28 -12.65 37.96
N VAL B 175 -1.91 -13.71 37.21
CA VAL B 175 -0.79 -14.62 37.60
C VAL B 175 0.45 -13.77 37.87
N LEU B 176 0.83 -12.88 36.93
CA LEU B 176 2.03 -12.02 37.10
C LEU B 176 1.74 -10.93 38.16
N GLU B 177 0.64 -10.19 38.04
CA GLU B 177 0.42 -8.97 38.85
C GLU B 177 0.09 -9.33 40.31
N LYS B 178 -0.60 -10.45 40.57
CA LYS B 178 -1.04 -10.83 41.94
C LYS B 178 -0.08 -11.84 42.59
N THR B 179 0.59 -12.71 41.82
CA THR B 179 1.40 -13.83 42.37
C THR B 179 2.90 -13.62 42.09
N ILE B 180 3.31 -13.55 40.82
CA ILE B 180 4.75 -13.65 40.43
C ILE B 180 5.49 -12.34 40.76
N PHE B 181 4.96 -11.18 40.36
CA PHE B 181 5.65 -9.87 40.58
C PHE B 181 5.82 -9.61 42.07
N PRO B 182 4.76 -9.78 42.91
CA PRO B 182 4.91 -9.59 44.36
C PRO B 182 5.92 -10.55 45.01
N ALA B 183 5.94 -11.81 44.57
CA ALA B 183 6.89 -12.85 45.07
C ALA B 183 8.33 -12.44 44.74
N LEU B 184 8.55 -11.74 43.63
CA LEU B 184 9.88 -11.23 43.21
C LEU B 184 10.16 -9.85 43.83
N GLY B 185 9.20 -9.29 44.55
CA GLY B 185 9.30 -7.97 45.21
C GLY B 185 9.31 -6.83 44.22
N LEU B 186 8.63 -6.96 43.08
CA LEU B 186 8.52 -5.92 42.03
C LEU B 186 7.29 -5.05 42.32
N LYS B 187 7.49 -3.72 42.37
CA LYS B 187 6.50 -2.71 42.81
C LYS B 187 5.85 -2.02 41.60
N HIS B 188 6.57 -1.91 40.47
CA HIS B 188 6.14 -1.12 39.29
C HIS B 188 6.34 -1.94 38.01
N SER B 189 5.91 -3.20 38.03
CA SER B 189 5.92 -4.10 36.85
C SER B 189 4.48 -4.49 36.53
N TYR B 190 4.10 -4.41 35.25
CA TYR B 190 2.69 -4.49 34.81
C TYR B 190 2.57 -5.28 33.50
N VAL B 191 1.47 -6.00 33.37
CA VAL B 191 0.89 -6.45 32.08
C VAL B 191 0.01 -5.31 31.56
N ASN B 192 -0.81 -4.73 32.45
CA ASN B 192 -1.71 -3.58 32.17
C ASN B 192 -1.29 -2.43 33.09
N VAL B 193 -0.71 -1.37 32.52
CA VAL B 193 -0.28 -0.17 33.32
C VAL B 193 -1.55 0.53 33.78
N PRO B 194 -1.74 0.69 35.11
CA PRO B 194 -2.95 1.34 35.63
C PRO B 194 -2.95 2.85 35.39
N LYS B 195 -4.14 3.47 35.44
CA LYS B 195 -4.40 4.92 35.22
C LYS B 195 -3.39 5.76 36.01
N THR B 196 -3.09 5.36 37.24
CA THR B 196 -2.24 6.10 38.21
C THR B 196 -0.77 6.06 37.80
N GLN B 197 -0.37 5.21 36.84
CA GLN B 197 1.04 5.06 36.43
C GLN B 197 1.25 5.48 34.97
N MET B 198 0.19 5.88 34.25
CA MET B 198 0.29 6.26 32.82
C MET B 198 1.25 7.45 32.66
N GLN B 199 1.33 8.33 33.67
CA GLN B 199 2.25 9.49 33.72
C GLN B 199 3.72 9.03 33.68
N ASN B 200 4.01 7.79 34.10
CA ASN B 200 5.39 7.24 34.16
C ASN B 200 5.67 6.34 32.95
N TYR B 201 4.66 6.00 32.15
CA TYR B 201 4.78 5.10 30.98
C TYR B 201 5.41 5.91 29.83
N ALA B 202 6.65 5.59 29.49
CA ALA B 202 7.36 6.19 28.34
C ALA B 202 6.55 5.94 27.08
N PHE B 203 6.66 6.87 26.13
CA PHE B 203 6.33 6.59 24.71
C PHE B 203 7.50 5.86 24.10
N GLY B 204 7.22 4.85 23.28
CA GLY B 204 8.16 4.31 22.29
C GLY B 204 8.23 5.24 21.10
N TYR B 205 9.30 5.18 20.31
CA TYR B 205 9.48 6.01 19.10
C TYR B 205 9.87 5.08 17.96
N ASN B 206 9.20 5.25 16.81
CA ASN B 206 9.45 4.44 15.57
C ASN B 206 10.64 5.07 14.84
N GLN B 207 10.94 4.59 13.64
CA GLN B 207 12.16 4.98 12.88
C GLN B 207 12.05 6.43 12.40
N GLU B 208 10.84 7.02 12.41
CA GLU B 208 10.60 8.45 12.06
C GLU B 208 10.42 9.29 13.34
N ASN B 209 10.76 8.73 14.51
CA ASN B 209 10.68 9.36 15.85
C ASN B 209 9.25 9.86 16.10
N GLN B 210 8.26 9.09 15.67
CA GLN B 210 6.83 9.29 16.01
C GLN B 210 6.52 8.40 17.21
N PRO B 211 5.74 8.91 18.19
CA PRO B 211 5.40 8.14 19.38
C PRO B 211 4.50 6.96 19.05
N ILE B 212 4.78 5.82 19.68
CA ILE B 212 4.06 4.53 19.47
C ILE B 212 4.16 3.75 20.78
N ARG B 213 3.13 2.97 21.07
CA ARG B 213 3.10 2.01 22.20
C ARG B 213 2.66 0.66 21.64
N VAL B 214 2.87 -0.40 22.41
CA VAL B 214 2.58 -1.79 21.94
C VAL B 214 1.07 -1.89 21.74
N ASN B 215 0.65 -2.53 20.64
CA ASN B 215 -0.78 -2.77 20.32
C ASN B 215 -1.22 -4.02 21.04
N PRO B 216 -2.50 -4.09 21.50
CA PRO B 216 -3.06 -5.36 21.96
C PRO B 216 -2.96 -6.39 20.82
N GLY B 217 -2.71 -7.65 21.17
CA GLY B 217 -2.54 -8.75 20.21
C GLY B 217 -2.89 -10.09 20.85
N PRO B 218 -3.05 -11.17 20.05
CA PRO B 218 -3.38 -12.48 20.58
C PRO B 218 -2.24 -13.05 21.45
N LEU B 219 -2.56 -13.41 22.69
CA LEU B 219 -1.63 -13.90 23.74
C LEU B 219 -0.39 -13.00 23.80
N ASP B 220 -0.61 -11.68 23.78
CA ASP B 220 0.47 -10.66 23.84
C ASP B 220 1.20 -10.72 25.19
N ALA B 221 0.45 -10.79 26.30
CA ALA B 221 0.99 -10.63 27.67
C ALA B 221 2.13 -11.62 27.90
N PRO B 222 1.94 -12.95 27.70
CA PRO B 222 3.02 -13.90 27.96
C PRO B 222 4.21 -13.81 26.98
N ALA B 223 4.01 -13.26 25.79
CA ALA B 223 5.04 -13.24 24.71
C ALA B 223 5.86 -11.95 24.73
N TYR B 224 5.22 -10.78 24.91
CA TYR B 224 5.92 -9.47 24.78
C TYR B 224 5.19 -8.34 25.51
N GLY B 225 4.35 -8.64 26.50
CA GLY B 225 3.35 -7.68 27.00
C GLY B 225 3.68 -7.07 28.36
N VAL B 226 4.90 -7.27 28.90
CA VAL B 226 5.25 -6.79 30.26
C VAL B 226 5.96 -5.43 30.15
N LYS B 227 5.64 -4.53 31.07
CA LYS B 227 6.28 -3.21 31.21
C LYS B 227 6.87 -3.10 32.62
N SER B 228 8.03 -2.48 32.75
CA SER B 228 8.77 -2.39 34.04
C SER B 228 9.67 -1.16 34.07
N THR B 229 10.18 -0.86 35.25
CA THR B 229 11.13 0.26 35.52
C THR B 229 12.52 -0.33 35.65
N LEU B 230 13.56 0.50 35.60
CA LEU B 230 14.96 0.04 35.77
C LEU B 230 15.14 -0.57 37.16
N PRO B 231 14.67 0.05 38.26
CA PRO B 231 14.83 -0.54 39.59
C PRO B 231 14.19 -1.92 39.73
N ASP B 232 13.01 -2.12 39.13
CA ASP B 232 12.31 -3.43 39.16
C ASP B 232 13.13 -4.46 38.39
N MET B 233 13.66 -4.09 37.23
CA MET B 233 14.44 -5.04 36.39
C MET B 233 15.74 -5.39 37.10
N LEU B 234 16.32 -4.46 37.88
CA LEU B 234 17.54 -4.73 38.70
C LEU B 234 17.17 -5.68 39.86
N SER B 235 15.99 -5.51 40.47
CA SER B 235 15.46 -6.43 41.50
C SER B 235 15.28 -7.83 40.89
N PHE B 236 14.76 -7.90 39.66
CA PHE B 236 14.56 -9.17 38.93
C PHE B 236 15.91 -9.85 38.70
N ILE B 237 16.92 -9.09 38.27
CA ILE B 237 18.30 -9.64 38.07
C ILE B 237 18.86 -10.08 39.42
N HIS B 238 18.61 -9.33 40.50
CA HIS B 238 19.05 -9.70 41.87
C HIS B 238 18.51 -11.08 42.23
N ALA B 239 17.19 -11.30 42.03
CA ALA B 239 16.50 -12.58 42.31
C ALA B 239 17.17 -13.71 41.53
N ASN B 240 17.51 -13.48 40.26
CA ASN B 240 18.17 -14.48 39.38
C ASN B 240 19.59 -14.76 39.87
N LEU B 241 20.29 -13.76 40.42
CA LEU B 241 21.67 -13.92 40.95
C LEU B 241 21.66 -14.57 42.34
N ASN B 242 20.57 -14.42 43.12
CA ASN B 242 20.49 -14.88 44.53
C ASN B 242 19.14 -15.56 44.81
N PRO B 243 18.78 -16.64 44.08
CA PRO B 243 17.49 -17.30 44.28
C PRO B 243 17.28 -17.84 45.70
N GLN B 244 18.37 -18.21 46.38
CA GLN B 244 18.37 -18.82 47.75
C GLN B 244 17.79 -17.86 48.78
N LYS B 245 17.80 -16.53 48.53
CA LYS B 245 17.36 -15.50 49.49
C LYS B 245 15.85 -15.29 49.41
N TYR B 246 15.15 -15.96 48.49
CA TYR B 246 13.69 -15.76 48.24
C TYR B 246 12.92 -16.94 48.81
N PRO B 247 11.60 -16.78 49.08
CA PRO B 247 10.77 -17.88 49.56
C PRO B 247 10.82 -19.10 48.62
N THR B 248 10.67 -20.30 49.18
CA THR B 248 10.82 -21.62 48.52
C THR B 248 10.14 -21.64 47.14
N ASP B 249 8.87 -21.23 47.06
CA ASP B 249 8.02 -21.34 45.82
C ASP B 249 8.70 -20.60 44.66
N ILE B 250 9.09 -19.34 44.87
CA ILE B 250 9.67 -18.47 43.79
C ILE B 250 11.14 -18.86 43.58
N GLN B 251 11.85 -19.29 44.62
CA GLN B 251 13.24 -19.81 44.53
C GLN B 251 13.30 -20.95 43.51
N ARG B 252 12.40 -21.94 43.63
CA ARG B 252 12.36 -23.11 42.73
C ARG B 252 11.95 -22.67 41.33
N ALA B 253 10.99 -21.73 41.23
CA ALA B 253 10.53 -21.13 39.95
C ALA B 253 11.73 -20.54 39.20
N ILE B 254 12.53 -19.72 39.88
CA ILE B 254 13.72 -19.03 39.29
C ILE B 254 14.76 -20.08 38.87
N ASN B 255 15.07 -21.05 39.74
CA ASN B 255 16.06 -22.12 39.43
C ASN B 255 15.59 -22.91 38.21
N GLU B 256 14.28 -23.17 38.09
CA GLU B 256 13.70 -23.89 36.93
C GLU B 256 14.06 -23.14 35.63
N THR B 257 14.05 -21.81 35.64
CA THR B 257 14.29 -20.99 34.42
C THR B 257 15.77 -21.03 34.03
N HIS B 258 16.67 -21.41 34.94
CA HIS B 258 18.14 -21.45 34.69
C HIS B 258 18.58 -22.78 34.08
N GLN B 259 17.70 -23.80 34.04
CA GLN B 259 18.07 -25.17 33.58
C GLN B 259 18.03 -25.21 32.05
N GLY B 260 19.21 -25.38 31.42
CA GLY B 260 19.34 -25.66 29.97
C GLY B 260 18.53 -26.89 29.59
N ARG B 261 17.83 -26.83 28.45
CA ARG B 261 16.91 -27.91 28.00
C ARG B 261 17.50 -28.59 26.76
N TYR B 262 18.23 -27.82 25.94
CA TYR B 262 18.90 -28.30 24.71
C TYR B 262 19.91 -27.25 24.24
N GLN B 263 20.68 -27.61 23.21
CA GLN B 263 21.75 -26.79 22.59
C GLN B 263 21.35 -26.47 21.16
N VAL B 264 21.68 -25.25 20.70
CA VAL B 264 21.78 -24.87 19.27
C VAL B 264 23.15 -24.21 19.12
N ASN B 265 24.15 -24.98 18.70
CA ASN B 265 25.57 -24.54 18.58
C ASN B 265 26.05 -24.16 19.99
N THR B 266 26.40 -22.89 20.23
CA THR B 266 26.98 -22.39 21.50
C THR B 266 25.88 -21.89 22.44
N MET B 267 24.64 -21.78 21.96
CA MET B 267 23.49 -21.24 22.75
C MET B 267 22.74 -22.41 23.38
N TYR B 268 22.60 -22.38 24.71
CA TYR B 268 21.74 -23.33 25.48
C TYR B 268 20.40 -22.65 25.73
N GLN B 269 19.30 -23.27 25.28
CA GLN B 269 17.94 -22.76 25.54
C GLN B 269 17.54 -23.20 26.95
N ALA B 270 17.43 -22.25 27.88
CA ALA B 270 16.77 -22.46 29.18
C ALA B 270 15.30 -22.06 29.04
N LEU B 271 14.57 -21.96 30.15
CA LEU B 271 13.16 -21.49 30.13
C LEU B 271 13.19 -19.95 30.02
N GLY B 272 12.88 -19.43 28.84
CA GLY B 272 12.95 -17.98 28.53
C GLY B 272 14.38 -17.53 28.30
N TRP B 273 15.24 -17.67 29.32
CA TRP B 273 16.67 -17.29 29.26
C TRP B 273 17.39 -18.06 28.16
N GLU B 274 18.33 -17.38 27.49
CA GLU B 274 19.41 -18.00 26.70
C GLU B 274 20.62 -18.16 27.62
N GLU B 275 21.27 -19.32 27.58
CA GLU B 275 22.36 -19.72 28.51
C GLU B 275 23.62 -19.99 27.68
N PHE B 276 24.78 -19.63 28.23
CA PHE B 276 26.10 -19.78 27.58
C PHE B 276 27.11 -20.28 28.62
N SER B 277 28.10 -21.03 28.16
CA SER B 277 29.31 -21.35 28.96
C SER B 277 30.03 -20.04 29.26
N TYR B 278 30.38 -19.81 30.53
CA TYR B 278 31.09 -18.60 31.00
C TYR B 278 32.53 -18.96 31.33
N PRO B 279 33.54 -18.18 30.88
CA PRO B 279 33.30 -16.94 30.13
C PRO B 279 32.87 -17.20 28.68
N ALA B 280 32.03 -16.33 28.14
CA ALA B 280 31.59 -16.36 26.73
C ALA B 280 32.29 -15.23 25.96
N THR B 281 32.67 -15.50 24.71
CA THR B 281 33.23 -14.47 23.79
C THR B 281 32.08 -13.58 23.33
N LEU B 282 32.39 -12.34 22.97
CA LEU B 282 31.44 -11.36 22.39
C LEU B 282 30.71 -12.02 21.21
N GLN B 283 31.44 -12.71 20.34
CA GLN B 283 30.88 -13.27 19.09
C GLN B 283 29.85 -14.36 19.42
N THR B 284 30.10 -15.17 20.46
CA THR B 284 29.14 -16.19 20.94
C THR B 284 27.81 -15.51 21.30
N LEU B 285 27.88 -14.40 22.03
CA LEU B 285 26.67 -13.66 22.49
C LEU B 285 25.98 -13.03 21.27
N LEU B 286 26.74 -12.46 20.33
CA LEU B 286 26.18 -11.86 19.09
C LEU B 286 25.49 -12.94 18.23
N ASP B 287 26.13 -14.12 18.10
CA ASP B 287 25.63 -15.24 17.25
C ASP B 287 24.25 -15.71 17.75
N SER B 288 24.00 -15.63 19.06
CA SER B 288 22.73 -16.05 19.72
C SER B 288 21.54 -15.30 19.11
N ASN B 289 21.76 -14.11 18.54
CA ASN B 289 20.66 -13.26 18.00
C ASN B 289 20.90 -12.96 16.51
N SER B 290 21.65 -13.82 15.81
CA SER B 290 21.75 -13.84 14.33
C SER B 290 20.37 -14.13 13.72
N GLU B 291 20.12 -13.69 12.49
CA GLU B 291 18.85 -13.94 11.77
C GLU B 291 18.59 -15.45 11.69
N GLN B 292 19.63 -16.26 11.49
CA GLN B 292 19.53 -17.74 11.38
C GLN B 292 18.88 -18.31 12.64
N ILE B 293 19.32 -17.86 13.81
CA ILE B 293 18.84 -18.38 15.13
C ILE B 293 17.45 -17.81 15.44
N VAL B 294 17.23 -16.52 15.18
CA VAL B 294 15.99 -15.79 15.61
C VAL B 294 14.83 -16.11 14.65
N MET B 295 15.07 -16.15 13.33
CA MET B 295 14.00 -16.10 12.31
C MET B 295 13.77 -17.46 11.63
N LYS B 296 14.74 -18.39 11.70
CA LYS B 296 14.68 -19.66 10.92
C LYS B 296 14.59 -20.85 11.88
N PRO B 297 14.09 -22.03 11.43
CA PRO B 297 14.12 -23.23 12.25
C PRO B 297 15.56 -23.75 12.34
N ASN B 298 15.93 -24.33 13.50
CA ASN B 298 17.28 -24.88 13.75
C ASN B 298 17.12 -26.21 14.51
N LYS B 299 17.74 -27.27 14.01
CA LYS B 299 17.74 -28.61 14.66
C LYS B 299 18.43 -28.48 16.02
N VAL B 300 17.78 -28.96 17.08
CA VAL B 300 18.35 -28.91 18.47
C VAL B 300 19.15 -30.19 18.69
N THR B 301 20.13 -30.14 19.59
CA THR B 301 20.89 -31.31 20.10
C THR B 301 20.70 -31.36 21.61
N ALA B 302 20.51 -32.55 22.19
CA ALA B 302 20.45 -32.73 23.65
C ALA B 302 21.78 -32.25 24.24
N ILE B 303 21.76 -31.67 25.43
CA ILE B 303 22.99 -31.34 26.18
C ILE B 303 23.65 -32.67 26.54
N SER B 304 24.92 -32.85 26.16
CA SER B 304 25.78 -33.97 26.65
C SER B 304 26.30 -33.63 28.05
N LYS B 305 26.43 -32.34 28.36
CA LYS B 305 27.05 -31.81 29.60
C LYS B 305 26.61 -30.34 29.73
N GLU B 306 25.77 -30.04 30.72
CA GLU B 306 25.40 -28.65 31.12
C GLU B 306 26.63 -27.96 31.70
N PRO B 307 27.14 -26.89 31.03
CA PRO B 307 28.42 -26.28 31.43
C PRO B 307 28.45 -25.86 32.91
N SER B 308 29.63 -26.00 33.52
CA SER B 308 29.84 -25.92 35.00
C SER B 308 29.58 -24.50 35.50
N VAL B 309 30.09 -23.50 34.79
CA VAL B 309 29.86 -22.05 35.04
C VAL B 309 29.17 -21.46 33.81
N LYS B 310 28.02 -20.80 34.02
CA LYS B 310 27.14 -20.29 32.94
C LYS B 310 26.88 -18.80 33.12
N MET B 311 26.48 -18.14 32.03
CA MET B 311 25.89 -16.77 32.05
C MET B 311 24.62 -16.82 31.21
N TYR B 312 23.74 -15.83 31.37
CA TYR B 312 22.39 -15.81 30.76
C TYR B 312 22.14 -14.42 30.20
N HIS B 313 21.42 -14.33 29.08
CA HIS B 313 20.93 -13.04 28.57
C HIS B 313 19.60 -13.22 27.83
N LYS B 314 18.96 -12.09 27.51
CA LYS B 314 17.74 -12.04 26.68
C LYS B 314 17.64 -10.64 26.08
N THR B 315 17.39 -10.55 24.78
CA THR B 315 17.03 -9.29 24.09
C THR B 315 15.50 -9.20 24.06
N GLY B 316 14.99 -7.98 23.91
CA GLY B 316 13.56 -7.73 23.75
C GLY B 316 13.34 -6.50 22.90
N SER B 317 12.36 -6.54 22.01
CA SER B 317 11.96 -5.39 21.17
C SER B 317 10.45 -5.35 21.02
N THR B 318 9.88 -4.14 21.07
CA THR B 318 8.54 -3.79 20.53
C THR B 318 8.79 -2.79 19.39
N SER B 319 7.72 -2.28 18.77
CA SER B 319 7.83 -1.29 17.67
C SER B 319 8.68 -0.10 18.13
N GLY B 320 8.57 0.30 19.41
CA GLY B 320 9.14 1.57 19.89
C GLY B 320 10.14 1.40 21.02
N PHE B 321 10.47 0.16 21.44
CA PHE B 321 11.36 -0.07 22.62
C PHE B 321 12.38 -1.19 22.36
N GLY B 322 13.58 -1.00 22.91
CA GLY B 322 14.65 -2.02 22.96
C GLY B 322 14.99 -2.36 24.40
N THR B 323 15.23 -3.64 24.67
CA THR B 323 15.62 -4.16 26.01
C THR B 323 16.79 -5.14 25.84
N TYR B 324 17.68 -5.16 26.83
CA TYR B 324 18.70 -6.23 27.00
C TYR B 324 18.97 -6.43 28.48
N VAL B 325 18.91 -7.69 28.93
CA VAL B 325 19.25 -8.11 30.33
C VAL B 325 20.28 -9.23 30.24
N VAL B 326 21.28 -9.19 31.11
CA VAL B 326 22.39 -10.19 31.16
C VAL B 326 22.82 -10.34 32.62
N PHE B 327 23.12 -11.55 33.06
CA PHE B 327 23.69 -11.77 34.41
C PHE B 327 24.68 -12.93 34.38
N ILE B 328 25.63 -12.89 35.31
CA ILE B 328 26.78 -13.84 35.42
C ILE B 328 26.90 -14.24 36.87
N PRO B 329 26.26 -15.37 37.28
CA PRO B 329 26.25 -15.80 38.69
C PRO B 329 27.64 -15.81 39.35
N LYS B 330 28.64 -16.33 38.64
CA LYS B 330 30.05 -16.51 39.13
C LYS B 330 30.61 -15.17 39.61
N GLU B 331 30.33 -14.08 38.88
CA GLU B 331 30.87 -12.72 39.14
C GLU B 331 29.87 -11.90 39.96
N ASN B 332 28.70 -12.48 40.25
CA ASN B 332 27.62 -11.87 41.06
C ASN B 332 27.27 -10.49 40.48
N ILE B 333 27.13 -10.40 39.15
CA ILE B 333 26.94 -9.11 38.44
C ILE B 333 25.86 -9.29 37.35
N GLY B 334 25.15 -8.21 37.02
CA GLY B 334 24.21 -8.17 35.89
C GLY B 334 23.99 -6.77 35.39
N LEU B 335 23.40 -6.63 34.20
CA LEU B 335 23.14 -5.32 33.56
C LEU B 335 21.76 -5.35 32.90
N VAL B 336 21.04 -4.23 32.97
CA VAL B 336 19.76 -3.99 32.26
C VAL B 336 19.91 -2.73 31.41
N MET B 337 19.53 -2.81 30.12
CA MET B 337 19.44 -1.65 29.20
C MET B 337 17.99 -1.53 28.72
N LEU B 338 17.38 -0.35 28.89
CA LEU B 338 16.02 -0.02 28.40
C LEU B 338 16.12 1.24 27.52
N THR B 339 15.60 1.20 26.30
CA THR B 339 15.51 2.36 25.37
C THR B 339 14.07 2.51 24.88
N ASN B 340 13.64 3.73 24.59
CA ASN B 340 12.30 3.98 23.98
C ASN B 340 12.50 4.29 22.49
N LYS B 341 13.52 3.66 21.90
CA LYS B 341 13.63 3.43 20.43
C LYS B 341 14.49 2.18 20.24
N ARG B 342 14.10 1.31 19.31
CA ARG B 342 14.88 0.10 18.95
C ARG B 342 16.25 0.53 18.45
N ILE B 343 17.30 -0.10 18.95
CA ILE B 343 18.67 -0.03 18.36
C ILE B 343 19.10 -1.46 18.05
N PRO B 344 20.03 -1.68 17.11
CA PRO B 344 20.44 -3.04 16.75
C PRO B 344 20.87 -3.84 17.99
N ASN B 345 20.42 -5.09 18.06
CA ASN B 345 20.78 -6.04 19.15
C ASN B 345 22.30 -6.05 19.36
N GLU B 346 23.08 -6.07 18.28
CA GLU B 346 24.56 -6.18 18.35
C GLU B 346 25.11 -5.03 19.22
N GLU B 347 24.53 -3.82 19.11
CA GLU B 347 25.01 -2.61 19.84
C GLU B 347 24.72 -2.75 21.35
N ARG B 348 23.58 -3.34 21.68
CA ARG B 348 23.15 -3.59 23.09
C ARG B 348 24.11 -4.60 23.74
N ILE B 349 24.37 -5.70 23.03
CA ILE B 349 25.18 -6.85 23.55
C ILE B 349 26.63 -6.37 23.71
N LYS B 350 27.15 -5.65 22.71
CA LYS B 350 28.56 -5.16 22.70
C LYS B 350 28.76 -4.18 23.86
N ALA B 351 27.88 -3.19 24.00
CA ALA B 351 28.00 -2.15 25.05
C ALA B 351 28.03 -2.82 26.43
N ALA B 352 27.12 -3.75 26.69
CA ALA B 352 27.00 -4.49 27.96
C ALA B 352 28.27 -5.31 28.20
N TYR B 353 28.76 -5.98 27.16
CA TYR B 353 29.98 -6.84 27.20
C TYR B 353 31.18 -6.02 27.68
N VAL B 354 31.44 -4.86 27.04
CA VAL B 354 32.57 -3.96 27.38
C VAL B 354 32.45 -3.54 28.85
N VAL B 355 31.26 -3.08 29.27
CA VAL B 355 31.05 -2.52 30.64
C VAL B 355 31.24 -3.63 31.68
N LEU B 356 30.61 -4.80 31.50
CA LEU B 356 30.69 -5.90 32.51
C LEU B 356 32.13 -6.45 32.56
N ASN B 357 32.84 -6.44 31.44
CA ASN B 357 34.25 -6.95 31.39
C ASN B 357 35.23 -5.84 31.76
N ALA B 358 34.96 -5.03 32.79
CA ALA B 358 35.79 -3.87 33.19
C ALA B 358 35.45 -3.41 34.62
N ASP C 7 -17.28 0.68 0.11
CA ASP C 7 -17.96 -0.56 -0.39
C ASP C 7 -18.79 -1.15 0.76
N GLN C 8 -19.14 -2.45 0.69
CA GLN C 8 -19.97 -3.19 1.67
C GLN C 8 -19.32 -3.22 3.07
N GLU C 9 -17.99 -3.08 3.12
CA GLU C 9 -17.22 -3.11 4.39
C GLU C 9 -17.45 -1.85 5.23
N ILE C 10 -17.75 -0.67 4.68
CA ILE C 10 -17.74 0.62 5.45
C ILE C 10 -18.75 0.54 6.59
N LYS C 11 -20.00 0.18 6.30
CA LYS C 11 -21.07 0.02 7.33
C LYS C 11 -20.57 -0.89 8.47
N LYS C 12 -19.99 -2.04 8.10
CA LYS C 12 -19.52 -3.07 9.06
C LYS C 12 -18.39 -2.48 9.93
N LEU C 13 -17.45 -1.76 9.33
CA LEU C 13 -16.30 -1.13 10.04
C LEU C 13 -16.82 -0.09 11.03
N VAL C 14 -17.79 0.74 10.63
CA VAL C 14 -18.37 1.80 11.50
C VAL C 14 -19.14 1.11 12.64
N ASP C 15 -19.88 0.04 12.34
CA ASP C 15 -20.63 -0.76 13.36
C ASP C 15 -19.64 -1.35 14.37
N GLN C 16 -18.49 -1.85 13.90
CA GLN C 16 -17.48 -2.54 14.76
C GLN C 16 -16.81 -1.53 15.71
N ASN C 17 -16.61 -0.28 15.27
CA ASN C 17 -15.70 0.69 15.93
C ASN C 17 -16.47 1.86 16.58
N PHE C 18 -17.57 2.32 15.99
CA PHE C 18 -18.34 3.47 16.52
C PHE C 18 -19.53 3.01 17.35
N LYS C 19 -20.31 2.03 16.86
CA LYS C 19 -21.58 1.61 17.50
C LYS C 19 -21.38 1.27 18.98
N PRO C 20 -20.32 0.52 19.39
CA PRO C 20 -20.14 0.14 20.79
C PRO C 20 -19.97 1.31 21.77
N LEU C 21 -19.59 2.49 21.27
CA LEU C 21 -19.37 3.70 22.10
C LEU C 21 -20.71 4.21 22.66
N LEU C 22 -21.82 3.96 21.95
CA LEU C 22 -23.18 4.38 22.41
C LEU C 22 -23.48 3.72 23.76
N GLU C 23 -23.35 2.39 23.84
CA GLU C 23 -23.60 1.62 25.09
C GLU C 23 -22.56 2.02 26.15
N LYS C 24 -21.28 2.10 25.75
CA LYS C 24 -20.15 2.33 26.69
C LYS C 24 -20.31 3.66 27.43
N TYR C 25 -20.76 4.72 26.73
CA TYR C 25 -20.84 6.10 27.28
C TYR C 25 -22.29 6.57 27.44
N ASP C 26 -23.26 5.67 27.19
CA ASP C 26 -24.71 5.94 27.32
C ASP C 26 -25.04 7.17 26.46
N VAL C 27 -24.67 7.10 25.18
CA VAL C 27 -24.88 8.20 24.18
C VAL C 27 -26.22 7.94 23.51
N PRO C 28 -27.21 8.86 23.61
CA PRO C 28 -28.50 8.65 22.98
C PRO C 28 -28.43 8.49 21.45
N GLY C 29 -27.66 9.35 20.78
CA GLY C 29 -27.64 9.44 19.30
C GLY C 29 -26.27 9.70 18.72
N MET C 30 -26.03 9.20 17.51
CA MET C 30 -24.73 9.37 16.82
C MET C 30 -24.97 9.31 15.31
N ALA C 31 -24.29 10.18 14.57
CA ALA C 31 -24.21 10.15 13.09
C ALA C 31 -22.73 10.05 12.71
N VAL C 32 -22.40 9.03 11.93
CA VAL C 32 -21.02 8.80 11.39
C VAL C 32 -21.12 8.81 9.86
N GLY C 33 -20.33 9.68 9.25
CA GLY C 33 -20.22 9.81 7.79
C GLY C 33 -18.82 9.45 7.34
N VAL C 34 -18.73 8.70 6.25
CA VAL C 34 -17.43 8.43 5.56
C VAL C 34 -17.59 8.91 4.13
N ILE C 35 -16.56 9.58 3.61
CA ILE C 35 -16.48 9.90 2.17
C ILE C 35 -15.21 9.26 1.62
N GLN C 36 -15.35 8.49 0.54
CA GLN C 36 -14.23 7.76 -0.13
C GLN C 36 -14.45 7.87 -1.64
N ASN C 37 -13.50 8.47 -2.35
CA ASN C 37 -13.52 8.57 -3.84
C ASN C 37 -14.79 9.30 -4.26
N ASN C 38 -15.18 10.32 -3.49
CA ASN C 38 -16.34 11.20 -3.76
C ASN C 38 -17.67 10.46 -3.59
N LYS C 39 -17.66 9.28 -2.95
CA LYS C 39 -18.87 8.52 -2.56
C LYS C 39 -19.10 8.70 -1.06
N LYS C 40 -20.31 9.10 -0.67
CA LYS C 40 -20.70 9.37 0.73
C LYS C 40 -21.43 8.16 1.32
N TYR C 41 -21.11 7.84 2.58
CA TYR C 41 -21.78 6.82 3.41
C TYR C 41 -22.24 7.49 4.70
N GLU C 42 -23.54 7.36 5.01
CA GLU C 42 -24.16 7.92 6.22
C GLU C 42 -24.65 6.77 7.11
N MET C 43 -24.20 6.75 8.36
CA MET C 43 -24.64 5.76 9.38
C MET C 43 -25.26 6.53 10.55
N TYR C 44 -26.50 6.19 10.89
CA TYR C 44 -27.27 6.84 11.98
C TYR C 44 -27.58 5.79 13.04
N TYR C 45 -27.42 6.20 14.30
CA TYR C 45 -27.66 5.36 15.50
C TYR C 45 -28.50 6.17 16.51
N GLY C 46 -29.48 5.51 17.12
CA GLY C 46 -30.18 6.02 18.30
C GLY C 46 -31.01 7.27 18.02
N LEU C 47 -31.10 8.15 19.02
CA LEU C 47 -32.16 9.17 19.14
C LEU C 47 -31.54 10.57 19.14
N GLN C 48 -32.15 11.48 18.38
CA GLN C 48 -31.87 12.94 18.41
C GLN C 48 -32.51 13.52 19.67
N SER C 49 -33.65 12.97 20.10
CA SER C 49 -34.35 13.34 21.35
C SER C 49 -34.83 12.06 22.06
N VAL C 50 -34.36 11.84 23.30
CA VAL C 50 -34.74 10.67 24.13
C VAL C 50 -36.23 10.83 24.49
N GLN C 51 -36.65 12.03 24.92
CA GLN C 51 -38.02 12.27 25.44
C GLN C 51 -39.02 12.14 24.29
N ASP C 52 -38.68 12.55 23.06
CA ASP C 52 -39.59 12.52 21.89
C ASP C 52 -39.47 11.19 21.14
N LYS C 53 -38.51 10.34 21.51
CA LYS C 53 -38.22 9.06 20.81
C LYS C 53 -38.03 9.33 19.31
N LYS C 54 -37.33 10.41 18.97
CA LYS C 54 -37.08 10.89 17.59
C LYS C 54 -35.69 10.39 17.16
N ALA C 55 -35.62 9.61 16.08
CA ALA C 55 -34.41 8.89 15.66
C ALA C 55 -33.46 9.88 14.97
N VAL C 56 -32.17 9.70 15.17
CA VAL C 56 -31.12 10.43 14.39
C VAL C 56 -31.31 10.05 12.93
N ASN C 57 -31.29 11.06 12.05
CA ASN C 57 -31.46 10.89 10.60
C ASN C 57 -30.68 12.01 9.90
N SER C 58 -30.74 12.04 8.57
CA SER C 58 -29.98 12.97 7.70
C SER C 58 -30.44 14.42 7.94
N ASN C 59 -31.61 14.66 8.56
CA ASN C 59 -32.10 16.02 8.88
C ASN C 59 -31.62 16.47 10.28
N THR C 60 -31.03 15.58 11.08
CA THR C 60 -30.71 15.89 12.50
C THR C 60 -29.62 16.96 12.54
N ILE C 61 -29.86 18.04 13.28
CA ILE C 61 -28.90 19.16 13.48
C ILE C 61 -28.18 18.94 14.82
N PHE C 62 -26.85 18.88 14.77
CA PHE C 62 -25.94 18.73 15.94
C PHE C 62 -25.15 20.02 16.15
N GLU C 63 -24.78 20.31 17.38
CA GLU C 63 -23.81 21.39 17.72
C GLU C 63 -22.40 20.89 17.40
N LEU C 64 -21.63 21.66 16.64
CA LEU C 64 -20.26 21.28 16.21
C LEU C 64 -19.22 21.66 17.26
N GLY C 65 -19.57 22.55 18.20
CA GLY C 65 -18.58 23.11 19.15
C GLY C 65 -17.39 23.69 18.41
N SER C 66 -16.17 23.35 18.84
CA SER C 66 -14.91 23.93 18.31
C SER C 66 -14.68 23.58 16.83
N VAL C 67 -15.42 22.63 16.26
CA VAL C 67 -15.34 22.39 14.79
C VAL C 67 -15.87 23.62 14.06
N SER C 68 -16.66 24.47 14.73
CA SER C 68 -17.08 25.81 14.24
C SER C 68 -15.85 26.63 13.81
N LYS C 69 -14.71 26.46 14.49
CA LYS C 69 -13.44 27.21 14.23
C LYS C 69 -12.98 26.98 12.79
N LEU C 70 -13.32 25.83 12.20
CA LEU C 70 -12.94 25.49 10.79
C LEU C 70 -13.66 26.42 9.83
N PHE C 71 -14.91 26.80 10.12
CA PHE C 71 -15.71 27.72 9.30
C PHE C 71 -15.18 29.15 9.47
N THR C 72 -14.81 29.51 10.70
CA THR C 72 -14.18 30.83 11.02
C THR C 72 -12.89 30.96 10.21
N ALA C 73 -12.05 29.94 10.23
CA ALA C 73 -10.77 29.85 9.48
C ALA C 73 -11.05 30.00 7.98
N THR C 74 -12.04 29.26 7.47
CA THR C 74 -12.46 29.31 6.05
C THR C 74 -12.91 30.73 5.70
N ALA C 75 -13.71 31.37 6.56
CA ALA C 75 -14.19 32.77 6.39
C ALA C 75 -12.99 33.72 6.34
N GLY C 76 -11.98 33.49 7.19
CA GLY C 76 -10.71 34.26 7.21
C GLY C 76 -9.95 34.09 5.90
N GLY C 77 -9.83 32.85 5.41
CA GLY C 77 -9.17 32.54 4.13
C GLY C 77 -9.87 33.21 2.96
N TYR C 78 -11.21 33.29 3.00
CA TYR C 78 -12.06 33.90 1.95
C TYR C 78 -11.81 35.41 1.90
N ALA C 79 -11.85 36.06 3.06
CA ALA C 79 -11.66 37.52 3.22
C ALA C 79 -10.25 37.92 2.77
N LYS C 80 -9.23 37.13 3.12
CA LYS C 80 -7.82 37.39 2.76
C LYS C 80 -7.66 37.33 1.23
N ASN C 81 -8.20 36.31 0.58
CA ASN C 81 -7.98 36.04 -0.86
C ASN C 81 -8.85 37.00 -1.70
N LYS C 82 -9.86 37.64 -1.11
CA LYS C 82 -10.65 38.73 -1.72
C LYS C 82 -10.01 40.09 -1.40
N GLY C 83 -8.92 40.10 -0.62
CA GLY C 83 -8.11 41.29 -0.32
C GLY C 83 -8.72 42.16 0.76
N LYS C 84 -9.73 41.66 1.49
CA LYS C 84 -10.47 42.42 2.54
C LYS C 84 -9.59 42.53 3.78
N ILE C 85 -8.70 41.55 4.01
CA ILE C 85 -7.74 41.53 5.15
C ILE C 85 -6.40 40.98 4.67
N SER C 86 -5.35 41.25 5.43
CA SER C 86 -4.05 40.55 5.38
C SER C 86 -3.78 39.99 6.77
N PHE C 87 -3.16 38.81 6.86
CA PHE C 87 -2.86 38.11 8.13
C PHE C 87 -1.76 38.83 8.90
N ASP C 88 -1.08 39.81 8.28
CA ASP C 88 -0.06 40.66 8.93
C ASP C 88 -0.73 41.87 9.58
N ASP C 89 -2.00 42.14 9.28
CA ASP C 89 -2.80 43.25 9.87
C ASP C 89 -3.02 43.00 11.36
N THR C 90 -3.33 44.05 12.10
CA THR C 90 -3.69 44.01 13.53
C THR C 90 -5.16 44.38 13.65
N PRO C 91 -5.87 43.97 14.74
CA PRO C 91 -7.32 44.11 14.82
C PRO C 91 -7.82 45.57 14.83
N GLY C 92 -6.99 46.51 15.29
CA GLY C 92 -7.31 47.95 15.37
C GLY C 92 -7.59 48.56 14.01
N LYS C 93 -7.07 47.95 12.94
CA LYS C 93 -7.26 48.40 11.54
C LYS C 93 -8.74 48.30 11.15
N TYR C 94 -9.49 47.37 11.76
CA TYR C 94 -10.90 47.04 11.42
C TYR C 94 -11.83 47.41 12.58
N TRP C 95 -11.49 47.00 13.80
CA TRP C 95 -12.19 47.43 15.04
C TRP C 95 -11.50 48.70 15.56
N LYS C 96 -11.97 49.85 15.09
CA LYS C 96 -11.28 51.17 15.25
C LYS C 96 -11.08 51.48 16.74
N GLU C 97 -11.98 51.03 17.60
CA GLU C 97 -11.96 51.30 19.06
C GLU C 97 -10.76 50.59 19.72
N LEU C 98 -10.09 49.68 19.01
CA LEU C 98 -8.88 48.95 19.50
C LEU C 98 -7.60 49.58 18.89
N LYS C 99 -7.72 50.55 18.00
CA LYS C 99 -6.54 51.21 17.35
C LYS C 99 -5.65 51.81 18.46
N ASN C 100 -4.34 51.56 18.37
CA ASN C 100 -3.29 52.10 19.28
C ASN C 100 -3.44 51.54 20.69
N THR C 101 -4.10 50.40 20.87
CA THR C 101 -4.24 49.68 22.18
C THR C 101 -3.28 48.50 22.16
N PRO C 102 -2.86 47.94 23.32
CA PRO C 102 -1.88 46.86 23.35
C PRO C 102 -2.22 45.63 22.48
N ILE C 103 -3.50 45.23 22.41
CA ILE C 103 -3.98 44.08 21.60
C ILE C 103 -3.71 44.36 20.11
N ASP C 104 -3.59 45.64 19.72
CA ASP C 104 -3.32 46.08 18.33
C ASP C 104 -1.86 45.79 17.94
N GLN C 105 -1.07 45.17 18.82
CA GLN C 105 0.31 44.68 18.54
C GLN C 105 0.29 43.20 18.12
N VAL C 106 -0.88 42.55 18.16
CA VAL C 106 -1.06 41.11 17.78
C VAL C 106 -1.64 41.08 16.36
N ASN C 107 -1.09 40.26 15.46
CA ASN C 107 -1.59 40.21 14.05
C ASN C 107 -2.72 39.17 13.98
N LEU C 108 -3.44 39.16 12.85
CA LEU C 108 -4.67 38.35 12.67
C LEU C 108 -4.31 36.86 12.67
N LEU C 109 -3.16 36.50 12.08
CA LEU C 109 -2.69 35.09 12.04
C LEU C 109 -2.43 34.60 13.46
N GLN C 110 -1.83 35.43 14.31
CA GLN C 110 -1.51 35.08 15.71
C GLN C 110 -2.80 34.89 16.52
N LEU C 111 -3.80 35.73 16.29
CA LEU C 111 -5.15 35.59 16.93
C LEU C 111 -5.78 34.27 16.47
N ALA C 112 -5.77 34.00 15.17
CA ALA C 112 -6.39 32.81 14.54
C ALA C 112 -5.73 31.53 15.06
N THR C 113 -4.42 31.57 15.36
CA THR C 113 -3.61 30.37 15.70
C THR C 113 -3.14 30.42 17.17
N TYR C 114 -3.79 31.24 17.99
CA TYR C 114 -3.76 31.17 19.48
C TYR C 114 -2.39 31.53 20.09
N THR C 115 -1.64 32.47 19.49
CA THR C 115 -0.25 32.80 19.94
C THR C 115 -0.14 34.26 20.39
N SER C 116 -1.23 34.88 20.87
CA SER C 116 -1.24 36.24 21.47
C SER C 116 -0.31 36.28 22.70
N GLY C 117 -0.14 35.15 23.38
CA GLY C 117 0.71 35.00 24.57
C GLY C 117 -0.02 35.29 25.88
N ASN C 118 -1.31 35.66 25.83
CA ASN C 118 -2.10 35.96 27.05
C ASN C 118 -3.61 35.90 26.78
N LEU C 119 -4.09 34.79 26.21
CA LEU C 119 -5.55 34.52 26.08
C LEU C 119 -5.82 33.06 26.42
N ALA C 120 -6.71 32.84 27.39
CA ALA C 120 -7.09 31.52 27.95
C ALA C 120 -8.18 30.88 27.08
N LEU C 121 -8.57 29.64 27.42
CA LEU C 121 -9.61 28.87 26.70
C LEU C 121 -10.91 29.69 26.61
N GLN C 122 -11.36 30.26 27.74
CA GLN C 122 -12.64 31.00 27.82
C GLN C 122 -12.40 32.44 28.26
N PHE C 123 -13.29 33.36 27.85
CA PHE C 123 -13.48 34.68 28.52
C PHE C 123 -13.81 34.43 29.99
N PRO C 124 -13.55 35.39 30.90
CA PRO C 124 -14.13 35.33 32.24
C PRO C 124 -15.66 35.26 32.17
N ASP C 125 -16.29 34.53 33.10
CA ASP C 125 -17.76 34.32 33.15
C ASP C 125 -18.48 35.68 33.10
N GLU C 126 -17.92 36.71 33.75
CA GLU C 126 -18.49 38.09 33.86
C GLU C 126 -18.68 38.73 32.49
N VAL C 127 -17.81 38.44 31.52
CA VAL C 127 -17.85 39.05 30.15
C VAL C 127 -19.02 38.43 29.37
N GLN C 128 -20.03 39.22 29.02
CA GLN C 128 -21.27 38.75 28.33
C GLN C 128 -21.64 39.68 27.18
N THR C 129 -21.79 40.98 27.46
CA THR C 129 -22.31 41.99 26.48
C THR C 129 -21.19 42.40 25.51
N ASP C 130 -21.56 43.07 24.42
CA ASP C 130 -20.64 43.58 23.38
C ASP C 130 -19.70 44.61 24.01
N GLN C 131 -20.23 45.48 24.89
CA GLN C 131 -19.46 46.54 25.59
C GLN C 131 -18.42 45.89 26.51
N GLN C 132 -18.79 44.80 27.19
CA GLN C 132 -17.92 44.06 28.12
C GLN C 132 -16.80 43.35 27.33
N VAL C 133 -17.10 42.87 26.12
CA VAL C 133 -16.12 42.23 25.21
C VAL C 133 -15.12 43.30 24.75
N LEU C 134 -15.61 44.46 24.31
CA LEU C 134 -14.76 45.59 23.84
C LEU C 134 -13.84 46.03 24.97
N THR C 135 -14.42 46.31 26.14
CA THR C 135 -13.70 46.71 27.38
C THR C 135 -12.59 45.70 27.66
N PHE C 136 -12.87 44.41 27.57
CA PHE C 136 -11.92 43.31 27.86
C PHE C 136 -10.68 43.42 26.97
N PHE C 137 -10.87 43.65 25.66
CA PHE C 137 -9.77 43.75 24.66
C PHE C 137 -9.03 45.08 24.80
N LYS C 138 -9.74 46.17 25.12
CA LYS C 138 -9.13 47.50 25.39
C LYS C 138 -8.17 47.38 26.59
N ASP C 139 -8.56 46.64 27.62
CA ASP C 139 -7.82 46.51 28.91
C ASP C 139 -6.76 45.41 28.82
N TRP C 140 -6.74 44.64 27.73
CA TRP C 140 -5.80 43.50 27.53
C TRP C 140 -4.35 44.03 27.51
N LYS C 141 -3.44 43.31 28.17
CA LYS C 141 -1.98 43.59 28.17
C LYS C 141 -1.25 42.28 27.88
N PRO C 142 -0.08 42.32 27.18
CA PRO C 142 0.67 41.11 26.85
C PRO C 142 1.22 40.40 28.09
N LYS C 143 1.67 39.14 27.93
CA LYS C 143 2.32 38.34 29.00
C LYS C 143 3.53 37.64 28.39
N ASN C 144 3.33 36.50 27.72
CA ASN C 144 4.41 35.75 27.03
C ASN C 144 4.81 36.52 25.77
N PRO C 145 6.06 36.35 25.27
CA PRO C 145 6.46 36.95 24.00
C PRO C 145 5.46 36.57 22.90
N ILE C 146 4.93 37.56 22.18
CA ILE C 146 3.87 37.38 21.16
C ILE C 146 4.40 36.44 20.07
N GLY C 147 3.64 35.37 19.78
CA GLY C 147 3.90 34.46 18.65
C GLY C 147 4.71 33.24 19.06
N GLU C 148 5.22 33.20 20.30
CA GLU C 148 6.13 32.12 20.78
C GLU C 148 5.34 31.00 21.46
N TYR C 149 4.18 31.29 22.07
CA TYR C 149 3.45 30.31 22.90
C TYR C 149 2.02 30.08 22.36
N ARG C 150 1.68 28.82 22.14
CA ARG C 150 0.31 28.43 21.74
C ARG C 150 -0.52 28.13 23.00
N GLN C 151 -1.60 28.88 23.19
CA GLN C 151 -2.64 28.55 24.20
C GLN C 151 -4.01 28.55 23.51
N TYR C 152 -4.57 27.36 23.31
CA TYR C 152 -5.89 27.13 22.68
C TYR C 152 -6.92 28.05 23.35
N SER C 153 -7.59 28.90 22.57
CA SER C 153 -8.36 30.06 23.10
C SER C 153 -9.57 30.43 22.22
N ASN C 154 -10.76 30.44 22.82
CA ASN C 154 -12.01 30.91 22.19
C ASN C 154 -11.96 32.42 21.96
N PRO C 155 -11.59 33.25 22.97
CA PRO C 155 -11.48 34.69 22.75
C PRO C 155 -10.50 35.05 21.60
N SER C 156 -9.41 34.31 21.45
CA SER C 156 -8.35 34.56 20.43
C SER C 156 -8.95 34.43 19.03
N ILE C 157 -9.52 33.27 18.69
CA ILE C 157 -10.10 33.03 17.34
C ILE C 157 -11.44 33.74 17.24
N GLY C 158 -12.12 33.99 18.37
CA GLY C 158 -13.35 34.81 18.42
C GLY C 158 -13.08 36.22 17.93
N LEU C 159 -12.00 36.85 18.40
CA LEU C 159 -11.61 38.22 17.97
C LEU C 159 -11.25 38.18 16.48
N PHE C 160 -10.53 37.16 16.03
CA PHE C 160 -10.19 36.96 14.60
C PHE C 160 -11.48 36.94 13.78
N GLY C 161 -12.46 36.13 14.22
CA GLY C 161 -13.79 36.04 13.58
C GLY C 161 -14.47 37.39 13.47
N LYS C 162 -14.54 38.14 14.57
CA LYS C 162 -15.20 39.47 14.62
C LYS C 162 -14.53 40.42 13.62
N VAL C 163 -13.19 40.41 13.56
CA VAL C 163 -12.37 41.26 12.64
C VAL C 163 -12.69 40.88 11.18
N VAL C 164 -12.72 39.57 10.88
CA VAL C 164 -13.06 39.07 9.51
C VAL C 164 -14.43 39.63 9.12
N ALA C 165 -15.39 39.58 10.04
CA ALA C 165 -16.78 40.05 9.81
C ALA C 165 -16.77 41.56 9.52
N LEU C 166 -16.06 42.35 10.34
CA LEU C 166 -15.92 43.82 10.11
C LEU C 166 -15.33 44.09 8.73
N SER C 167 -14.34 43.29 8.30
CA SER C 167 -13.63 43.43 7.00
C SER C 167 -14.59 43.21 5.83
N MET C 168 -15.65 42.42 6.03
CA MET C 168 -16.64 42.08 4.97
C MET C 168 -17.92 42.89 5.18
N ASN C 169 -17.92 43.81 6.16
CA ASN C 169 -19.02 44.79 6.41
C ASN C 169 -20.34 44.06 6.67
N LYS C 170 -20.29 42.89 7.31
CA LYS C 170 -21.50 42.11 7.69
C LYS C 170 -21.25 41.49 9.06
N PRO C 171 -22.30 41.28 9.89
CA PRO C 171 -22.14 40.55 11.14
C PRO C 171 -21.67 39.12 10.81
N PHE C 172 -20.93 38.50 11.74
CA PHE C 172 -20.28 37.18 11.55
C PHE C 172 -21.32 36.13 11.16
N ASP C 173 -22.52 36.16 11.77
CA ASP C 173 -23.59 35.16 11.51
C ASP C 173 -23.95 35.22 10.02
N GLN C 174 -24.02 36.42 9.43
CA GLN C 174 -24.38 36.63 8.00
C GLN C 174 -23.21 36.21 7.11
N VAL C 175 -21.97 36.44 7.53
CA VAL C 175 -20.76 36.00 6.78
C VAL C 175 -20.89 34.49 6.49
N LEU C 176 -21.16 33.68 7.52
CA LEU C 176 -21.32 32.20 7.33
C LEU C 176 -22.64 31.90 6.60
N GLU C 177 -23.77 32.44 7.07
CA GLU C 177 -25.11 31.99 6.58
C GLU C 177 -25.37 32.51 5.15
N LYS C 178 -24.87 33.68 4.78
CA LYS C 178 -25.17 34.30 3.46
C LYS C 178 -24.03 34.07 2.45
N THR C 179 -22.77 33.94 2.90
CA THR C 179 -21.59 33.87 1.98
C THR C 179 -20.93 32.48 2.04
N ILE C 180 -20.43 32.06 3.21
CA ILE C 180 -19.53 30.88 3.31
C ILE C 180 -20.32 29.57 3.13
N PHE C 181 -21.43 29.38 3.85
CA PHE C 181 -22.22 28.12 3.82
C PHE C 181 -22.74 27.88 2.39
N PRO C 182 -23.37 28.89 1.73
CA PRO C 182 -23.84 28.71 0.35
C PRO C 182 -22.73 28.39 -0.64
N ALA C 183 -21.56 29.04 -0.50
CA ALA C 183 -20.36 28.81 -1.35
C ALA C 183 -19.89 27.35 -1.22
N LEU C 184 -20.05 26.76 -0.02
CA LEU C 184 -19.65 25.35 0.26
C LEU C 184 -20.81 24.39 -0.08
N GLY C 185 -21.96 24.93 -0.51
CA GLY C 185 -23.15 24.14 -0.89
C GLY C 185 -23.81 23.49 0.32
N LEU C 186 -23.74 24.11 1.49
CA LEU C 186 -24.37 23.61 2.74
C LEU C 186 -25.80 24.17 2.83
N LYS C 187 -26.79 23.29 3.05
CA LYS C 187 -28.24 23.61 3.00
C LYS C 187 -28.81 23.78 4.43
N HIS C 188 -28.24 23.07 5.42
CA HIS C 188 -28.80 23.00 6.80
C HIS C 188 -27.68 23.22 7.83
N SER C 189 -26.88 24.25 7.63
CA SER C 189 -25.81 24.69 8.56
C SER C 189 -26.15 26.11 9.03
N TYR C 190 -26.07 26.34 10.34
CA TYR C 190 -26.61 27.53 11.00
C TYR C 190 -25.66 28.00 12.10
N VAL C 191 -25.62 29.33 12.29
CA VAL C 191 -25.20 29.99 13.54
C VAL C 191 -26.45 30.08 14.43
N ASN C 192 -27.58 30.48 13.84
CA ASN C 192 -28.90 30.61 14.52
C ASN C 192 -29.89 29.66 13.82
N VAL C 193 -30.28 28.57 14.47
CA VAL C 193 -31.26 27.59 13.91
C VAL C 193 -32.62 28.27 13.84
N PRO C 194 -33.22 28.43 12.64
CA PRO C 194 -34.51 29.09 12.50
C PRO C 194 -35.67 28.24 13.06
N LYS C 195 -36.80 28.90 13.35
CA LYS C 195 -38.03 28.32 13.93
C LYS C 195 -38.42 27.05 13.16
N THR C 196 -38.30 27.07 11.83
CA THR C 196 -38.74 26.01 10.90
C THR C 196 -37.82 24.77 11.01
N GLN C 197 -36.67 24.86 11.67
CA GLN C 197 -35.69 23.74 11.77
C GLN C 197 -35.54 23.27 13.22
N MET C 198 -36.21 23.90 14.19
CA MET C 198 -36.08 23.55 15.63
C MET C 198 -36.50 22.09 15.85
N GLN C 199 -37.45 21.59 15.07
CA GLN C 199 -37.91 20.17 15.08
C GLN C 199 -36.76 19.20 14.75
N ASN C 200 -35.73 19.67 14.02
CA ASN C 200 -34.59 18.81 13.57
C ASN C 200 -33.37 19.02 14.49
N TYR C 201 -33.41 20.00 15.38
CA TYR C 201 -32.30 20.32 16.32
C TYR C 201 -32.34 19.30 17.45
N ALA C 202 -31.33 18.42 17.48
CA ALA C 202 -31.16 17.41 18.55
C ALA C 202 -31.06 18.15 19.89
N PHE C 203 -31.52 17.49 20.96
CA PHE C 203 -31.05 17.81 22.33
C PHE C 203 -29.63 17.25 22.47
N GLY C 204 -28.75 18.04 23.08
CA GLY C 204 -27.53 17.54 23.74
C GLY C 204 -27.91 16.93 25.07
N TYR C 205 -27.07 16.04 25.57
CA TYR C 205 -27.25 15.39 26.89
C TYR C 205 -25.96 15.54 27.67
N ASN C 206 -26.07 16.04 28.90
CA ASN C 206 -24.92 16.31 29.79
C ASN C 206 -24.53 14.98 30.45
N GLN C 207 -23.59 15.00 31.40
CA GLN C 207 -23.05 13.75 31.99
C GLN C 207 -24.10 13.09 32.91
N GLU C 208 -25.19 13.78 33.24
CA GLU C 208 -26.35 13.23 34.00
C GLU C 208 -27.49 12.86 33.04
N ASN C 209 -27.23 12.85 31.73
CA ASN C 209 -28.22 12.56 30.64
C ASN C 209 -29.44 13.49 30.76
N GLN C 210 -29.22 14.74 31.16
CA GLN C 210 -30.24 15.81 31.08
C GLN C 210 -30.10 16.51 29.73
N PRO C 211 -31.26 16.78 29.07
CA PRO C 211 -31.27 17.49 27.80
C PRO C 211 -30.83 18.95 27.97
N ILE C 212 -29.96 19.41 27.07
CA ILE C 212 -29.36 20.77 27.12
C ILE C 212 -28.97 21.16 25.70
N ARG C 213 -28.94 22.47 25.46
CA ARG C 213 -28.40 23.08 24.23
C ARG C 213 -27.43 24.18 24.64
N VAL C 214 -26.59 24.62 23.71
CA VAL C 214 -25.49 25.57 23.99
C VAL C 214 -26.12 26.90 24.43
N ASN C 215 -25.54 27.54 25.44
CA ASN C 215 -25.97 28.90 25.91
C ASN C 215 -25.30 29.95 25.06
N PRO C 216 -25.99 31.08 24.77
CA PRO C 216 -25.35 32.23 24.14
C PRO C 216 -24.15 32.67 25.00
N GLY C 217 -23.09 33.16 24.35
CA GLY C 217 -21.87 33.65 25.02
C GLY C 217 -21.13 34.68 24.19
N PRO C 218 -20.10 35.34 24.76
CA PRO C 218 -19.35 36.37 24.04
C PRO C 218 -18.52 35.77 22.89
N LEU C 219 -18.73 36.30 21.68
CA LEU C 219 -18.11 35.83 20.40
C LEU C 219 -18.26 34.31 20.30
N ASP C 220 -19.44 33.79 20.62
CA ASP C 220 -19.74 32.33 20.59
C ASP C 220 -19.67 31.81 19.15
N ALA C 221 -20.27 32.51 18.20
CA ALA C 221 -20.47 32.04 16.81
C ALA C 221 -19.13 31.61 16.22
N PRO C 222 -18.09 32.48 16.18
CA PRO C 222 -16.82 32.10 15.56
C PRO C 222 -16.02 31.02 16.32
N ALA C 223 -16.28 30.84 17.62
CA ALA C 223 -15.49 29.94 18.49
C ALA C 223 -16.14 28.55 18.59
N TYR C 224 -17.46 28.46 18.74
CA TYR C 224 -18.15 27.17 19.01
C TYR C 224 -19.64 27.20 18.65
N GLY C 225 -20.10 28.10 17.78
CA GLY C 225 -21.52 28.45 17.65
C GLY C 225 -22.22 27.89 16.42
N VAL C 226 -21.58 26.98 15.67
CA VAL C 226 -22.17 26.46 14.40
C VAL C 226 -22.90 25.14 14.69
N LYS C 227 -24.04 24.94 14.04
CA LYS C 227 -24.82 23.68 14.08
C LYS C 227 -25.00 23.20 12.64
N SER C 228 -24.93 21.89 12.43
CA SER C 228 -24.94 21.28 11.08
C SER C 228 -25.50 19.85 11.12
N THR C 229 -25.77 19.30 9.95
CA THR C 229 -26.27 17.92 9.75
C THR C 229 -25.11 17.06 9.25
N LEU C 230 -25.24 15.74 9.28
CA LEU C 230 -24.17 14.83 8.77
C LEU C 230 -23.94 15.06 7.28
N PRO C 231 -24.99 15.16 6.44
CA PRO C 231 -24.78 15.41 5.01
C PRO C 231 -24.00 16.70 4.72
N ASP C 232 -24.29 17.76 5.47
CA ASP C 232 -23.60 19.07 5.31
C ASP C 232 -22.13 18.91 5.69
N MET C 233 -21.84 18.21 6.79
CA MET C 233 -20.45 18.05 7.26
C MET C 233 -19.68 17.16 6.26
N LEU C 234 -20.35 16.21 5.61
CA LEU C 234 -19.72 15.37 4.55
C LEU C 234 -19.44 16.22 3.31
N SER C 235 -20.34 17.14 2.97
CA SER C 235 -20.13 18.13 1.89
C SER C 235 -18.93 19.00 2.22
N PHE C 236 -18.81 19.44 3.47
CA PHE C 236 -17.67 20.26 3.94
C PHE C 236 -16.36 19.48 3.79
N ILE C 237 -16.34 18.21 4.19
CA ILE C 237 -15.13 17.34 4.03
C ILE C 237 -14.84 17.14 2.54
N HIS C 238 -15.88 16.98 1.71
CA HIS C 238 -15.72 16.84 0.24
C HIS C 238 -14.99 18.06 -0.32
N ALA C 239 -15.42 19.26 0.07
CA ALA C 239 -14.83 20.55 -0.37
C ALA C 239 -13.35 20.60 0.05
N ASN C 240 -13.02 20.14 1.25
CA ASN C 240 -11.62 20.11 1.77
C ASN C 240 -10.79 19.09 0.97
N LEU C 241 -11.39 17.99 0.53
CA LEU C 241 -10.69 16.94 -0.27
C LEU C 241 -10.57 17.35 -1.74
N ASN C 242 -11.48 18.19 -2.25
CA ASN C 242 -11.58 18.57 -3.69
C ASN C 242 -11.85 20.06 -3.87
N PRO C 243 -10.96 20.95 -3.36
CA PRO C 243 -11.19 22.40 -3.47
C PRO C 243 -11.33 22.89 -4.92
N GLN C 244 -10.69 22.19 -5.87
CA GLN C 244 -10.66 22.52 -7.33
C GLN C 244 -12.08 22.55 -7.94
N LYS C 245 -13.06 21.85 -7.36
CA LYS C 245 -14.41 21.73 -8.00
C LYS C 245 -15.32 22.89 -7.57
N TYR C 246 -14.85 23.77 -6.67
CA TYR C 246 -15.66 24.85 -6.05
C TYR C 246 -15.30 26.20 -6.68
N PRO C 247 -16.10 27.27 -6.46
CA PRO C 247 -15.74 28.60 -6.95
C PRO C 247 -14.33 29.01 -6.52
N THR C 248 -13.63 29.81 -7.34
CA THR C 248 -12.22 30.23 -7.11
C THR C 248 -12.06 30.81 -5.70
N ASP C 249 -12.98 31.67 -5.29
CA ASP C 249 -12.98 32.41 -4.00
C ASP C 249 -12.89 31.42 -2.83
N ILE C 250 -13.76 30.41 -2.79
CA ILE C 250 -13.86 29.45 -1.66
C ILE C 250 -12.76 28.39 -1.80
N GLN C 251 -12.34 28.06 -3.03
CA GLN C 251 -11.17 27.17 -3.30
C GLN C 251 -9.93 27.73 -2.60
N ARG C 252 -9.64 29.02 -2.77
CA ARG C 252 -8.45 29.70 -2.19
C ARG C 252 -8.62 29.76 -0.67
N ALA C 253 -9.84 30.03 -0.20
CA ALA C 253 -10.21 30.04 1.24
C ALA C 253 -9.84 28.70 1.88
N ILE C 254 -10.28 27.59 1.27
CA ILE C 254 -10.02 26.20 1.76
C ILE C 254 -8.53 25.92 1.75
N ASN C 255 -7.83 26.23 0.66
CA ASN C 255 -6.36 25.98 0.53
C ASN C 255 -5.62 26.78 1.62
N GLU C 256 -6.07 28.00 1.91
CA GLU C 256 -5.49 28.84 2.99
C GLU C 256 -5.55 28.11 4.33
N THR C 257 -6.64 27.38 4.62
CA THR C 257 -6.87 26.71 5.92
C THR C 257 -5.96 25.48 6.05
N HIS C 258 -5.42 24.96 4.93
CA HIS C 258 -4.58 23.73 4.91
C HIS C 258 -3.10 24.06 5.15
N GLN C 259 -2.71 25.34 5.14
CA GLN C 259 -1.28 25.76 5.23
C GLN C 259 -0.86 25.74 6.71
N GLY C 260 0.04 24.83 7.08
CA GLY C 260 0.69 24.81 8.41
C GLY C 260 1.42 26.11 8.68
N ARG C 261 1.31 26.64 9.89
CA ARG C 261 1.88 27.98 10.25
C ARG C 261 3.04 27.80 11.23
N TYR C 262 2.99 26.76 12.07
CA TYR C 262 4.04 26.43 13.05
C TYR C 262 3.84 25.00 13.55
N GLN C 263 4.80 24.52 14.34
CA GLN C 263 4.82 23.17 14.93
C GLN C 263 4.67 23.28 16.45
N VAL C 264 3.91 22.37 17.05
CA VAL C 264 4.02 22.00 18.48
C VAL C 264 4.28 20.49 18.52
N ASN C 265 5.57 20.14 18.55
CA ASN C 265 6.09 18.78 18.34
C ASN C 265 5.61 18.27 16.98
N THR C 266 4.78 17.22 16.97
CA THR C 266 4.31 16.48 15.77
C THR C 266 3.02 17.08 15.23
N MET C 267 2.40 18.02 15.95
CA MET C 267 1.17 18.72 15.50
C MET C 267 1.56 20.01 14.78
N TYR C 268 1.11 20.16 13.54
CA TYR C 268 1.23 21.42 12.76
C TYR C 268 -0.08 22.18 12.90
N GLN C 269 -0.02 23.42 13.37
CA GLN C 269 -1.21 24.29 13.50
C GLN C 269 -1.44 24.93 12.14
N ALA C 270 -2.51 24.54 11.44
CA ALA C 270 -3.02 25.28 10.27
C ALA C 270 -4.07 26.26 10.74
N LEU C 271 -4.83 26.85 9.82
CA LEU C 271 -5.94 27.77 10.17
C LEU C 271 -7.14 26.92 10.56
N GLY C 272 -7.44 26.85 11.87
CA GLY C 272 -8.50 26.00 12.45
C GLY C 272 -8.07 24.54 12.49
N TRP C 273 -7.78 23.96 11.33
CA TRP C 273 -7.33 22.55 11.20
C TRP C 273 -6.03 22.33 11.97
N GLU C 274 -5.91 21.16 12.59
CA GLU C 274 -4.65 20.55 13.05
C GLU C 274 -4.13 19.66 11.91
N GLU C 275 -2.84 19.73 11.61
CA GLU C 275 -2.21 19.05 10.45
C GLU C 275 -1.11 18.11 10.96
N PHE C 276 -0.97 16.95 10.32
CA PHE C 276 0.00 15.89 10.69
C PHE C 276 0.63 15.33 9.42
N SER C 277 1.87 14.86 9.56
CA SER C 277 2.53 14.00 8.53
C SER C 277 1.72 12.71 8.42
N TYR C 278 1.37 12.30 7.20
CA TYR C 278 0.66 11.03 6.91
C TYR C 278 1.62 10.03 6.28
N PRO C 279 1.65 8.75 6.73
CA PRO C 279 0.75 8.26 7.77
C PRO C 279 1.18 8.77 9.16
N ALA C 280 0.20 8.98 10.05
CA ALA C 280 0.40 9.39 11.45
C ALA C 280 0.18 8.17 12.35
N THR C 281 0.94 8.04 13.44
CA THR C 281 0.64 7.02 14.50
C THR C 281 -0.60 7.49 15.28
N LEU C 282 -1.35 6.54 15.83
CA LEU C 282 -2.53 6.83 16.69
C LEU C 282 -2.11 7.81 17.79
N GLN C 283 -0.95 7.58 18.43
CA GLN C 283 -0.52 8.39 19.59
C GLN C 283 -0.23 9.84 19.16
N THR C 284 0.29 10.06 17.96
CA THR C 284 0.49 11.43 17.39
C THR C 284 -0.86 12.16 17.37
N LEU C 285 -1.90 11.49 16.88
CA LEU C 285 -3.26 12.10 16.77
C LEU C 285 -3.85 12.31 18.17
N LEU C 286 -3.64 11.36 19.08
CA LEU C 286 -4.11 11.47 20.50
C LEU C 286 -3.39 12.62 21.22
N ASP C 287 -2.08 12.77 21.01
CA ASP C 287 -1.24 13.82 21.65
C ASP C 287 -1.74 15.22 21.28
N SER C 288 -2.29 15.40 20.07
CA SER C 288 -2.84 16.69 19.60
C SER C 288 -3.93 17.19 20.55
N ASN C 289 -4.60 16.30 21.28
CA ASN C 289 -5.75 16.65 22.17
C ASN C 289 -5.47 16.18 23.60
N SER C 290 -4.20 15.98 23.97
CA SER C 290 -3.74 15.78 25.36
C SER C 290 -4.03 17.05 26.16
N GLU C 291 -4.20 16.95 27.48
CA GLU C 291 -4.48 18.14 28.33
C GLU C 291 -3.34 19.15 28.20
N GLN C 292 -2.09 18.67 28.06
CA GLN C 292 -0.88 19.53 27.91
C GLN C 292 -1.05 20.46 26.70
N ILE C 293 -1.51 19.93 25.57
CA ILE C 293 -1.65 20.68 24.28
C ILE C 293 -2.90 21.57 24.35
N VAL C 294 -4.02 21.06 24.87
CA VAL C 294 -5.35 21.75 24.83
C VAL C 294 -5.43 22.84 25.90
N MET C 295 -4.93 22.57 27.12
CA MET C 295 -5.28 23.38 28.32
C MET C 295 -4.11 24.27 28.78
N LYS C 296 -2.87 23.95 28.38
CA LYS C 296 -1.65 24.65 28.88
C LYS C 296 -0.98 25.41 27.75
N PRO C 297 -0.15 26.43 28.05
CA PRO C 297 0.64 27.10 27.03
C PRO C 297 1.78 26.17 26.59
N ASN C 298 2.14 26.23 25.30
CA ASN C 298 3.22 25.39 24.72
C ASN C 298 4.05 26.25 23.75
N LYS C 299 5.37 26.25 23.94
CA LYS C 299 6.30 27.00 23.06
C LYS C 299 6.22 26.40 21.66
N VAL C 300 6.00 27.23 20.65
CA VAL C 300 5.92 26.78 19.22
C VAL C 300 7.34 26.83 18.64
N THR C 301 7.59 26.02 17.62
CA THR C 301 8.79 26.03 16.76
C THR C 301 8.34 26.31 15.32
N ALA C 302 9.19 26.94 14.52
CA ALA C 302 8.98 27.05 13.06
C ALA C 302 8.86 25.64 12.49
N ILE C 303 8.07 25.46 11.43
CA ILE C 303 8.03 24.19 10.65
C ILE C 303 9.42 23.90 10.10
N SER C 304 9.97 22.74 10.46
CA SER C 304 11.25 22.21 9.96
C SER C 304 10.94 21.21 8.83
N LYS C 305 10.37 20.05 9.17
CA LYS C 305 9.87 19.07 8.17
C LYS C 305 8.54 19.60 7.63
N GLU C 306 8.50 20.13 6.41
CA GLU C 306 7.24 20.48 5.70
C GLU C 306 6.61 19.16 5.25
N PRO C 307 5.44 18.75 5.78
CA PRO C 307 4.92 17.40 5.50
C PRO C 307 4.60 17.28 4.00
N SER C 308 5.15 16.26 3.31
CA SER C 308 4.96 16.07 1.85
C SER C 308 3.54 15.56 1.61
N VAL C 309 3.13 14.57 2.40
CA VAL C 309 1.77 13.96 2.44
C VAL C 309 1.21 14.19 3.84
N LYS C 310 0.00 14.76 3.93
CA LYS C 310 -0.54 15.28 5.22
C LYS C 310 -1.94 14.72 5.46
N MET C 311 -2.36 14.73 6.73
CA MET C 311 -3.78 14.55 7.12
C MET C 311 -4.14 15.68 8.08
N TYR C 312 -5.44 15.90 8.25
CA TYR C 312 -5.98 17.02 9.06
C TYR C 312 -7.11 16.48 9.93
N HIS C 313 -7.24 16.99 11.15
CA HIS C 313 -8.41 16.69 12.01
C HIS C 313 -8.76 17.89 12.90
N LYS C 314 -9.92 17.80 13.54
CA LYS C 314 -10.37 18.76 14.56
C LYS C 314 -11.43 18.07 15.42
N THR C 315 -11.30 18.18 16.74
CA THR C 315 -12.36 17.78 17.70
C THR C 315 -13.21 19.02 18.01
N GLY C 316 -14.41 18.78 18.51
CA GLY C 316 -15.31 19.83 18.99
C GLY C 316 -16.22 19.29 20.06
N SER C 317 -16.49 20.10 21.08
CA SER C 317 -17.40 19.75 22.19
C SER C 317 -18.19 20.98 22.61
N THR C 318 -19.48 20.79 22.90
CA THR C 318 -20.31 21.67 23.77
C THR C 318 -20.66 20.86 25.00
N SER C 319 -21.44 21.41 25.92
CA SER C 319 -21.85 20.69 27.15
C SER C 319 -22.56 19.38 26.77
N GLY C 320 -23.30 19.36 25.66
CA GLY C 320 -24.16 18.22 25.30
C GLY C 320 -23.79 17.50 24.01
N PHE C 321 -22.74 17.92 23.30
CA PHE C 321 -22.40 17.38 21.95
C PHE C 321 -20.90 17.14 21.79
N GLY C 322 -20.55 16.05 21.09
CA GLY C 322 -19.19 15.73 20.64
C GLY C 322 -19.10 15.69 19.12
N THR C 323 -18.02 16.24 18.57
CA THR C 323 -17.75 16.25 17.11
C THR C 323 -16.30 15.83 16.86
N TYR C 324 -16.07 15.14 15.74
CA TYR C 324 -14.72 14.85 15.22
C TYR C 324 -14.79 14.78 13.69
N VAL C 325 -13.90 15.51 13.03
CA VAL C 325 -13.74 15.51 11.54
C VAL C 325 -12.26 15.25 11.24
N VAL C 326 -12.00 14.42 10.24
CA VAL C 326 -10.63 14.01 9.80
C VAL C 326 -10.67 13.78 8.29
N PHE C 327 -9.65 14.21 7.56
CA PHE C 327 -9.53 13.88 6.12
C PHE C 327 -8.06 13.70 5.74
N ILE C 328 -7.84 12.93 4.69
CA ILE C 328 -6.51 12.48 4.17
C ILE C 328 -6.53 12.67 2.66
N PRO C 329 -6.08 13.83 2.14
CA PRO C 329 -6.15 14.12 0.70
C PRO C 329 -5.61 13.00 -0.19
N LYS C 330 -4.44 12.44 0.17
CA LYS C 330 -3.70 11.42 -0.62
C LYS C 330 -4.61 10.19 -0.85
N GLU C 331 -5.40 9.80 0.16
CA GLU C 331 -6.26 8.58 0.12
C GLU C 331 -7.68 8.97 -0.32
N ASN C 332 -7.94 10.26 -0.51
CA ASN C 332 -9.24 10.82 -0.95
C ASN C 332 -10.34 10.31 0.00
N ILE C 333 -10.10 10.36 1.31
CA ILE C 333 -11.02 9.80 2.33
C ILE C 333 -11.15 10.78 3.50
N GLY C 334 -12.31 10.76 4.15
CA GLY C 334 -12.55 11.53 5.38
C GLY C 334 -13.67 10.93 6.18
N LEU C 335 -13.80 11.36 7.43
CA LEU C 335 -14.84 10.85 8.36
C LEU C 335 -15.35 12.02 9.21
N VAL C 336 -16.65 11.99 9.50
CA VAL C 336 -17.34 12.92 10.42
C VAL C 336 -18.05 12.06 11.46
N MET C 337 -17.86 12.38 12.74
CA MET C 337 -18.62 11.79 13.88
C MET C 337 -19.34 12.93 14.61
N LEU C 338 -20.66 12.81 14.76
CA LEU C 338 -21.52 13.73 15.54
C LEU C 338 -22.26 12.91 16.60
N THR C 339 -22.15 13.32 17.87
CA THR C 339 -22.88 12.69 19.01
C THR C 339 -23.62 13.78 19.78
N ASN C 340 -24.76 13.44 20.37
CA ASN C 340 -25.52 14.36 21.25
C ASN C 340 -25.24 13.97 22.71
N LYS C 341 -24.04 13.46 22.96
CA LYS C 341 -23.41 13.40 24.30
C LYS C 341 -21.89 13.39 24.08
N ARG C 342 -21.15 14.14 24.88
CA ARG C 342 -19.67 14.15 24.85
C ARG C 342 -19.18 12.74 25.17
N ILE C 343 -18.24 12.23 24.38
CA ILE C 343 -17.43 11.03 24.70
C ILE C 343 -15.97 11.48 24.66
N PRO C 344 -15.05 10.78 25.35
CA PRO C 344 -13.65 11.23 25.39
C PRO C 344 -13.10 11.39 23.97
N ASN C 345 -12.35 12.47 23.74
CA ASN C 345 -11.67 12.78 22.45
C ASN C 345 -10.90 11.54 21.98
N GLU C 346 -10.18 10.88 22.88
CA GLU C 346 -9.33 9.70 22.54
C GLU C 346 -10.17 8.63 21.83
N GLU C 347 -11.43 8.43 22.25
CA GLU C 347 -12.31 7.36 21.70
C GLU C 347 -12.75 7.72 20.28
N ARG C 348 -12.98 9.02 20.04
CA ARG C 348 -13.38 9.55 18.71
C ARG C 348 -12.23 9.33 17.73
N ILE C 349 -11.03 9.72 18.14
CA ILE C 349 -9.80 9.69 17.29
C ILE C 349 -9.45 8.23 16.99
N LYS C 350 -9.48 7.36 18.00
CA LYS C 350 -9.14 5.92 17.86
C LYS C 350 -10.12 5.23 16.91
N ALA C 351 -11.42 5.42 17.09
CA ALA C 351 -12.46 4.78 16.25
C ALA C 351 -12.23 5.17 14.78
N ALA C 352 -12.04 6.47 14.51
CA ALA C 352 -11.81 7.02 13.16
C ALA C 352 -10.52 6.43 12.57
N TYR C 353 -9.46 6.34 13.37
CA TYR C 353 -8.14 5.79 12.98
C TYR C 353 -8.30 4.35 12.45
N VAL C 354 -8.96 3.48 13.21
CA VAL C 354 -9.17 2.06 12.85
C VAL C 354 -9.95 1.99 11.53
N VAL C 355 -11.05 2.75 11.42
CA VAL C 355 -11.95 2.71 10.22
C VAL C 355 -11.18 3.19 8.99
N LEU C 356 -10.51 4.35 9.06
CA LEU C 356 -9.83 4.94 7.88
C LEU C 356 -8.61 4.08 7.50
N ASN C 357 -7.98 3.38 8.45
CA ASN C 357 -6.82 2.50 8.15
C ASN C 357 -7.29 1.14 7.59
N ALA C 358 -8.52 0.72 7.90
CA ALA C 358 -9.08 -0.59 7.46
C ALA C 358 -9.64 -0.49 6.04
N ILE C 359 -10.10 0.70 5.63
CA ILE C 359 -10.37 1.07 4.21
C ILE C 359 -9.02 1.42 3.55
N LYS C 360 -8.15 0.43 3.32
CA LYS C 360 -6.78 0.60 2.76
C LYS C 360 -5.97 1.55 3.66
N PRO D 5 35.36 -5.27 3.23
CA PRO D 5 35.60 -6.73 3.22
C PRO D 5 35.40 -7.33 1.82
N LYS D 6 34.98 -8.59 1.77
CA LYS D 6 34.44 -9.28 0.56
C LYS D 6 33.43 -8.39 -0.19
N ASP D 7 32.54 -7.71 0.53
CA ASP D 7 31.41 -6.88 0.02
C ASP D 7 31.84 -6.08 -1.22
N GLN D 8 32.92 -5.29 -1.08
CA GLN D 8 33.36 -4.33 -2.13
C GLN D 8 33.99 -5.08 -3.31
N GLU D 9 34.69 -6.20 -3.05
CA GLU D 9 35.37 -7.02 -4.10
C GLU D 9 34.33 -7.68 -5.00
N ILE D 10 33.29 -8.25 -4.39
CA ILE D 10 32.12 -8.88 -5.08
C ILE D 10 31.44 -7.80 -5.93
N LYS D 11 31.09 -6.67 -5.29
CA LYS D 11 30.46 -5.50 -5.96
C LYS D 11 31.26 -5.13 -7.21
N LYS D 12 32.58 -5.01 -7.08
CA LYS D 12 33.47 -4.57 -8.19
C LYS D 12 33.41 -5.59 -9.32
N LEU D 13 33.48 -6.89 -9.00
CA LEU D 13 33.45 -7.98 -10.02
C LEU D 13 32.11 -7.98 -10.76
N VAL D 14 31.01 -7.78 -10.04
CA VAL D 14 29.64 -7.78 -10.64
C VAL D 14 29.49 -6.52 -11.50
N ASP D 15 30.02 -5.38 -11.03
CA ASP D 15 30.02 -4.11 -11.81
C ASP D 15 30.81 -4.30 -13.10
N GLN D 16 31.95 -5.00 -13.05
CA GLN D 16 32.85 -5.19 -14.21
C GLN D 16 32.21 -6.10 -15.26
N ASN D 17 31.41 -7.09 -14.84
CA ASN D 17 30.99 -8.22 -15.71
C ASN D 17 29.49 -8.19 -16.01
N PHE D 18 28.64 -7.76 -15.08
CA PHE D 18 27.17 -7.74 -15.27
C PHE D 18 26.70 -6.35 -15.72
N LYS D 19 27.16 -5.28 -15.05
CA LYS D 19 26.65 -3.89 -15.28
C LYS D 19 26.71 -3.51 -16.75
N PRO D 20 27.79 -3.80 -17.50
CA PRO D 20 27.87 -3.39 -18.91
C PRO D 20 26.80 -4.00 -19.82
N LEU D 21 26.18 -5.11 -19.42
CA LEU D 21 25.12 -5.81 -20.20
C LEU D 21 23.85 -4.94 -20.26
N LEU D 22 23.62 -4.09 -19.25
CA LEU D 22 22.44 -3.18 -19.21
C LEU D 22 22.50 -2.24 -20.42
N GLU D 23 23.62 -1.54 -20.61
CA GLU D 23 23.83 -0.62 -21.76
C GLU D 23 23.84 -1.40 -23.07
N LYS D 24 24.55 -2.53 -23.11
CA LYS D 24 24.78 -3.32 -24.34
C LYS D 24 23.44 -3.82 -24.92
N TYR D 25 22.51 -4.27 -24.07
CA TYR D 25 21.22 -4.88 -24.50
C TYR D 25 20.03 -3.99 -24.13
N ASP D 26 20.29 -2.79 -23.62
CA ASP D 26 19.24 -1.79 -23.25
C ASP D 26 18.27 -2.46 -22.27
N VAL D 27 18.81 -3.01 -21.18
CA VAL D 27 18.05 -3.72 -20.11
C VAL D 27 17.67 -2.70 -19.06
N PRO D 28 16.36 -2.47 -18.78
CA PRO D 28 15.98 -1.48 -17.77
C PRO D 28 16.51 -1.79 -16.37
N GLY D 29 16.39 -3.05 -15.92
CA GLY D 29 16.66 -3.44 -14.52
C GLY D 29 17.33 -4.80 -14.41
N MET D 30 18.14 -4.97 -13.37
CA MET D 30 18.88 -6.22 -13.11
C MET D 30 19.13 -6.35 -11.61
N ALA D 31 19.02 -7.57 -11.10
CA ALA D 31 19.44 -7.95 -9.72
C ALA D 31 20.41 -9.13 -9.85
N VAL D 32 21.60 -8.98 -9.26
CA VAL D 32 22.66 -10.03 -9.23
C VAL D 32 22.98 -10.31 -7.76
N GLY D 33 22.89 -11.59 -7.37
CA GLY D 33 23.21 -12.06 -6.02
C GLY D 33 24.33 -13.08 -6.06
N VAL D 34 25.23 -12.99 -5.10
CA VAL D 34 26.27 -14.03 -4.86
C VAL D 34 26.10 -14.51 -3.43
N ILE D 35 26.21 -15.83 -3.22
CA ILE D 35 26.31 -16.41 -1.86
C ILE D 35 27.64 -17.17 -1.79
N GLN D 36 28.44 -16.87 -0.77
CA GLN D 36 29.77 -17.51 -0.55
C GLN D 36 29.93 -17.72 0.96
N ASN D 37 30.12 -18.98 1.36
CA ASN D 37 30.38 -19.38 2.77
C ASN D 37 29.22 -18.88 3.63
N ASN D 38 27.98 -18.97 3.12
CA ASN D 38 26.73 -18.61 3.83
C ASN D 38 26.60 -17.09 4.03
N LYS D 39 27.41 -16.29 3.33
CA LYS D 39 27.30 -14.80 3.29
C LYS D 39 26.66 -14.40 1.96
N LYS D 40 25.58 -13.63 2.00
CA LYS D 40 24.80 -13.20 0.80
C LYS D 40 25.20 -11.76 0.41
N TYR D 41 25.39 -11.51 -0.88
CA TYR D 41 25.73 -10.19 -1.47
C TYR D 41 24.72 -9.88 -2.58
N GLU D 42 24.05 -8.73 -2.47
CA GLU D 42 22.95 -8.30 -3.38
C GLU D 42 23.37 -7.02 -4.11
N MET D 43 23.31 -7.04 -5.44
CA MET D 43 23.60 -5.88 -6.32
C MET D 43 22.35 -5.58 -7.17
N TYR D 44 21.86 -4.35 -7.14
CA TYR D 44 20.66 -3.90 -7.88
C TYR D 44 21.04 -2.78 -8.84
N TYR D 45 20.51 -2.85 -10.06
CA TYR D 45 20.76 -1.87 -11.15
C TYR D 45 19.44 -1.47 -11.80
N GLY D 46 19.28 -0.18 -12.07
CA GLY D 46 18.24 0.36 -12.96
C GLY D 46 16.85 0.19 -12.39
N LEU D 47 15.86 -0.04 -13.26
CA LEU D 47 14.42 0.21 -12.98
C LEU D 47 13.64 -1.10 -13.09
N GLN D 48 12.78 -1.33 -12.10
CA GLN D 48 11.79 -2.43 -12.06
C GLN D 48 10.63 -2.07 -13.01
N SER D 49 10.29 -0.78 -13.07
CA SER D 49 9.18 -0.24 -13.92
C SER D 49 9.61 1.11 -14.50
N VAL D 50 9.70 1.21 -15.82
CA VAL D 50 10.07 2.47 -16.53
C VAL D 50 8.92 3.46 -16.36
N GLN D 51 7.67 3.00 -16.56
CA GLN D 51 6.47 3.88 -16.50
C GLN D 51 6.30 4.46 -15.08
N ASP D 52 6.54 3.65 -14.04
CA ASP D 52 6.29 4.03 -12.63
C ASP D 52 7.58 4.59 -11.99
N LYS D 53 8.69 4.61 -12.74
CA LYS D 53 9.99 5.19 -12.29
C LYS D 53 10.41 4.53 -10.96
N LYS D 54 10.23 3.22 -10.85
CA LYS D 54 10.60 2.43 -9.65
C LYS D 54 11.96 1.75 -9.88
N ALA D 55 12.91 1.98 -8.97
CA ALA D 55 14.25 1.34 -8.98
C ALA D 55 14.14 -0.12 -8.55
N VAL D 56 14.93 -0.99 -9.17
CA VAL D 56 15.11 -2.39 -8.72
C VAL D 56 15.68 -2.34 -7.31
N ASN D 57 15.11 -3.14 -6.41
CA ASN D 57 15.52 -3.22 -4.98
C ASN D 57 15.26 -4.66 -4.50
N SER D 58 15.56 -4.92 -3.22
CA SER D 58 15.44 -6.25 -2.57
C SER D 58 14.00 -6.76 -2.57
N ASN D 59 13.00 -5.87 -2.74
CA ASN D 59 11.57 -6.25 -2.79
C ASN D 59 11.11 -6.57 -4.23
N THR D 60 11.94 -6.29 -5.24
CA THR D 60 11.52 -6.42 -6.66
C THR D 60 11.26 -7.89 -7.00
N ILE D 61 10.07 -8.17 -7.53
CA ILE D 61 9.66 -9.53 -7.97
C ILE D 61 9.88 -9.66 -9.47
N PHE D 62 10.65 -10.67 -9.88
CA PHE D 62 10.97 -11.00 -11.30
C PHE D 62 10.31 -12.32 -11.67
N GLU D 63 9.97 -12.49 -12.95
CA GLU D 63 9.55 -13.78 -13.54
C GLU D 63 10.79 -14.65 -13.72
N LEU D 64 10.77 -15.88 -13.19
CA LEU D 64 11.92 -16.82 -13.25
C LEU D 64 11.92 -17.60 -14.57
N GLY D 65 10.80 -17.64 -15.29
CA GLY D 65 10.63 -18.50 -16.48
C GLY D 65 10.96 -19.94 -16.13
N SER D 66 11.80 -20.60 -16.94
CA SER D 66 12.11 -22.06 -16.81
C SER D 66 12.85 -22.36 -15.51
N VAL D 67 13.38 -21.36 -14.78
CA VAL D 67 13.95 -21.62 -13.43
C VAL D 67 12.82 -22.08 -12.50
N SER D 68 11.56 -21.81 -12.84
CA SER D 68 10.36 -22.35 -12.16
C SER D 68 10.44 -23.89 -12.09
N LYS D 69 11.02 -24.53 -13.11
CA LYS D 69 11.15 -26.01 -13.21
C LYS D 69 11.91 -26.56 -12.00
N LEU D 70 12.81 -25.77 -11.41
CA LEU D 70 13.61 -26.20 -10.22
C LEU D 70 12.70 -26.39 -9.01
N PHE D 71 11.66 -25.56 -8.88
CA PHE D 71 10.68 -25.65 -7.77
C PHE D 71 9.73 -26.82 -8.04
N THR D 72 9.35 -27.05 -9.30
CA THR D 72 8.53 -28.21 -9.72
C THR D 72 9.28 -29.50 -9.36
N ALA D 73 10.56 -29.57 -9.70
CA ALA D 73 11.48 -30.69 -9.39
C ALA D 73 11.54 -30.90 -7.87
N THR D 74 11.74 -29.81 -7.11
CA THR D 74 11.80 -29.83 -5.63
C THR D 74 10.45 -30.37 -5.08
N ALA D 75 9.32 -29.91 -5.62
CA ALA D 75 7.97 -30.37 -5.24
C ALA D 75 7.84 -31.88 -5.50
N GLY D 76 8.35 -32.34 -6.64
CA GLY D 76 8.38 -33.77 -7.01
C GLY D 76 9.21 -34.57 -6.02
N GLY D 77 10.41 -34.07 -5.67
CA GLY D 77 11.32 -34.69 -4.68
C GLY D 77 10.68 -34.81 -3.31
N TYR D 78 9.90 -33.79 -2.91
CA TYR D 78 9.21 -33.72 -1.61
C TYR D 78 8.10 -34.78 -1.56
N ALA D 79 7.27 -34.83 -2.59
CA ALA D 79 6.12 -35.77 -2.72
C ALA D 79 6.63 -37.22 -2.74
N LYS D 80 7.73 -37.49 -3.43
CA LYS D 80 8.32 -38.86 -3.55
C LYS D 80 8.82 -39.30 -2.17
N ASN D 81 9.54 -38.45 -1.45
CA ASN D 81 10.20 -38.83 -0.17
C ASN D 81 9.16 -38.88 0.97
N LYS D 82 7.98 -38.29 0.77
CA LYS D 82 6.81 -38.43 1.68
C LYS D 82 5.95 -39.62 1.24
N GLY D 83 6.31 -40.29 0.14
CA GLY D 83 5.65 -41.52 -0.34
C GLY D 83 4.35 -41.26 -1.07
N LYS D 84 4.08 -40.01 -1.46
CA LYS D 84 2.84 -39.60 -2.17
C LYS D 84 2.90 -40.07 -3.63
N ILE D 85 4.11 -40.18 -4.17
CA ILE D 85 4.34 -40.66 -5.57
C ILE D 85 5.59 -41.55 -5.59
N SER D 86 5.70 -42.37 -6.63
CA SER D 86 6.96 -43.04 -7.04
C SER D 86 7.26 -42.64 -8.48
N PHE D 87 8.54 -42.45 -8.82
CA PHE D 87 9.00 -41.98 -10.15
C PHE D 87 8.76 -43.05 -11.22
N ASP D 88 8.42 -44.28 -10.81
CA ASP D 88 8.06 -45.40 -11.71
C ASP D 88 6.58 -45.36 -12.05
N ASP D 89 5.78 -44.55 -11.35
CA ASP D 89 4.31 -44.41 -11.58
C ASP D 89 4.08 -43.76 -12.95
N THR D 90 2.87 -43.93 -13.48
CA THR D 90 2.41 -43.29 -14.74
C THR D 90 1.33 -42.28 -14.37
N PRO D 91 1.08 -41.24 -15.21
CA PRO D 91 0.18 -40.15 -14.82
C PRO D 91 -1.28 -40.57 -14.58
N GLY D 92 -1.73 -41.65 -15.23
CA GLY D 92 -3.09 -42.19 -15.12
C GLY D 92 -3.44 -42.63 -13.72
N LYS D 93 -2.43 -42.96 -12.90
CA LYS D 93 -2.58 -43.39 -11.49
C LYS D 93 -3.18 -42.25 -10.66
N TYR D 94 -2.95 -40.99 -11.04
CA TYR D 94 -3.34 -39.78 -10.28
C TYR D 94 -4.39 -38.98 -11.06
N TRP D 95 -4.14 -38.72 -12.35
CA TRP D 95 -5.13 -38.11 -13.27
C TRP D 95 -5.93 -39.24 -13.94
N LYS D 96 -7.03 -39.65 -13.30
CA LYS D 96 -7.78 -40.90 -13.62
C LYS D 96 -8.24 -40.88 -15.08
N GLU D 97 -8.53 -39.70 -15.64
CA GLU D 97 -9.07 -39.54 -17.02
C GLU D 97 -7.99 -39.88 -18.05
N LEU D 98 -6.72 -40.05 -17.62
CA LEU D 98 -5.59 -40.47 -18.50
C LEU D 98 -5.30 -41.96 -18.33
N LYS D 99 -5.97 -42.65 -17.40
CA LYS D 99 -5.79 -44.11 -17.18
C LYS D 99 -6.11 -44.83 -18.50
N ASN D 100 -5.25 -45.78 -18.89
CA ASN D 100 -5.43 -46.66 -20.09
C ASN D 100 -5.34 -45.84 -21.37
N THR D 101 -4.69 -44.66 -21.35
CA THR D 101 -4.36 -43.87 -22.55
C THR D 101 -2.89 -44.13 -22.88
N PRO D 102 -2.45 -43.92 -24.15
CA PRO D 102 -1.04 -44.07 -24.51
C PRO D 102 -0.05 -43.30 -23.62
N ILE D 103 -0.41 -42.08 -23.18
CA ILE D 103 0.46 -41.23 -22.30
C ILE D 103 0.70 -41.95 -20.97
N ASP D 104 -0.21 -42.86 -20.58
CA ASP D 104 -0.13 -43.64 -19.31
C ASP D 104 0.95 -44.73 -19.41
N GLN D 105 1.70 -44.80 -20.52
CA GLN D 105 2.87 -45.71 -20.70
C GLN D 105 4.16 -44.97 -20.34
N VAL D 106 4.09 -43.66 -20.07
CA VAL D 106 5.27 -42.82 -19.72
C VAL D 106 5.31 -42.65 -18.20
N ASN D 107 6.46 -42.84 -17.56
CA ASN D 107 6.56 -42.73 -16.09
C ASN D 107 6.86 -41.27 -15.71
N LEU D 108 6.74 -40.95 -14.42
CA LEU D 108 6.82 -39.55 -13.90
C LEU D 108 8.25 -39.02 -14.08
N LEU D 109 9.27 -39.87 -13.91
CA LEU D 109 10.69 -39.46 -14.09
C LEU D 109 10.92 -39.05 -15.55
N GLN D 110 10.34 -39.80 -16.50
CA GLN D 110 10.49 -39.53 -17.95
C GLN D 110 9.79 -38.22 -18.31
N LEU D 111 8.62 -37.93 -17.73
CA LEU D 111 7.91 -36.65 -17.91
C LEU D 111 8.76 -35.51 -17.35
N ALA D 112 9.28 -35.67 -16.13
CA ALA D 112 10.09 -34.64 -15.42
C ALA D 112 11.38 -34.33 -16.20
N THR D 113 11.96 -35.33 -16.89
CA THR D 113 13.29 -35.21 -17.55
C THR D 113 13.15 -35.26 -19.07
N TYR D 114 11.94 -35.01 -19.60
CA TYR D 114 11.67 -34.64 -21.02
C TYR D 114 11.94 -35.80 -22.00
N THR D 115 11.69 -37.06 -21.61
CA THR D 115 12.01 -38.24 -22.47
C THR D 115 10.74 -39.04 -22.85
N SER D 116 9.58 -38.40 -22.92
CA SER D 116 8.31 -39.02 -23.39
C SER D 116 8.46 -39.53 -24.84
N GLY D 117 9.32 -38.86 -25.62
CA GLY D 117 9.63 -39.20 -27.02
C GLY D 117 8.71 -38.50 -28.01
N ASN D 118 7.74 -37.69 -27.56
CA ASN D 118 6.83 -36.94 -28.47
C ASN D 118 6.18 -35.75 -27.74
N LEU D 119 6.96 -34.89 -27.10
CA LEU D 119 6.45 -33.61 -26.52
C LEU D 119 7.44 -32.49 -26.84
N ALA D 120 6.94 -31.43 -27.48
CA ALA D 120 7.73 -30.27 -27.97
C ALA D 120 7.87 -29.24 -26.83
N LEU D 121 8.60 -28.15 -27.10
CA LEU D 121 8.87 -27.06 -26.13
C LEU D 121 7.55 -26.53 -25.59
N GLN D 122 6.59 -26.23 -26.47
CA GLN D 122 5.28 -25.62 -26.10
C GLN D 122 4.14 -26.54 -26.52
N PHE D 123 3.01 -26.45 -25.83
CA PHE D 123 1.68 -26.92 -26.30
C PHE D 123 1.38 -26.29 -27.65
N PRO D 124 0.55 -26.93 -28.51
CA PRO D 124 0.03 -26.25 -29.69
C PRO D 124 -0.75 -24.99 -29.27
N ASP D 125 -0.70 -23.93 -30.09
CA ASP D 125 -1.32 -22.61 -29.81
C ASP D 125 -2.78 -22.80 -29.39
N GLU D 126 -3.50 -23.73 -30.04
CA GLU D 126 -4.95 -23.99 -29.85
C GLU D 126 -5.25 -24.43 -28.40
N VAL D 127 -4.33 -25.15 -27.76
CA VAL D 127 -4.52 -25.70 -26.37
C VAL D 127 -4.41 -24.54 -25.37
N GLN D 128 -5.51 -24.22 -24.68
CA GLN D 128 -5.58 -23.08 -23.71
C GLN D 128 -6.29 -23.52 -22.43
N THR D 129 -7.51 -24.06 -22.53
CA THR D 129 -8.38 -24.41 -21.37
C THR D 129 -7.94 -25.75 -20.76
N ASP D 130 -8.42 -26.05 -19.55
CA ASP D 130 -8.11 -27.31 -18.82
C ASP D 130 -8.65 -28.51 -19.62
N GLN D 131 -9.83 -28.37 -20.22
CA GLN D 131 -10.48 -29.44 -21.04
C GLN D 131 -9.64 -29.70 -22.29
N GLN D 132 -9.08 -28.65 -22.90
CA GLN D 132 -8.23 -28.74 -24.11
C GLN D 132 -6.88 -29.40 -23.73
N VAL D 133 -6.37 -29.15 -22.53
CA VAL D 133 -5.12 -29.79 -22.00
C VAL D 133 -5.39 -31.28 -21.81
N LEU D 134 -6.51 -31.64 -21.17
CA LEU D 134 -6.88 -33.05 -20.91
C LEU D 134 -7.02 -33.78 -22.26
N THR D 135 -7.82 -33.21 -23.17
CA THR D 135 -8.06 -33.71 -24.55
C THR D 135 -6.71 -33.97 -25.23
N PHE D 136 -5.77 -33.03 -25.12
CA PHE D 136 -4.43 -33.10 -25.77
C PHE D 136 -3.69 -34.36 -25.31
N PHE D 137 -3.69 -34.65 -24.00
CA PHE D 137 -2.96 -35.80 -23.40
C PHE D 137 -3.71 -37.10 -23.69
N LYS D 138 -5.05 -37.08 -23.70
CA LYS D 138 -5.89 -38.24 -24.08
C LYS D 138 -5.58 -38.67 -25.53
N ASP D 139 -5.40 -37.70 -26.43
CA ASP D 139 -5.21 -37.90 -27.89
C ASP D 139 -3.72 -38.13 -28.21
N TRP D 140 -2.84 -37.97 -27.23
CA TRP D 140 -1.36 -38.12 -27.40
C TRP D 140 -1.05 -39.55 -27.80
N LYS D 141 -0.13 -39.73 -28.75
CA LYS D 141 0.39 -41.04 -29.19
C LYS D 141 1.93 -40.98 -29.18
N PRO D 142 2.61 -42.10 -28.86
CA PRO D 142 4.07 -42.11 -28.84
C PRO D 142 4.67 -41.90 -30.24
N LYS D 143 5.95 -41.56 -30.29
CA LYS D 143 6.72 -41.40 -31.56
C LYS D 143 8.07 -42.10 -31.40
N ASN D 144 9.04 -41.45 -30.76
CA ASN D 144 10.37 -42.04 -30.45
C ASN D 144 10.19 -43.05 -29.33
N PRO D 145 11.08 -44.06 -29.23
CA PRO D 145 11.07 -44.99 -28.10
C PRO D 145 11.07 -44.22 -26.76
N ILE D 146 10.14 -44.54 -25.88
CA ILE D 146 9.94 -43.85 -24.58
C ILE D 146 11.23 -43.99 -23.77
N GLY D 147 11.76 -42.87 -23.26
CA GLY D 147 12.91 -42.83 -22.35
C GLY D 147 14.23 -42.64 -23.06
N GLU D 148 14.25 -42.70 -24.39
CA GLU D 148 15.53 -42.76 -25.18
C GLU D 148 15.95 -41.36 -25.66
N TYR D 149 15.00 -40.44 -25.87
CA TYR D 149 15.27 -39.13 -26.52
C TYR D 149 14.85 -37.97 -25.60
N ARG D 150 15.77 -37.06 -25.34
CA ARG D 150 15.50 -35.81 -24.57
C ARG D 150 15.03 -34.71 -25.52
N GLN D 151 13.80 -34.23 -25.34
CA GLN D 151 13.31 -32.99 -26.00
C GLN D 151 12.76 -32.06 -24.92
N TYR D 152 13.50 -30.98 -24.64
CA TYR D 152 13.15 -29.96 -23.62
C TYR D 152 11.71 -29.51 -23.88
N SER D 153 10.84 -29.64 -22.87
CA SER D 153 9.37 -29.57 -23.06
C SER D 153 8.64 -29.02 -21.81
N ASN D 154 7.87 -27.96 -22.01
CA ASN D 154 6.97 -27.37 -20.97
C ASN D 154 5.80 -28.31 -20.69
N PRO D 155 5.10 -28.83 -21.71
CA PRO D 155 4.02 -29.79 -21.46
C PRO D 155 4.48 -31.03 -20.65
N SER D 156 5.71 -31.51 -20.91
CA SER D 156 6.27 -32.73 -20.26
C SER D 156 6.37 -32.50 -18.75
N ILE D 157 7.12 -31.48 -18.33
CA ILE D 157 7.33 -31.21 -16.87
C ILE D 157 6.06 -30.56 -16.29
N GLY D 158 5.25 -29.90 -17.13
CA GLY D 158 3.92 -29.41 -16.76
C GLY D 158 3.02 -30.53 -16.28
N LEU D 159 2.96 -31.63 -17.03
CA LEU D 159 2.14 -32.82 -16.66
C LEU D 159 2.70 -33.43 -15.37
N PHE D 160 4.03 -33.52 -15.25
CA PHE D 160 4.70 -34.01 -14.02
C PHE D 160 4.23 -33.16 -12.83
N GLY D 161 4.27 -31.83 -12.97
CA GLY D 161 3.83 -30.88 -11.94
C GLY D 161 2.38 -31.13 -11.54
N LYS D 162 1.47 -31.24 -12.51
CA LYS D 162 0.02 -31.44 -12.26
C LYS D 162 -0.17 -32.74 -11.47
N VAL D 163 0.55 -33.81 -11.84
CA VAL D 163 0.47 -35.14 -11.18
C VAL D 163 0.96 -35.01 -9.73
N VAL D 164 2.09 -34.34 -9.51
CA VAL D 164 2.64 -34.10 -8.14
C VAL D 164 1.56 -33.41 -7.30
N ALA D 165 0.89 -32.40 -7.87
CA ALA D 165 -0.18 -31.63 -7.19
C ALA D 165 -1.35 -32.55 -6.82
N LEU D 166 -1.81 -33.37 -7.77
CA LEU D 166 -2.91 -34.35 -7.53
C LEU D 166 -2.50 -35.30 -6.38
N SER D 167 -1.24 -35.73 -6.34
CA SER D 167 -0.70 -36.69 -5.33
C SER D 167 -0.75 -36.08 -3.93
N MET D 168 -0.69 -34.75 -3.82
CA MET D 168 -0.70 -34.02 -2.53
C MET D 168 -2.08 -33.41 -2.28
N ASN D 169 -3.05 -33.70 -3.14
CA ASN D 169 -4.49 -33.32 -3.00
C ASN D 169 -4.63 -31.79 -2.85
N LYS D 170 -3.77 -31.03 -3.53
CA LYS D 170 -3.82 -29.54 -3.54
C LYS D 170 -3.50 -29.06 -4.95
N PRO D 171 -4.07 -27.92 -5.40
CA PRO D 171 -3.66 -27.33 -6.68
C PRO D 171 -2.16 -27.01 -6.63
N PHE D 172 -1.49 -27.02 -7.78
CA PHE D 172 -0.02 -26.85 -7.89
C PHE D 172 0.42 -25.53 -7.23
N ASP D 173 -0.36 -24.46 -7.41
CA ASP D 173 -0.04 -23.12 -6.84
C ASP D 173 0.08 -23.24 -5.31
N GLN D 174 -0.81 -24.00 -4.68
CA GLN D 174 -0.84 -24.20 -3.20
C GLN D 174 0.31 -25.12 -2.77
N VAL D 175 0.66 -26.11 -3.57
CA VAL D 175 1.83 -27.01 -3.28
C VAL D 175 3.07 -26.14 -3.06
N LEU D 176 3.36 -25.21 -3.96
CA LEU D 176 4.53 -24.30 -3.82
C LEU D 176 4.26 -23.28 -2.70
N GLU D 177 3.13 -22.57 -2.74
CA GLU D 177 2.90 -21.38 -1.86
C GLU D 177 2.68 -21.82 -0.40
N LYS D 178 2.05 -22.97 -0.16
CA LYS D 178 1.69 -23.41 1.21
C LYS D 178 2.71 -24.41 1.78
N THR D 179 3.38 -25.22 0.94
CA THR D 179 4.26 -26.32 1.41
C THR D 179 5.73 -26.06 1.06
N ILE D 180 6.07 -25.93 -0.22
CA ILE D 180 7.49 -25.93 -0.70
C ILE D 180 8.19 -24.62 -0.35
N PHE D 181 7.59 -23.46 -0.68
CA PHE D 181 8.24 -22.14 -0.44
C PHE D 181 8.49 -21.94 1.05
N PRO D 182 7.49 -22.17 1.94
CA PRO D 182 7.71 -22.03 3.38
C PRO D 182 8.79 -22.97 3.94
N ALA D 183 8.83 -24.22 3.46
CA ALA D 183 9.84 -25.22 3.88
C ALA D 183 11.25 -24.76 3.49
N LEU D 184 11.38 -24.01 2.39
CA LEU D 184 12.67 -23.44 1.92
C LEU D 184 12.92 -22.07 2.57
N GLY D 185 11.97 -21.56 3.36
CA GLY D 185 12.07 -20.28 4.08
C GLY D 185 11.97 -19.09 3.13
N LEU D 186 11.23 -19.23 2.03
CA LEU D 186 11.01 -18.15 1.02
C LEU D 186 9.75 -17.35 1.41
N LYS D 187 9.87 -16.02 1.50
CA LYS D 187 8.83 -15.10 2.03
C LYS D 187 8.10 -14.39 0.87
N HIS D 188 8.76 -14.19 -0.27
CA HIS D 188 8.24 -13.36 -1.40
C HIS D 188 8.41 -14.11 -2.73
N SER D 189 8.03 -15.40 -2.74
CA SER D 189 8.01 -16.24 -3.95
C SER D 189 6.56 -16.67 -4.21
N TYR D 190 6.12 -16.56 -5.47
CA TYR D 190 4.69 -16.66 -5.85
C TYR D 190 4.55 -17.42 -7.18
N VAL D 191 3.47 -18.17 -7.29
CA VAL D 191 2.85 -18.58 -8.59
C VAL D 191 1.89 -17.47 -9.01
N ASN D 192 1.09 -16.98 -8.06
CA ASN D 192 0.14 -15.85 -8.24
C ASN D 192 0.55 -14.72 -7.30
N VAL D 193 1.04 -13.61 -7.87
CA VAL D 193 1.47 -12.43 -7.07
C VAL D 193 0.21 -11.79 -6.51
N PRO D 194 0.07 -11.67 -5.17
CA PRO D 194 -1.13 -11.11 -4.57
C PRO D 194 -1.20 -9.58 -4.74
N LYS D 195 -2.41 -9.02 -4.59
CA LYS D 195 -2.72 -7.57 -4.73
C LYS D 195 -1.70 -6.73 -3.96
N THR D 196 -1.33 -7.17 -2.76
CA THR D 196 -0.46 -6.43 -1.81
C THR D 196 1.00 -6.39 -2.30
N GLN D 197 1.37 -7.19 -3.32
CA GLN D 197 2.76 -7.28 -3.82
C GLN D 197 2.87 -6.78 -5.27
N MET D 198 1.75 -6.40 -5.91
CA MET D 198 1.75 -5.97 -7.34
C MET D 198 2.65 -4.74 -7.51
N GLN D 199 2.75 -3.88 -6.48
CA GLN D 199 3.64 -2.69 -6.46
C GLN D 199 5.11 -3.10 -6.58
N ASN D 200 5.47 -4.33 -6.20
CA ASN D 200 6.87 -4.84 -6.23
C ASN D 200 7.12 -5.71 -7.48
N TYR D 201 6.08 -6.05 -8.24
CA TYR D 201 6.18 -6.92 -9.44
C TYR D 201 6.73 -6.06 -10.59
N ALA D 202 7.97 -6.32 -10.99
CA ALA D 202 8.61 -5.67 -12.16
C ALA D 202 7.75 -5.91 -13.40
N PHE D 203 7.76 -4.95 -14.32
CA PHE D 203 7.40 -5.20 -15.74
C PHE D 203 8.60 -5.86 -16.41
N GLY D 204 8.31 -6.85 -17.26
CA GLY D 204 9.24 -7.31 -18.30
C GLY D 204 9.23 -6.34 -19.45
N TYR D 205 10.29 -6.34 -20.27
CA TYR D 205 10.42 -5.47 -21.46
C TYR D 205 10.80 -6.36 -22.64
N ASN D 206 10.08 -6.23 -23.75
CA ASN D 206 10.27 -6.98 -25.00
C ASN D 206 11.43 -6.33 -25.76
N GLN D 207 11.70 -6.78 -26.98
CA GLN D 207 12.91 -6.37 -27.73
C GLN D 207 12.75 -4.93 -28.24
N GLU D 208 11.54 -4.35 -28.17
CA GLU D 208 11.26 -2.93 -28.48
C GLU D 208 11.13 -2.10 -27.18
N ASN D 209 11.56 -2.67 -26.04
CA ASN D 209 11.54 -2.05 -24.68
C ASN D 209 10.12 -1.60 -24.32
N GLN D 210 9.12 -2.37 -24.69
CA GLN D 210 7.70 -2.17 -24.29
C GLN D 210 7.38 -3.12 -23.15
N PRO D 211 6.60 -2.67 -22.15
CA PRO D 211 6.30 -3.47 -20.97
C PRO D 211 5.40 -4.68 -21.32
N ILE D 212 5.74 -5.82 -20.73
CA ILE D 212 5.04 -7.12 -20.95
C ILE D 212 5.20 -7.94 -19.68
N ARG D 213 4.18 -8.74 -19.37
CA ARG D 213 4.23 -9.73 -18.27
C ARG D 213 3.77 -11.07 -18.85
N VAL D 214 4.08 -12.15 -18.14
CA VAL D 214 3.79 -13.53 -18.63
C VAL D 214 2.27 -13.67 -18.76
N ASN D 215 1.81 -14.29 -19.84
CA ASN D 215 0.37 -14.56 -20.10
C ASN D 215 0.01 -15.87 -19.39
N PRO D 216 -1.23 -15.99 -18.86
CA PRO D 216 -1.72 -17.29 -18.41
C PRO D 216 -1.66 -18.28 -19.58
N GLY D 217 -1.33 -19.55 -19.29
CA GLY D 217 -1.15 -20.60 -20.30
C GLY D 217 -1.44 -21.96 -19.71
N PRO D 218 -1.58 -23.00 -20.56
CA PRO D 218 -1.82 -24.36 -20.07
C PRO D 218 -0.62 -24.91 -19.29
N LEU D 219 -0.87 -25.35 -18.06
CA LEU D 219 0.14 -25.85 -17.09
C LEU D 219 1.35 -24.91 -17.03
N ASP D 220 1.07 -23.60 -16.99
CA ASP D 220 2.12 -22.54 -16.94
C ASP D 220 2.93 -22.64 -15.64
N ALA D 221 2.25 -22.78 -14.49
CA ALA D 221 2.86 -22.66 -13.14
C ALA D 221 4.06 -23.61 -13.04
N PRO D 222 3.90 -24.93 -13.26
CA PRO D 222 5.03 -25.85 -13.09
C PRO D 222 6.16 -25.68 -14.14
N ALA D 223 5.87 -25.11 -15.30
CA ALA D 223 6.82 -24.99 -16.43
C ALA D 223 7.59 -23.66 -16.40
N TYR D 224 6.92 -22.54 -16.13
CA TYR D 224 7.57 -21.20 -16.25
C TYR D 224 6.84 -20.12 -15.43
N GLY D 225 6.06 -20.48 -14.41
CA GLY D 225 5.06 -19.59 -13.80
C GLY D 225 5.45 -19.02 -12.44
N VAL D 226 6.69 -19.19 -11.98
CA VAL D 226 7.09 -18.74 -10.62
C VAL D 226 7.74 -17.34 -10.71
N LYS D 227 7.44 -16.49 -9.73
CA LYS D 227 8.05 -15.15 -9.58
C LYS D 227 8.69 -15.08 -8.20
N SER D 228 9.85 -14.44 -8.11
CA SER D 228 10.64 -14.36 -6.84
C SER D 228 11.49 -13.09 -6.81
N THR D 229 12.06 -12.81 -5.65
CA THR D 229 12.97 -11.67 -5.39
C THR D 229 14.39 -12.22 -5.34
N LEU D 230 15.39 -11.35 -5.40
CA LEU D 230 16.81 -11.77 -5.32
C LEU D 230 17.09 -12.41 -3.96
N PRO D 231 16.64 -11.84 -2.82
CA PRO D 231 16.91 -12.46 -1.51
C PRO D 231 16.34 -13.88 -1.39
N ASP D 232 15.14 -14.10 -1.94
CA ASP D 232 14.49 -15.44 -1.93
C ASP D 232 15.33 -16.41 -2.77
N MET D 233 15.77 -15.98 -3.95
CA MET D 233 16.53 -16.86 -4.87
C MET D 233 17.89 -17.18 -4.25
N LEU D 234 18.47 -16.27 -3.46
CA LEU D 234 19.74 -16.52 -2.73
C LEU D 234 19.50 -17.52 -1.60
N SER D 235 18.36 -17.42 -0.91
CA SER D 235 17.92 -18.39 0.12
C SER D 235 17.75 -19.77 -0.54
N PHE D 236 17.16 -19.82 -1.74
CA PHE D 236 16.97 -21.08 -2.50
C PHE D 236 18.33 -21.68 -2.83
N ILE D 237 19.29 -20.88 -3.29
CA ILE D 237 20.66 -21.36 -3.59
C ILE D 237 21.33 -21.83 -2.29
N HIS D 238 21.11 -21.13 -1.17
CA HIS D 238 21.65 -21.53 0.15
C HIS D 238 21.16 -22.95 0.50
N ALA D 239 19.87 -23.21 0.35
CA ALA D 239 19.23 -24.52 0.63
C ALA D 239 19.88 -25.60 -0.23
N ASN D 240 20.12 -25.31 -1.52
CA ASN D 240 20.77 -26.25 -2.47
C ASN D 240 22.24 -26.49 -2.07
N LEU D 241 22.93 -25.49 -1.52
CA LEU D 241 24.35 -25.62 -1.08
C LEU D 241 24.44 -26.32 0.29
N ASN D 242 23.40 -26.22 1.13
CA ASN D 242 23.42 -26.72 2.52
C ASN D 242 22.12 -27.46 2.86
N PRO D 243 21.74 -28.52 2.11
CA PRO D 243 20.49 -29.23 2.38
C PRO D 243 20.42 -29.84 3.80
N GLN D 244 21.57 -30.19 4.38
CA GLN D 244 21.69 -30.84 5.72
C GLN D 244 21.18 -29.92 6.83
N LYS D 245 21.13 -28.60 6.62
CA LYS D 245 20.73 -27.62 7.65
C LYS D 245 19.20 -27.44 7.67
N TYR D 246 18.46 -28.10 6.77
CA TYR D 246 16.99 -27.97 6.63
C TYR D 246 16.31 -29.21 7.19
N PRO D 247 15.00 -29.13 7.53
CA PRO D 247 14.25 -30.29 8.00
C PRO D 247 14.31 -31.44 6.98
N THR D 248 14.22 -32.67 7.50
CA THR D 248 14.37 -33.96 6.77
C THR D 248 13.61 -33.93 5.45
N ASP D 249 12.31 -33.56 5.45
CA ASP D 249 11.40 -33.67 4.29
C ASP D 249 11.96 -32.87 3.11
N ILE D 250 12.34 -31.61 3.34
CA ILE D 250 12.80 -30.69 2.25
C ILE D 250 14.27 -31.00 1.94
N GLN D 251 15.06 -31.44 2.92
CA GLN D 251 16.46 -31.92 2.71
C GLN D 251 16.48 -33.01 1.64
N ARG D 252 15.62 -34.02 1.77
CA ARG D 252 15.55 -35.18 0.84
C ARG D 252 15.03 -34.69 -0.52
N ALA D 253 14.05 -33.78 -0.52
CA ALA D 253 13.49 -33.15 -1.73
C ALA D 253 14.63 -32.50 -2.53
N ILE D 254 15.45 -31.67 -1.87
CA ILE D 254 16.58 -30.94 -2.52
C ILE D 254 17.60 -31.96 -3.05
N ASN D 255 17.99 -32.94 -2.23
CA ASN D 255 19.00 -33.97 -2.63
C ASN D 255 18.47 -34.75 -3.84
N GLU D 256 17.17 -35.04 -3.89
CA GLU D 256 16.52 -35.73 -5.03
C GLU D 256 16.78 -34.95 -6.33
N THR D 257 16.74 -33.61 -6.28
CA THR D 257 16.88 -32.76 -7.49
C THR D 257 18.33 -32.75 -7.97
N HIS D 258 19.30 -33.14 -7.14
CA HIS D 258 20.75 -33.11 -7.47
C HIS D 258 21.20 -34.41 -8.15
N GLN D 259 20.36 -35.45 -8.17
CA GLN D 259 20.74 -36.80 -8.70
C GLN D 259 20.62 -36.78 -10.23
N GLY D 260 21.76 -36.91 -10.92
CA GLY D 260 21.80 -37.13 -12.38
C GLY D 260 21.01 -38.36 -12.78
N ARG D 261 20.24 -38.28 -13.86
CA ARG D 261 19.33 -39.37 -14.30
C ARG D 261 19.83 -39.97 -15.61
N TYR D 262 20.50 -39.17 -16.44
CA TYR D 262 21.12 -39.59 -17.72
C TYR D 262 22.08 -38.51 -18.20
N GLN D 263 22.81 -38.83 -19.27
CA GLN D 263 23.82 -37.95 -19.92
C GLN D 263 23.34 -37.58 -21.31
N VAL D 264 23.60 -36.33 -21.71
CA VAL D 264 23.62 -35.88 -23.14
C VAL D 264 24.95 -35.16 -23.33
N ASN D 265 25.96 -35.88 -23.84
CA ASN D 265 27.36 -35.39 -24.00
C ASN D 265 27.89 -35.07 -22.60
N THR D 266 28.23 -33.80 -22.34
CA THR D 266 28.87 -33.33 -21.09
C THR D 266 27.80 -32.90 -20.07
N MET D 267 26.53 -32.82 -20.48
CA MET D 267 25.43 -32.35 -19.60
C MET D 267 24.75 -33.58 -18.98
N TYR D 268 24.67 -33.61 -17.65
CA TYR D 268 23.90 -34.59 -16.87
C TYR D 268 22.55 -33.96 -16.51
N GLN D 269 21.45 -34.59 -16.94
CA GLN D 269 20.08 -34.11 -16.61
C GLN D 269 19.74 -34.62 -15.21
N ALA D 270 19.67 -33.71 -14.24
CA ALA D 270 19.08 -33.98 -12.91
C ALA D 270 17.60 -33.61 -12.96
N LEU D 271 16.94 -33.57 -11.81
CA LEU D 271 15.52 -33.14 -11.73
C LEU D 271 15.50 -31.61 -11.78
N GLY D 272 15.10 -31.04 -12.93
CA GLY D 272 15.11 -29.58 -13.19
C GLY D 272 16.52 -29.07 -13.46
N TRP D 273 17.42 -29.23 -12.49
CA TRP D 273 18.84 -28.82 -12.59
C TRP D 273 19.53 -29.54 -13.76
N GLU D 274 20.40 -28.82 -14.46
CA GLU D 274 21.46 -29.38 -15.34
C GLU D 274 22.72 -29.52 -14.48
N GLU D 275 23.41 -30.66 -14.60
CA GLU D 275 24.56 -31.05 -13.75
C GLU D 275 25.78 -31.26 -14.65
N PHE D 276 26.96 -30.86 -14.16
CA PHE D 276 28.25 -30.93 -14.88
C PHE D 276 29.32 -31.41 -13.92
N SER D 277 30.31 -32.12 -14.46
CA SER D 277 31.58 -32.43 -13.76
C SER D 277 32.28 -31.10 -13.46
N TYR D 278 32.70 -30.90 -12.21
CA TYR D 278 33.41 -29.68 -11.74
C TYR D 278 34.87 -30.00 -11.50
N PRO D 279 35.83 -29.19 -12.00
CA PRO D 279 35.54 -27.94 -12.70
C PRO D 279 34.99 -28.16 -14.12
N ALA D 280 34.08 -27.28 -14.55
CA ALA D 280 33.53 -27.28 -15.93
C ALA D 280 34.14 -26.11 -16.70
N THR D 281 34.46 -26.33 -17.98
CA THR D 281 34.92 -25.26 -18.89
C THR D 281 33.71 -24.39 -19.26
N LEU D 282 33.96 -23.12 -19.59
CA LEU D 282 32.93 -22.17 -20.08
C LEU D 282 32.16 -22.83 -21.23
N GLN D 283 32.87 -23.45 -22.18
CA GLN D 283 32.25 -24.00 -23.42
C GLN D 283 31.29 -25.14 -23.04
N THR D 284 31.62 -25.97 -22.05
CA THR D 284 30.73 -27.04 -21.55
C THR D 284 29.40 -26.43 -21.09
N LEU D 285 29.47 -25.34 -20.34
CA LEU D 285 28.26 -24.65 -19.78
C LEU D 285 27.48 -24.01 -20.93
N LEU D 286 28.17 -23.39 -21.90
CA LEU D 286 27.52 -22.77 -23.09
C LEU D 286 26.83 -23.85 -23.94
N ASP D 287 27.49 -24.99 -24.15
CA ASP D 287 26.98 -26.12 -24.99
C ASP D 287 25.66 -26.64 -24.42
N SER D 288 25.48 -26.62 -23.10
CA SER D 288 24.27 -27.09 -22.39
C SER D 288 23.01 -26.37 -22.91
N ASN D 289 23.16 -25.15 -23.45
CA ASN D 289 22.00 -24.33 -23.90
C ASN D 289 22.18 -23.94 -25.38
N SER D 290 22.92 -24.74 -26.15
CA SER D 290 22.98 -24.68 -27.63
C SER D 290 21.59 -24.99 -28.20
N GLU D 291 21.28 -24.51 -29.40
CA GLU D 291 19.99 -24.76 -30.11
C GLU D 291 19.77 -26.29 -30.22
N GLN D 292 20.83 -27.05 -30.49
CA GLN D 292 20.77 -28.53 -30.67
C GLN D 292 20.18 -29.18 -29.41
N ILE D 293 20.65 -28.76 -28.23
CA ILE D 293 20.23 -29.34 -26.92
C ILE D 293 18.83 -28.83 -26.55
N VAL D 294 18.56 -27.53 -26.73
CA VAL D 294 17.33 -26.86 -26.22
C VAL D 294 16.14 -27.16 -27.15
N MET D 295 16.34 -27.14 -28.48
CA MET D 295 15.22 -27.07 -29.46
C MET D 295 15.01 -28.41 -30.18
N LYS D 296 16.00 -29.31 -30.20
CA LYS D 296 15.94 -30.57 -31.01
C LYS D 296 15.92 -31.78 -30.09
N PRO D 297 15.45 -32.95 -30.56
CA PRO D 297 15.53 -34.18 -29.79
C PRO D 297 16.98 -34.68 -29.78
N ASN D 298 17.43 -35.28 -28.68
CA ASN D 298 18.80 -35.82 -28.50
C ASN D 298 18.73 -37.17 -27.79
N LYS D 299 19.35 -38.19 -28.37
CA LYS D 299 19.40 -39.56 -27.76
C LYS D 299 20.18 -39.45 -26.45
N VAL D 300 19.62 -39.97 -25.35
CA VAL D 300 20.27 -39.95 -24.01
C VAL D 300 21.12 -41.22 -23.88
N THR D 301 22.17 -41.18 -23.05
CA THR D 301 22.94 -42.37 -22.62
C THR D 301 22.82 -42.50 -21.11
N ALA D 302 22.71 -43.72 -20.61
CA ALA D 302 22.73 -44.02 -19.17
C ALA D 302 24.06 -43.51 -18.61
N ILE D 303 24.04 -43.00 -17.37
CA ILE D 303 25.29 -42.60 -16.66
C ILE D 303 26.07 -43.89 -16.41
N SER D 304 27.30 -43.98 -16.87
CA SER D 304 28.21 -45.10 -16.50
C SER D 304 28.89 -44.78 -15.16
N LYS D 305 29.03 -43.50 -14.84
CA LYS D 305 29.82 -43.01 -13.67
C LYS D 305 29.38 -41.58 -13.36
N GLU D 306 28.69 -41.40 -12.23
CA GLU D 306 28.32 -40.08 -11.65
C GLU D 306 29.59 -39.38 -11.19
N PRO D 307 29.97 -38.23 -11.79
CA PRO D 307 31.20 -37.52 -11.43
C PRO D 307 31.23 -37.17 -9.94
N SER D 308 32.42 -37.22 -9.33
CA SER D 308 32.62 -37.16 -7.85
C SER D 308 32.29 -35.75 -7.34
N VAL D 309 32.75 -34.72 -8.07
CA VAL D 309 32.52 -33.29 -7.74
C VAL D 309 31.73 -32.66 -8.91
N LYS D 310 30.60 -32.01 -8.60
CA LYS D 310 29.63 -31.52 -9.61
C LYS D 310 29.34 -30.04 -9.38
N MET D 311 28.84 -29.36 -10.42
CA MET D 311 28.17 -28.05 -10.32
C MET D 311 26.85 -28.15 -11.08
N TYR D 312 25.94 -27.20 -10.82
CA TYR D 312 24.56 -27.22 -11.37
C TYR D 312 24.22 -25.81 -11.87
N HIS D 313 23.45 -25.72 -12.94
CA HIS D 313 22.88 -24.42 -13.37
C HIS D 313 21.53 -24.62 -14.04
N LYS D 314 20.83 -23.51 -14.29
CA LYS D 314 19.56 -23.47 -15.05
C LYS D 314 19.37 -22.05 -15.57
N THR D 315 19.05 -21.92 -16.85
CA THR D 315 18.60 -20.66 -17.48
C THR D 315 17.07 -20.61 -17.43
N GLY D 316 16.52 -19.41 -17.53
CA GLY D 316 15.06 -19.20 -17.59
C GLY D 316 14.76 -17.93 -18.36
N SER D 317 13.74 -17.97 -19.19
CA SER D 317 13.27 -16.80 -19.97
C SER D 317 11.75 -16.81 -20.05
N THR D 318 11.14 -15.63 -19.93
CA THR D 318 9.78 -15.31 -20.40
C THR D 318 9.94 -14.26 -21.49
N SER D 319 8.83 -13.75 -22.04
CA SER D 319 8.85 -12.73 -23.11
C SER D 319 9.68 -11.52 -22.65
N GLY D 320 9.63 -11.18 -21.35
CA GLY D 320 10.21 -9.93 -20.84
C GLY D 320 11.26 -10.11 -19.76
N PHE D 321 11.64 -11.35 -19.40
CA PHE D 321 12.57 -11.61 -18.27
C PHE D 321 13.61 -12.66 -18.64
N GLY D 322 14.83 -12.45 -18.14
CA GLY D 322 15.94 -13.43 -18.17
C GLY D 322 16.37 -13.81 -16.77
N THR D 323 16.66 -15.11 -16.56
CA THR D 323 17.13 -15.66 -15.27
C THR D 323 18.31 -16.60 -15.52
N TYR D 324 19.25 -16.62 -14.59
CA TYR D 324 20.33 -17.63 -14.53
C TYR D 324 20.68 -17.89 -13.06
N VAL D 325 20.69 -19.17 -12.68
CA VAL D 325 21.13 -19.63 -11.33
C VAL D 325 22.19 -20.70 -11.52
N VAL D 326 23.23 -20.67 -10.70
CA VAL D 326 24.38 -21.61 -10.76
C VAL D 326 24.89 -21.79 -9.33
N PHE D 327 25.25 -23.01 -8.94
CA PHE D 327 25.91 -23.25 -7.64
C PHE D 327 26.94 -24.38 -7.78
N ILE D 328 27.94 -24.32 -6.91
CA ILE D 328 29.14 -25.21 -6.90
C ILE D 328 29.35 -25.66 -5.47
N PRO D 329 28.81 -26.83 -5.06
CA PRO D 329 28.89 -27.28 -3.67
C PRO D 329 30.30 -27.25 -3.09
N LYS D 330 31.29 -27.73 -3.87
CA LYS D 330 32.72 -27.84 -3.47
C LYS D 330 33.26 -26.50 -2.98
N GLU D 331 32.90 -25.41 -3.66
CA GLU D 331 33.41 -24.04 -3.38
C GLU D 331 32.43 -23.28 -2.47
N ASN D 332 31.29 -23.92 -2.13
CA ASN D 332 30.24 -23.35 -1.25
C ASN D 332 29.81 -21.99 -1.79
N ILE D 333 29.60 -21.89 -3.11
CA ILE D 333 29.29 -20.59 -3.77
C ILE D 333 28.17 -20.78 -4.80
N GLY D 334 27.40 -19.72 -5.03
CA GLY D 334 26.37 -19.69 -6.08
C GLY D 334 26.05 -18.27 -6.51
N LEU D 335 25.39 -18.13 -7.65
CA LEU D 335 25.05 -16.80 -8.22
C LEU D 335 23.64 -16.87 -8.80
N VAL D 336 22.90 -15.77 -8.63
CA VAL D 336 21.56 -15.54 -9.24
C VAL D 336 21.64 -14.25 -10.06
N MET D 337 21.20 -14.31 -11.32
CA MET D 337 20.98 -13.11 -12.17
C MET D 337 19.51 -13.03 -12.56
N LEU D 338 18.87 -11.88 -12.30
CA LEU D 338 17.47 -11.58 -12.71
C LEU D 338 17.50 -10.28 -13.54
N THR D 339 16.94 -10.32 -14.75
CA THR D 339 16.77 -9.13 -15.63
C THR D 339 15.30 -9.02 -16.04
N ASN D 340 14.83 -7.80 -16.26
CA ASN D 340 13.46 -7.56 -16.79
C ASN D 340 13.60 -7.20 -18.27
N LYS D 341 14.60 -7.77 -18.93
CA LYS D 341 14.67 -7.94 -20.41
C LYS D 341 15.54 -9.16 -20.70
N ARG D 342 15.12 -9.99 -21.65
CA ARG D 342 15.91 -11.16 -22.11
C ARG D 342 17.24 -10.66 -22.67
N ILE D 343 18.34 -11.28 -22.25
CA ILE D 343 19.68 -11.13 -22.89
C ILE D 343 20.13 -12.53 -23.28
N PRO D 344 21.03 -12.69 -24.27
CA PRO D 344 21.42 -14.03 -24.72
C PRO D 344 21.93 -14.87 -23.53
N ASN D 345 21.52 -16.14 -23.47
CA ASN D 345 21.96 -17.12 -22.45
C ASN D 345 23.49 -17.10 -22.32
N GLU D 346 24.20 -17.05 -23.44
CA GLU D 346 25.68 -17.09 -23.47
C GLU D 346 26.24 -15.96 -22.60
N GLU D 347 25.63 -14.78 -22.61
CA GLU D 347 26.11 -13.58 -21.86
C GLU D 347 25.90 -13.78 -20.36
N ARG D 348 24.80 -14.43 -19.97
CA ARG D 348 24.47 -14.74 -18.56
C ARG D 348 25.49 -15.74 -18.01
N ILE D 349 25.75 -16.81 -18.77
CA ILE D 349 26.65 -17.93 -18.36
C ILE D 349 28.09 -17.39 -18.27
N LYS D 350 28.53 -16.63 -19.28
CA LYS D 350 29.89 -16.06 -19.35
C LYS D 350 30.12 -15.10 -18.18
N ALA D 351 29.21 -14.16 -17.93
CA ALA D 351 29.35 -13.15 -16.85
C ALA D 351 29.50 -13.87 -15.50
N ALA D 352 28.63 -14.86 -15.23
CA ALA D 352 28.63 -15.65 -13.98
C ALA D 352 29.96 -16.44 -13.87
N TYR D 353 30.41 -17.03 -14.97
CA TYR D 353 31.65 -17.84 -15.05
C TYR D 353 32.85 -16.99 -14.63
N VAL D 354 33.01 -15.80 -15.23
CA VAL D 354 34.13 -14.86 -14.93
C VAL D 354 34.07 -14.50 -13.45
N VAL D 355 32.90 -14.10 -12.93
CA VAL D 355 32.75 -13.63 -11.52
C VAL D 355 33.08 -14.77 -10.55
N LEU D 356 32.49 -15.95 -10.73
CA LEU D 356 32.69 -17.09 -9.78
C LEU D 356 34.15 -17.58 -9.85
N ASN D 357 34.82 -17.47 -11.00
CA ASN D 357 36.23 -17.91 -11.17
C ASN D 357 37.19 -16.83 -10.65
N ALA D 358 36.79 -15.56 -10.62
CA ALA D 358 37.63 -14.42 -10.20
C ALA D 358 37.63 -14.27 -8.67
N ILE D 359 36.54 -14.71 -8.02
CA ILE D 359 36.26 -14.46 -6.58
C ILE D 359 37.25 -15.24 -5.71
N LYS D 360 37.47 -14.77 -4.47
CA LYS D 360 38.56 -15.16 -3.52
C LYS D 360 39.80 -14.32 -3.85
#